data_2DIU
#
_entry.id   2DIU
#
_entity_poly.entity_id   1
_entity_poly.type   'polypeptide(L)'
_entity_poly.pdbx_seq_one_letter_code
;GSSGSSGCHTLLYVYNLPANKDGKSVSNRLRRLSDNCGGKVLSITGCSAILRFINQDSAERAQKRMENEDVFGNRIIVSF
TPKNRELCETSGPSSG
;
_entity_poly.pdbx_strand_id   A
#
# COMPACT_ATOMS: atom_id res chain seq x y z
N GLY A 1 26.04 8.25 -4.64
CA GLY A 1 24.77 8.50 -5.29
C GLY A 1 23.71 8.99 -4.31
N SER A 2 22.69 9.65 -4.84
CA SER A 2 21.61 10.19 -4.02
C SER A 2 20.26 9.62 -4.46
N SER A 3 19.94 9.83 -5.73
CA SER A 3 18.67 9.35 -6.28
C SER A 3 18.46 7.89 -5.95
N GLY A 4 17.60 7.63 -4.96
CA GLY A 4 17.31 6.26 -4.56
C GLY A 4 17.68 5.99 -3.12
N SER A 5 16.80 5.32 -2.40
CA SER A 5 17.03 5.01 -0.99
C SER A 5 17.07 3.50 -0.77
N SER A 6 17.55 3.09 0.40
CA SER A 6 17.64 1.67 0.73
C SER A 6 17.39 1.44 2.22
N GLY A 7 16.26 0.82 2.53
CA GLY A 7 15.91 0.55 3.91
C GLY A 7 15.24 -0.81 4.09
N CYS A 8 15.68 -1.55 5.11
CA CYS A 8 15.12 -2.86 5.38
C CYS A 8 13.60 -2.81 5.42
N HIS A 9 13.07 -1.78 6.07
CA HIS A 9 11.62 -1.61 6.19
C HIS A 9 10.94 -1.87 4.85
N THR A 10 9.61 -1.96 4.88
CA THR A 10 8.84 -2.20 3.67
C THR A 10 7.58 -1.34 3.65
N LEU A 11 7.59 -0.32 2.79
CA LEU A 11 6.44 0.58 2.68
C LEU A 11 5.48 0.09 1.60
N LEU A 12 4.18 0.33 1.83
CA LEU A 12 3.15 -0.09 0.89
C LEU A 12 2.48 1.12 0.24
N TYR A 13 1.92 0.91 -0.95
CA TYR A 13 1.25 1.98 -1.68
C TYR A 13 -0.20 1.60 -1.98
N VAL A 14 -1.13 2.34 -1.38
CA VAL A 14 -2.55 2.08 -1.59
C VAL A 14 -3.14 3.05 -2.61
N TYR A 15 -4.11 2.57 -3.38
CA TYR A 15 -4.76 3.39 -4.40
C TYR A 15 -6.26 3.13 -4.44
N ASN A 16 -6.96 3.88 -5.28
CA ASN A 16 -8.41 3.74 -5.42
C ASN A 16 -9.10 3.91 -4.07
N LEU A 17 -8.79 5.01 -3.39
CA LEU A 17 -9.37 5.30 -2.09
C LEU A 17 -10.58 6.22 -2.24
N PRO A 18 -11.55 6.08 -1.32
CA PRO A 18 -12.77 6.89 -1.31
C PRO A 18 -12.51 8.35 -0.96
N ALA A 19 -12.12 9.13 -1.95
CA ALA A 19 -11.83 10.55 -1.75
C ALA A 19 -12.99 11.25 -1.05
N ASN A 20 -14.21 10.97 -1.52
CA ASN A 20 -15.41 11.57 -0.94
C ASN A 20 -15.42 11.41 0.58
N LYS A 21 -15.10 10.21 1.03
CA LYS A 21 -15.08 9.93 2.47
C LYS A 21 -13.94 10.69 3.15
N ASP A 22 -14.30 11.69 3.93
CA ASP A 22 -13.33 12.50 4.65
C ASP A 22 -12.14 11.65 5.10
N GLY A 23 -10.93 12.08 4.74
CA GLY A 23 -9.74 11.34 5.12
C GLY A 23 -9.74 10.94 6.57
N LYS A 24 -10.03 11.90 7.45
CA LYS A 24 -10.07 11.64 8.89
C LYS A 24 -10.78 10.33 9.19
N SER A 25 -11.70 9.94 8.31
CA SER A 25 -12.45 8.71 8.48
C SER A 25 -11.76 7.54 7.78
N VAL A 26 -11.23 7.79 6.58
CA VAL A 26 -10.54 6.77 5.81
C VAL A 26 -9.38 6.18 6.61
N SER A 27 -8.42 7.05 6.95
CA SER A 27 -7.25 6.62 7.71
C SER A 27 -7.62 5.55 8.73
N ASN A 28 -8.31 5.97 9.77
CA ASN A 28 -8.74 5.05 10.83
C ASN A 28 -9.04 3.66 10.26
N ARG A 29 -10.02 3.61 9.36
CA ARG A 29 -10.41 2.35 8.72
C ARG A 29 -9.17 1.54 8.33
N LEU A 30 -8.19 2.21 7.75
CA LEU A 30 -6.96 1.55 7.32
C LEU A 30 -6.08 1.20 8.52
N ARG A 31 -5.85 2.17 9.38
CA ARG A 31 -5.03 1.96 10.57
C ARG A 31 -5.29 0.59 11.17
N ARG A 32 -6.55 0.25 11.34
CA ARG A 32 -6.93 -1.05 11.90
C ARG A 32 -6.43 -2.19 11.02
N LEU A 33 -6.65 -2.05 9.72
CA LEU A 33 -6.23 -3.07 8.77
C LEU A 33 -4.70 -3.20 8.74
N SER A 34 -4.02 -2.13 9.15
CA SER A 34 -2.56 -2.11 9.16
C SER A 34 -2.03 -2.54 10.53
N ASP A 35 -2.81 -2.27 11.57
CA ASP A 35 -2.42 -2.63 12.93
C ASP A 35 -2.29 -4.15 13.07
N ASN A 36 -3.16 -4.87 12.38
CA ASN A 36 -3.14 -6.34 12.44
C ASN A 36 -2.05 -6.90 11.53
N CYS A 37 -1.74 -6.17 10.46
CA CYS A 37 -0.72 -6.60 9.51
C CYS A 37 0.64 -6.02 9.88
N GLY A 38 0.85 -5.78 11.18
CA GLY A 38 2.11 -5.23 11.65
C GLY A 38 2.59 -4.09 10.78
N GLY A 39 1.72 -3.11 10.54
CA GLY A 39 2.09 -1.97 9.73
C GLY A 39 1.66 -0.65 10.34
N LYS A 40 1.95 0.45 9.65
CA LYS A 40 1.59 1.77 10.14
C LYS A 40 1.34 2.73 8.97
N VAL A 41 0.20 3.41 9.01
CA VAL A 41 -0.16 4.36 7.96
C VAL A 41 0.57 5.68 8.13
N LEU A 42 1.73 5.80 7.51
CA LEU A 42 2.54 7.01 7.59
C LEU A 42 1.70 8.24 7.24
N SER A 43 1.08 8.21 6.07
CA SER A 43 0.26 9.32 5.60
C SER A 43 -0.71 8.86 4.51
N ILE A 44 -1.68 9.71 4.20
CA ILE A 44 -2.67 9.39 3.17
C ILE A 44 -2.90 10.58 2.24
N THR A 45 -2.35 10.48 1.03
CA THR A 45 -2.49 11.54 0.04
C THR A 45 -3.54 11.18 -1.00
N GLY A 46 -4.32 12.17 -1.42
CA GLY A 46 -5.35 11.95 -2.41
C GLY A 46 -6.06 10.62 -2.22
N CYS A 47 -6.26 9.91 -3.32
CA CYS A 47 -6.93 8.61 -3.27
C CYS A 47 -5.93 7.49 -3.00
N SER A 48 -4.72 7.86 -2.60
CA SER A 48 -3.67 6.89 -2.31
C SER A 48 -3.23 6.99 -0.86
N ALA A 49 -2.40 6.03 -0.44
CA ALA A 49 -1.89 6.02 0.93
C ALA A 49 -0.55 5.29 1.01
N ILE A 50 0.24 5.62 2.03
CA ILE A 50 1.54 5.00 2.22
C ILE A 50 1.69 4.46 3.63
N LEU A 51 2.02 3.17 3.73
CA LEU A 51 2.20 2.52 5.02
C LEU A 51 3.66 2.13 5.24
N ARG A 52 3.99 1.76 6.47
CA ARG A 52 5.35 1.36 6.81
C ARG A 52 5.35 0.03 7.57
N PHE A 53 5.94 -0.99 6.97
CA PHE A 53 6.00 -2.31 7.58
C PHE A 53 7.44 -2.66 7.94
N ILE A 54 7.60 -3.57 8.89
CA ILE A 54 8.93 -4.00 9.33
C ILE A 54 9.64 -4.79 8.23
N ASN A 55 8.94 -5.78 7.67
CA ASN A 55 9.50 -6.61 6.61
C ASN A 55 8.45 -6.88 5.52
N GLN A 56 8.90 -7.44 4.41
CA GLN A 56 8.01 -7.76 3.30
C GLN A 56 6.80 -8.54 3.78
N ASP A 57 7.05 -9.69 4.40
CA ASP A 57 5.98 -10.54 4.90
C ASP A 57 4.84 -9.69 5.47
N SER A 58 5.14 -8.94 6.53
CA SER A 58 4.15 -8.10 7.17
C SER A 58 3.44 -7.22 6.14
N ALA A 59 4.21 -6.66 5.21
CA ALA A 59 3.66 -5.81 4.17
C ALA A 59 2.75 -6.59 3.24
N GLU A 60 3.03 -7.87 3.09
CA GLU A 60 2.23 -8.73 2.22
C GLU A 60 0.83 -8.94 2.80
N ARG A 61 0.76 -9.58 3.96
CA ARG A 61 -0.51 -9.83 4.61
C ARG A 61 -1.46 -8.66 4.44
N ALA A 62 -0.90 -7.45 4.38
CA ALA A 62 -1.71 -6.25 4.21
C ALA A 62 -1.99 -5.98 2.74
N GLN A 63 -0.99 -6.23 1.89
CA GLN A 63 -1.14 -6.01 0.46
C GLN A 63 -2.13 -7.00 -0.14
N LYS A 64 -2.25 -8.17 0.46
CA LYS A 64 -3.16 -9.20 -0.01
C LYS A 64 -4.54 -9.04 0.63
N ARG A 65 -4.57 -8.39 1.79
CA ARG A 65 -5.82 -8.18 2.51
C ARG A 65 -6.51 -6.90 2.02
N MET A 66 -5.85 -5.77 2.22
CA MET A 66 -6.40 -4.48 1.80
C MET A 66 -6.84 -4.53 0.33
N GLU A 67 -5.96 -5.03 -0.52
CA GLU A 67 -6.25 -5.12 -1.95
C GLU A 67 -7.68 -5.61 -2.17
N ASN A 68 -8.12 -6.54 -1.33
CA ASN A 68 -9.47 -7.09 -1.43
C ASN A 68 -10.44 -6.33 -0.54
N GLU A 69 -9.93 -5.79 0.55
CA GLU A 69 -10.75 -5.03 1.49
C GLU A 69 -11.39 -3.82 0.81
N ASP A 70 -12.41 -3.26 1.45
CA ASP A 70 -13.10 -2.10 0.91
C ASP A 70 -13.33 -1.05 1.99
N VAL A 71 -12.44 -0.07 2.06
CA VAL A 71 -12.55 0.99 3.06
C VAL A 71 -14.00 1.44 3.23
N PHE A 72 -14.65 1.74 2.10
CA PHE A 72 -16.04 2.19 2.13
C PHE A 72 -16.65 2.13 0.72
N GLY A 73 -17.62 1.23 0.55
CA GLY A 73 -18.27 1.09 -0.75
C GLY A 73 -17.32 1.31 -1.90
N ASN A 74 -16.09 0.82 -1.75
CA ASN A 74 -15.08 0.97 -2.80
C ASN A 74 -13.88 0.06 -2.54
N ARG A 75 -13.44 -0.63 -3.58
CA ARG A 75 -12.31 -1.54 -3.47
C ARG A 75 -10.98 -0.78 -3.59
N ILE A 76 -10.07 -1.06 -2.67
CA ILE A 76 -8.76 -0.41 -2.68
C ILE A 76 -7.70 -1.30 -3.30
N ILE A 77 -6.67 -0.69 -3.85
CA ILE A 77 -5.58 -1.43 -4.47
C ILE A 77 -4.25 -1.19 -3.75
N VAL A 78 -3.59 -2.27 -3.37
CA VAL A 78 -2.31 -2.17 -2.67
C VAL A 78 -1.17 -2.68 -3.54
N SER A 79 -0.11 -1.89 -3.66
CA SER A 79 1.04 -2.27 -4.47
C SER A 79 2.34 -1.87 -3.78
N PHE A 80 3.41 -2.62 -4.06
CA PHE A 80 4.71 -2.34 -3.47
C PHE A 80 5.45 -1.26 -4.25
N THR A 81 5.10 -1.11 -5.53
CA THR A 81 5.73 -0.12 -6.38
C THR A 81 4.77 1.03 -6.70
N PRO A 82 5.33 2.20 -7.03
CA PRO A 82 4.55 3.39 -7.36
C PRO A 82 3.81 3.25 -8.69
N LYS A 83 2.60 3.76 -8.74
CA LYS A 83 1.79 3.70 -9.96
C LYS A 83 1.77 5.05 -10.66
N ASN A 84 2.92 5.68 -10.75
CA ASN A 84 3.04 6.99 -11.40
C ASN A 84 3.00 6.83 -12.92
N ARG A 85 3.78 5.89 -13.44
CA ARG A 85 3.84 5.65 -14.88
C ARG A 85 3.85 4.15 -15.18
N GLU A 86 3.50 3.79 -16.40
CA GLU A 86 3.48 2.40 -16.81
C GLU A 86 4.39 2.17 -18.02
N LEU A 87 5.12 1.05 -18.00
CA LEU A 87 6.03 0.72 -19.09
C LEU A 87 6.17 -0.79 -19.23
N CYS A 88 6.34 -1.25 -20.47
CA CYS A 88 6.48 -2.67 -20.75
C CYS A 88 7.95 -3.04 -20.95
N GLU A 89 8.79 -2.62 -20.01
CA GLU A 89 10.23 -2.91 -20.09
C GLU A 89 10.56 -4.21 -19.38
N THR A 90 10.99 -5.21 -20.15
CA THR A 90 11.34 -6.51 -19.60
C THR A 90 12.76 -6.51 -19.04
N SER A 91 12.87 -6.25 -17.74
CA SER A 91 14.17 -6.21 -17.08
C SER A 91 14.02 -6.30 -15.56
N GLY A 92 15.13 -6.47 -14.87
CA GLY A 92 15.10 -6.58 -13.42
C GLY A 92 14.55 -7.90 -12.95
N PRO A 93 15.42 -8.92 -12.90
CA PRO A 93 15.03 -10.27 -12.46
C PRO A 93 14.73 -10.32 -10.96
N SER A 94 13.94 -11.32 -10.56
CA SER A 94 13.57 -11.48 -9.16
C SER A 94 14.49 -12.48 -8.47
N SER A 95 15.33 -11.97 -7.56
CA SER A 95 16.26 -12.81 -6.82
C SER A 95 16.16 -12.56 -5.33
N GLY A 96 16.42 -13.61 -4.54
CA GLY A 96 16.35 -13.49 -3.11
C GLY A 96 15.24 -12.55 -2.65
N GLY A 1 20.61 3.32 9.62
CA GLY A 1 21.66 3.91 8.81
C GLY A 1 21.11 4.69 7.63
N SER A 2 21.35 5.99 7.61
CA SER A 2 20.87 6.85 6.53
C SER A 2 21.51 6.45 5.21
N SER A 3 22.84 6.34 5.20
CA SER A 3 23.57 5.97 3.99
C SER A 3 24.14 4.56 4.11
N GLY A 4 23.51 3.61 3.43
CA GLY A 4 23.97 2.23 3.46
C GLY A 4 22.82 1.25 3.44
N SER A 5 21.95 1.33 4.43
CA SER A 5 20.80 0.43 4.52
C SER A 5 20.05 0.38 3.21
N SER A 6 19.87 -0.83 2.68
CA SER A 6 19.15 -1.01 1.42
C SER A 6 17.65 -1.10 1.65
N GLY A 7 17.12 -0.18 2.45
CA GLY A 7 15.70 -0.17 2.75
C GLY A 7 15.22 -1.49 3.32
N CYS A 8 15.61 -1.76 4.56
CA CYS A 8 15.22 -3.01 5.23
C CYS A 8 13.71 -3.09 5.37
N HIS A 9 13.10 -2.01 5.85
CA HIS A 9 11.66 -1.96 6.05
C HIS A 9 10.93 -2.13 4.72
N THR A 10 9.60 -2.22 4.78
CA THR A 10 8.79 -2.39 3.58
C THR A 10 7.56 -1.49 3.62
N LEU A 11 7.52 -0.50 2.74
CA LEU A 11 6.40 0.42 2.67
C LEU A 11 5.37 -0.03 1.64
N LEU A 12 4.10 0.21 1.92
CA LEU A 12 3.02 -0.17 1.02
C LEU A 12 2.37 1.06 0.38
N TYR A 13 1.87 0.90 -0.83
CA TYR A 13 1.23 2.00 -1.55
C TYR A 13 -0.20 1.64 -1.95
N VAL A 14 -1.17 2.20 -1.23
CA VAL A 14 -2.57 1.94 -1.51
C VAL A 14 -3.14 2.94 -2.51
N TYR A 15 -4.10 2.49 -3.31
CA TYR A 15 -4.72 3.35 -4.31
C TYR A 15 -6.22 3.12 -4.37
N ASN A 16 -6.92 3.97 -5.12
CA ASN A 16 -8.36 3.86 -5.26
C ASN A 16 -9.06 4.01 -3.91
N LEU A 17 -8.77 5.12 -3.23
CA LEU A 17 -9.36 5.39 -1.92
C LEU A 17 -10.59 6.29 -2.06
N PRO A 18 -11.49 6.22 -1.07
CA PRO A 18 -12.71 7.03 -1.05
C PRO A 18 -12.43 8.51 -0.81
N ALA A 19 -12.12 9.23 -1.89
CA ALA A 19 -11.84 10.65 -1.79
C ALA A 19 -13.00 11.41 -1.17
N ASN A 20 -14.21 10.95 -1.44
CA ASN A 20 -15.42 11.58 -0.91
C ASN A 20 -15.47 11.46 0.61
N LYS A 21 -15.19 10.26 1.11
CA LYS A 21 -15.20 10.01 2.54
C LYS A 21 -14.09 10.80 3.25
N ASP A 22 -14.49 11.71 4.12
CA ASP A 22 -13.54 12.53 4.86
C ASP A 22 -12.27 11.73 5.18
N GLY A 23 -11.12 12.26 4.75
CA GLY A 23 -9.86 11.58 5.00
C GLY A 23 -9.75 11.05 6.42
N LYS A 24 -9.91 11.94 7.40
CA LYS A 24 -9.83 11.55 8.80
C LYS A 24 -10.45 10.17 9.03
N SER A 25 -11.66 9.99 8.51
CA SER A 25 -12.36 8.71 8.65
C SER A 25 -11.60 7.60 7.94
N VAL A 26 -11.24 7.83 6.68
CA VAL A 26 -10.51 6.84 5.90
C VAL A 26 -9.35 6.26 6.69
N SER A 27 -8.36 7.09 6.99
CA SER A 27 -7.20 6.66 7.75
C SER A 27 -7.59 5.61 8.78
N ASN A 28 -8.31 6.04 9.81
CA ASN A 28 -8.74 5.15 10.88
C ASN A 28 -9.04 3.76 10.33
N ARG A 29 -10.06 3.67 9.48
CA ARG A 29 -10.45 2.39 8.88
C ARG A 29 -9.22 1.59 8.48
N LEU A 30 -8.23 2.26 7.90
CA LEU A 30 -7.00 1.61 7.48
C LEU A 30 -6.13 1.24 8.67
N ARG A 31 -5.90 2.22 9.54
CA ARG A 31 -5.08 1.99 10.73
C ARG A 31 -5.29 0.59 11.29
N ARG A 32 -6.55 0.22 11.47
CA ARG A 32 -6.90 -1.10 11.99
C ARG A 32 -6.41 -2.20 11.05
N LEU A 33 -6.56 -1.98 9.76
CA LEU A 33 -6.14 -2.95 8.75
C LEU A 33 -4.63 -3.10 8.74
N SER A 34 -3.94 -2.05 9.15
CA SER A 34 -2.48 -2.05 9.19
C SER A 34 -1.96 -2.50 10.56
N ASP A 35 -2.76 -2.25 11.59
CA ASP A 35 -2.39 -2.63 12.95
C ASP A 35 -2.33 -4.14 13.09
N ASN A 36 -3.14 -4.84 12.29
CA ASN A 36 -3.17 -6.30 12.33
C ASN A 36 -2.09 -6.90 11.42
N CYS A 37 -1.83 -6.21 10.31
CA CYS A 37 -0.83 -6.67 9.36
C CYS A 37 0.57 -6.26 9.79
N GLY A 38 0.66 -5.60 10.94
CA GLY A 38 1.95 -5.16 11.46
C GLY A 38 2.51 -4.00 10.68
N GLY A 39 1.75 -2.90 10.60
CA GLY A 39 2.19 -1.73 9.87
C GLY A 39 1.68 -0.45 10.48
N LYS A 40 1.96 0.68 9.81
CA LYS A 40 1.53 1.99 10.30
C LYS A 40 1.32 2.95 9.13
N VAL A 41 0.07 3.36 8.93
CA VAL A 41 -0.28 4.28 7.85
C VAL A 41 0.53 5.57 7.97
N LEU A 42 1.67 5.62 7.29
CA LEU A 42 2.53 6.79 7.30
C LEU A 42 1.74 8.05 6.99
N SER A 43 1.08 8.06 5.84
CA SER A 43 0.28 9.21 5.41
C SER A 43 -0.75 8.79 4.38
N ILE A 44 -1.67 9.71 4.06
CA ILE A 44 -2.72 9.44 3.09
C ILE A 44 -2.89 10.62 2.14
N THR A 45 -2.42 10.46 0.91
CA THR A 45 -2.52 11.50 -0.09
C THR A 45 -3.54 11.15 -1.16
N GLY A 46 -4.41 12.10 -1.50
CA GLY A 46 -5.43 11.86 -2.50
C GLY A 46 -6.09 10.51 -2.34
N CYS A 47 -6.26 9.80 -3.45
CA CYS A 47 -6.87 8.49 -3.44
C CYS A 47 -5.83 7.40 -3.20
N SER A 48 -4.71 7.78 -2.58
CA SER A 48 -3.64 6.84 -2.30
C SER A 48 -3.13 7.01 -0.87
N ALA A 49 -2.47 5.99 -0.35
CA ALA A 49 -1.92 6.03 1.00
C ALA A 49 -0.57 5.34 1.07
N ILE A 50 0.12 5.51 2.19
CA ILE A 50 1.43 4.90 2.38
C ILE A 50 1.58 4.34 3.79
N LEU A 51 1.94 3.07 3.88
CA LEU A 51 2.11 2.41 5.17
C LEU A 51 3.56 1.97 5.36
N ARG A 52 3.96 1.79 6.62
CA ARG A 52 5.32 1.37 6.94
C ARG A 52 5.32 0.03 7.69
N PHE A 53 5.83 -1.00 7.03
CA PHE A 53 5.88 -2.33 7.63
C PHE A 53 7.31 -2.71 7.99
N ILE A 54 7.46 -3.52 9.03
CA ILE A 54 8.77 -3.96 9.48
C ILE A 54 9.51 -4.71 8.38
N ASN A 55 8.82 -5.63 7.73
CA ASN A 55 9.42 -6.42 6.65
C ASN A 55 8.39 -6.70 5.55
N GLN A 56 8.88 -7.15 4.40
CA GLN A 56 8.00 -7.46 3.27
C GLN A 56 6.82 -8.31 3.72
N ASP A 57 7.10 -9.40 4.42
CA ASP A 57 6.07 -10.30 4.91
C ASP A 57 4.90 -9.52 5.49
N SER A 58 5.13 -8.86 6.62
CA SER A 58 4.10 -8.08 7.28
C SER A 58 3.36 -7.20 6.27
N ALA A 59 4.10 -6.66 5.32
CA ALA A 59 3.51 -5.80 4.29
C ALA A 59 2.64 -6.61 3.33
N GLU A 60 3.06 -7.85 3.06
CA GLU A 60 2.31 -8.72 2.16
C GLU A 60 0.89 -8.96 2.68
N ARG A 61 0.79 -9.64 3.81
CA ARG A 61 -0.50 -9.94 4.40
C ARG A 61 -1.47 -8.77 4.23
N ALA A 62 -0.92 -7.55 4.25
CA ALA A 62 -1.73 -6.35 4.09
C ALA A 62 -2.00 -6.06 2.61
N GLN A 63 -0.99 -6.28 1.78
CA GLN A 63 -1.12 -6.04 0.34
C GLN A 63 -2.09 -7.03 -0.27
N LYS A 64 -2.11 -8.25 0.24
CA LYS A 64 -3.00 -9.29 -0.27
C LYS A 64 -4.39 -9.17 0.35
N ARG A 65 -4.45 -8.55 1.53
CA ARG A 65 -5.72 -8.38 2.23
C ARG A 65 -6.41 -7.09 1.78
N MET A 66 -5.80 -5.95 2.10
CA MET A 66 -6.35 -4.65 1.73
C MET A 66 -6.84 -4.66 0.29
N GLU A 67 -5.98 -5.15 -0.62
CA GLU A 67 -6.33 -5.21 -2.04
C GLU A 67 -7.76 -5.69 -2.23
N ASN A 68 -8.18 -6.63 -1.38
CA ASN A 68 -9.53 -7.18 -1.46
C ASN A 68 -10.47 -6.45 -0.49
N GLU A 69 -9.89 -5.76 0.49
CA GLU A 69 -10.67 -5.03 1.47
C GLU A 69 -11.32 -3.79 0.84
N ASP A 70 -12.34 -3.27 1.50
CA ASP A 70 -13.05 -2.09 1.01
C ASP A 70 -13.23 -1.07 2.12
N VAL A 71 -12.28 -0.14 2.23
CA VAL A 71 -12.34 0.90 3.24
C VAL A 71 -13.76 1.38 3.48
N PHE A 72 -14.49 1.61 2.39
CA PHE A 72 -15.86 2.07 2.46
C PHE A 72 -16.57 1.92 1.12
N GLY A 73 -17.50 0.97 1.04
CA GLY A 73 -18.22 0.74 -0.19
C GLY A 73 -17.36 0.97 -1.42
N ASN A 74 -16.10 0.54 -1.35
CA ASN A 74 -15.18 0.71 -2.47
C ASN A 74 -13.93 -0.14 -2.27
N ARG A 75 -13.47 -0.78 -3.34
CA ARG A 75 -12.29 -1.62 -3.28
C ARG A 75 -11.02 -0.80 -3.43
N ILE A 76 -9.97 -1.21 -2.73
CA ILE A 76 -8.69 -0.51 -2.78
C ILE A 76 -7.61 -1.37 -3.42
N ILE A 77 -6.59 -0.71 -3.96
CA ILE A 77 -5.49 -1.42 -4.61
C ILE A 77 -4.16 -1.16 -3.89
N VAL A 78 -3.53 -2.22 -3.41
CA VAL A 78 -2.26 -2.10 -2.70
C VAL A 78 -1.11 -2.61 -3.57
N SER A 79 -0.10 -1.78 -3.74
CA SER A 79 1.07 -2.14 -4.54
C SER A 79 2.36 -1.80 -3.82
N PHE A 80 3.42 -2.55 -4.11
CA PHE A 80 4.72 -2.32 -3.49
C PHE A 80 5.49 -1.24 -4.22
N THR A 81 5.07 -0.93 -5.45
CA THR A 81 5.73 0.08 -6.25
C THR A 81 4.80 1.26 -6.53
N PRO A 82 5.38 2.45 -6.75
CA PRO A 82 4.62 3.66 -7.03
C PRO A 82 3.95 3.63 -8.39
N LYS A 83 2.78 4.25 -8.49
CA LYS A 83 2.03 4.30 -9.74
C LYS A 83 2.46 5.49 -10.59
N ASN A 84 2.90 6.56 -9.92
CA ASN A 84 3.33 7.75 -10.61
C ASN A 84 4.56 7.48 -11.47
N ARG A 85 5.48 6.69 -10.92
CA ARG A 85 6.71 6.35 -11.62
C ARG A 85 6.89 4.83 -11.70
N GLU A 86 6.53 4.25 -12.83
CA GLU A 86 6.65 2.81 -13.04
C GLU A 86 7.23 2.50 -14.41
N LEU A 87 7.89 1.35 -14.52
CA LEU A 87 8.50 0.93 -15.77
C LEU A 87 7.90 -0.39 -16.26
N CYS A 88 8.34 -0.83 -17.43
CA CYS A 88 7.85 -2.08 -18.00
C CYS A 88 9.01 -3.00 -18.38
N GLU A 89 9.96 -2.46 -19.15
CA GLU A 89 11.11 -3.23 -19.58
C GLU A 89 12.41 -2.66 -18.99
N THR A 90 12.36 -2.32 -17.70
CA THR A 90 13.52 -1.76 -17.02
C THR A 90 14.80 -2.47 -17.45
N SER A 91 14.71 -3.78 -17.63
CA SER A 91 15.87 -4.58 -18.04
C SER A 91 16.39 -4.12 -19.39
N GLY A 92 17.72 -4.06 -19.52
CA GLY A 92 18.32 -3.64 -20.77
C GLY A 92 19.45 -2.64 -20.56
N PRO A 93 20.67 -3.16 -20.33
CA PRO A 93 21.85 -2.33 -20.10
C PRO A 93 22.29 -1.59 -21.36
N SER A 94 23.23 -0.67 -21.21
CA SER A 94 23.75 0.10 -22.34
C SER A 94 23.78 -0.75 -23.60
N SER A 95 23.32 -0.18 -24.70
CA SER A 95 23.30 -0.88 -25.98
C SER A 95 22.94 0.06 -27.12
N GLY A 96 23.77 0.06 -28.16
CA GLY A 96 23.53 0.93 -29.30
C GLY A 96 23.61 0.19 -30.62
N GLY A 1 15.78 10.40 14.79
CA GLY A 1 17.01 10.25 14.04
C GLY A 1 16.92 10.81 12.64
N SER A 2 17.56 10.15 11.69
CA SER A 2 17.55 10.60 10.31
C SER A 2 16.37 9.99 9.55
N SER A 3 15.28 10.75 9.47
CA SER A 3 14.08 10.29 8.78
C SER A 3 14.41 9.80 7.38
N GLY A 4 13.57 8.92 6.84
CA GLY A 4 13.79 8.39 5.51
C GLY A 4 14.47 7.04 5.54
N SER A 5 13.84 6.07 6.17
CA SER A 5 14.39 4.72 6.26
C SER A 5 13.99 3.88 5.06
N SER A 6 14.83 3.87 4.03
CA SER A 6 14.56 3.11 2.82
C SER A 6 15.66 2.09 2.56
N GLY A 7 15.44 0.87 3.06
CA GLY A 7 16.42 -0.18 2.88
C GLY A 7 15.92 -1.53 3.38
N CYS A 8 15.61 -1.60 4.66
CA CYS A 8 15.13 -2.83 5.27
C CYS A 8 13.60 -2.82 5.38
N HIS A 9 13.06 -1.74 5.94
CA HIS A 9 11.62 -1.60 6.10
C HIS A 9 10.89 -1.79 4.77
N THR A 10 9.60 -2.10 4.84
CA THR A 10 8.80 -2.32 3.65
C THR A 10 7.54 -1.45 3.66
N LEU A 11 7.50 -0.45 2.81
CA LEU A 11 6.35 0.45 2.73
C LEU A 11 5.39 0.00 1.64
N LEU A 12 4.10 0.27 1.84
CA LEU A 12 3.08 -0.12 0.88
C LEU A 12 2.40 1.12 0.31
N TYR A 13 1.78 0.97 -0.87
CA TYR A 13 1.09 2.07 -1.52
C TYR A 13 -0.35 1.69 -1.84
N VAL A 14 -1.29 2.34 -1.16
CA VAL A 14 -2.72 2.08 -1.37
C VAL A 14 -3.30 3.04 -2.40
N TYR A 15 -4.27 2.56 -3.16
CA TYR A 15 -4.92 3.37 -4.19
C TYR A 15 -6.42 3.10 -4.23
N ASN A 16 -7.13 3.87 -5.05
CA ASN A 16 -8.58 3.73 -5.17
C ASN A 16 -9.26 3.93 -3.83
N LEU A 17 -8.98 5.06 -3.19
CA LEU A 17 -9.58 5.38 -1.90
C LEU A 17 -10.75 6.33 -2.06
N PRO A 18 -11.72 6.24 -1.14
CA PRO A 18 -12.92 7.09 -1.16
C PRO A 18 -12.60 8.53 -0.82
N ALA A 19 -12.48 9.38 -1.85
CA ALA A 19 -12.18 10.78 -1.65
C ALA A 19 -13.28 11.47 -0.85
N ASN A 20 -14.53 11.16 -1.17
CA ASN A 20 -15.67 11.74 -0.47
C ASN A 20 -15.57 11.51 1.02
N LYS A 21 -15.27 10.26 1.41
CA LYS A 21 -15.14 9.91 2.81
C LYS A 21 -14.05 10.73 3.49
N ASP A 22 -14.45 11.59 4.41
CA ASP A 22 -13.50 12.43 5.13
C ASP A 22 -12.19 11.68 5.38
N GLY A 23 -11.08 12.31 5.02
CA GLY A 23 -9.77 11.70 5.20
C GLY A 23 -9.57 11.20 6.62
N LYS A 24 -9.84 12.06 7.60
CA LYS A 24 -9.68 11.70 9.00
C LYS A 24 -10.35 10.36 9.30
N SER A 25 -11.48 10.11 8.64
CA SER A 25 -12.21 8.86 8.84
C SER A 25 -11.55 7.71 8.08
N VAL A 26 -11.16 7.99 6.84
CA VAL A 26 -10.51 6.98 6.00
C VAL A 26 -9.27 6.41 6.68
N SER A 27 -8.37 7.30 7.07
CA SER A 27 -7.14 6.88 7.74
C SER A 27 -7.43 5.89 8.87
N ASN A 28 -8.45 6.20 9.67
CA ASN A 28 -8.83 5.35 10.79
C ASN A 28 -9.22 3.96 10.29
N ARG A 29 -10.00 3.91 9.22
CA ARG A 29 -10.44 2.65 8.66
C ARG A 29 -9.25 1.78 8.26
N LEU A 30 -8.25 2.40 7.64
CA LEU A 30 -7.06 1.69 7.21
C LEU A 30 -6.18 1.33 8.40
N ARG A 31 -6.08 2.25 9.36
CA ARG A 31 -5.27 2.02 10.56
C ARG A 31 -5.50 0.61 11.09
N ARG A 32 -6.76 0.22 11.23
CA ARG A 32 -7.11 -1.10 11.73
C ARG A 32 -6.58 -2.19 10.82
N LEU A 33 -6.70 -1.97 9.51
CA LEU A 33 -6.24 -2.94 8.52
C LEU A 33 -4.72 -3.06 8.56
N SER A 34 -4.06 -2.04 9.08
CA SER A 34 -2.60 -2.04 9.17
C SER A 34 -2.14 -2.57 10.52
N ASP A 35 -2.97 -2.38 11.54
CA ASP A 35 -2.66 -2.85 12.89
C ASP A 35 -2.56 -4.37 12.93
N ASN A 36 -3.53 -5.04 12.30
CA ASN A 36 -3.56 -6.50 12.27
C ASN A 36 -2.35 -7.04 11.52
N CYS A 37 -1.95 -6.35 10.46
CA CYS A 37 -0.81 -6.77 9.66
C CYS A 37 0.46 -6.05 10.10
N GLY A 38 0.52 -5.71 11.38
CA GLY A 38 1.68 -5.02 11.90
C GLY A 38 2.18 -3.92 10.98
N GLY A 39 1.40 -2.85 10.86
CA GLY A 39 1.79 -1.74 10.00
C GLY A 39 1.38 -0.39 10.58
N LYS A 40 1.83 0.67 9.92
CA LYS A 40 1.51 2.02 10.37
C LYS A 40 1.29 2.96 9.18
N VAL A 41 0.07 3.49 9.06
CA VAL A 41 -0.27 4.39 7.97
C VAL A 41 0.52 5.69 8.07
N LEU A 42 1.66 5.74 7.39
CA LEU A 42 2.51 6.92 7.39
C LEU A 42 1.70 8.18 7.08
N SER A 43 1.05 8.18 5.91
CA SER A 43 0.24 9.31 5.49
C SER A 43 -0.80 8.88 4.46
N ILE A 44 -1.65 9.82 4.06
CA ILE A 44 -2.68 9.54 3.08
C ILE A 44 -2.90 10.73 2.15
N THR A 45 -2.44 10.61 0.91
CA THR A 45 -2.58 11.67 -0.08
C THR A 45 -3.60 11.29 -1.15
N GLY A 46 -4.45 12.24 -1.50
CA GLY A 46 -5.47 12.00 -2.51
C GLY A 46 -6.13 10.65 -2.35
N CYS A 47 -6.35 9.96 -3.47
CA CYS A 47 -6.99 8.65 -3.45
C CYS A 47 -5.96 7.54 -3.22
N SER A 48 -4.84 7.90 -2.61
CA SER A 48 -3.77 6.95 -2.34
C SER A 48 -3.24 7.11 -0.92
N ALA A 49 -2.45 6.13 -0.48
CA ALA A 49 -1.88 6.16 0.87
C ALA A 49 -0.57 5.39 0.92
N ILE A 50 0.23 5.66 1.95
CA ILE A 50 1.51 5.01 2.11
C ILE A 50 1.67 4.45 3.52
N LEU A 51 1.92 3.15 3.61
CA LEU A 51 2.10 2.49 4.90
C LEU A 51 3.55 2.04 5.10
N ARG A 52 3.91 1.80 6.35
CA ARG A 52 5.27 1.36 6.67
C ARG A 52 5.25 0.06 7.46
N PHE A 53 5.95 -0.95 6.96
CA PHE A 53 6.01 -2.25 7.63
C PHE A 53 7.44 -2.59 8.03
N ILE A 54 7.58 -3.48 9.00
CA ILE A 54 8.89 -3.90 9.49
C ILE A 54 9.66 -4.66 8.41
N ASN A 55 8.99 -5.63 7.80
CA ASN A 55 9.60 -6.44 6.76
C ASN A 55 8.62 -6.72 5.64
N GLN A 56 9.09 -7.39 4.60
CA GLN A 56 8.25 -7.73 3.44
C GLN A 56 7.04 -8.55 3.89
N ASP A 57 7.31 -9.75 4.39
CA ASP A 57 6.24 -10.64 4.85
C ASP A 57 5.10 -9.84 5.45
N SER A 58 5.38 -9.10 6.51
CA SER A 58 4.37 -8.29 7.19
C SER A 58 3.60 -7.44 6.19
N ALA A 59 4.33 -6.83 5.26
CA ALA A 59 3.71 -5.99 4.24
C ALA A 59 2.82 -6.81 3.32
N GLU A 60 3.30 -7.97 2.90
CA GLU A 60 2.54 -8.85 2.02
C GLU A 60 1.17 -9.15 2.60
N ARG A 61 1.15 -9.87 3.72
CA ARG A 61 -0.09 -10.23 4.39
C ARG A 61 -1.12 -9.11 4.27
N ALA A 62 -0.63 -7.87 4.28
CA ALA A 62 -1.50 -6.71 4.18
C ALA A 62 -1.84 -6.40 2.72
N GLN A 63 -0.84 -6.48 1.85
CA GLN A 63 -1.02 -6.22 0.43
C GLN A 63 -1.96 -7.24 -0.19
N LYS A 64 -1.98 -8.44 0.38
CA LYS A 64 -2.84 -9.51 -0.13
C LYS A 64 -4.20 -9.49 0.56
N ARG A 65 -4.26 -8.86 1.73
CA ARG A 65 -5.50 -8.75 2.48
C ARG A 65 -6.27 -7.50 2.11
N MET A 66 -5.69 -6.34 2.43
CA MET A 66 -6.32 -5.06 2.12
C MET A 66 -6.79 -5.02 0.67
N GLU A 67 -5.92 -5.43 -0.25
CA GLU A 67 -6.24 -5.45 -1.66
C GLU A 67 -7.67 -5.93 -1.90
N ASN A 68 -8.06 -6.98 -1.19
CA ASN A 68 -9.40 -7.54 -1.30
C ASN A 68 -10.38 -6.80 -0.40
N GLU A 69 -9.84 -6.12 0.61
CA GLU A 69 -10.67 -5.38 1.56
C GLU A 69 -11.38 -4.21 0.86
N ASP A 70 -12.32 -3.60 1.56
CA ASP A 70 -13.07 -2.47 1.01
C ASP A 70 -13.18 -1.35 2.04
N VAL A 71 -12.25 -0.41 1.99
CA VAL A 71 -12.25 0.72 2.90
C VAL A 71 -13.67 1.15 3.25
N PHE A 72 -14.47 1.39 2.22
CA PHE A 72 -15.85 1.80 2.41
C PHE A 72 -16.64 1.71 1.10
N GLY A 73 -17.57 0.76 1.05
CA GLY A 73 -18.37 0.57 -0.15
C GLY A 73 -17.54 0.60 -1.42
N ASN A 74 -16.24 0.38 -1.27
CA ASN A 74 -15.34 0.38 -2.42
C ASN A 74 -14.09 -0.46 -2.13
N ARG A 75 -13.51 -1.03 -3.17
CA ARG A 75 -12.33 -1.86 -3.04
C ARG A 75 -11.06 -1.03 -3.24
N ILE A 76 -10.07 -1.25 -2.39
CA ILE A 76 -8.81 -0.52 -2.47
C ILE A 76 -7.72 -1.39 -3.09
N ILE A 77 -6.74 -0.74 -3.71
CA ILE A 77 -5.64 -1.45 -4.34
C ILE A 77 -4.32 -1.20 -3.60
N VAL A 78 -3.62 -2.28 -3.29
CA VAL A 78 -2.35 -2.17 -2.58
C VAL A 78 -1.19 -2.62 -3.48
N SER A 79 -0.26 -1.70 -3.75
CA SER A 79 0.88 -2.00 -4.58
C SER A 79 2.18 -1.63 -3.88
N PHE A 80 3.23 -2.43 -4.10
CA PHE A 80 4.52 -2.18 -3.49
C PHE A 80 5.28 -1.08 -4.22
N THR A 81 4.88 -0.83 -5.47
CA THR A 81 5.51 0.19 -6.28
C THR A 81 4.56 1.35 -6.56
N PRO A 82 5.12 2.52 -6.87
CA PRO A 82 4.34 3.73 -7.17
C PRO A 82 3.61 3.62 -8.51
N LYS A 83 2.44 4.23 -8.58
CA LYS A 83 1.63 4.21 -9.81
C LYS A 83 1.52 5.61 -10.40
N ASN A 84 2.57 6.40 -10.26
CA ASN A 84 2.59 7.76 -10.78
C ASN A 84 2.53 7.76 -12.31
N ARG A 85 3.39 6.96 -12.93
CA ARG A 85 3.44 6.86 -14.39
C ARG A 85 3.23 5.43 -14.84
N GLU A 86 3.07 5.25 -16.15
CA GLU A 86 2.87 3.91 -16.71
C GLU A 86 3.99 3.56 -17.68
N LEU A 87 4.51 2.34 -17.56
CA LEU A 87 5.59 1.88 -18.43
C LEU A 87 5.04 1.07 -19.59
N CYS A 88 5.92 0.65 -20.48
CA CYS A 88 5.52 -0.14 -21.65
C CYS A 88 6.62 -1.12 -22.05
N GLU A 89 6.23 -2.34 -22.36
CA GLU A 89 7.18 -3.38 -22.76
C GLU A 89 7.32 -3.43 -24.27
N THR A 90 8.57 -3.50 -24.74
CA THR A 90 8.86 -3.56 -26.17
C THR A 90 9.62 -4.83 -26.53
N SER A 91 9.45 -5.28 -27.77
CA SER A 91 10.13 -6.48 -28.24
C SER A 91 11.34 -6.13 -29.10
N GLY A 92 12.08 -5.10 -28.67
CA GLY A 92 13.25 -4.68 -29.41
C GLY A 92 12.91 -4.16 -30.79
N PRO A 93 13.61 -3.09 -31.22
CA PRO A 93 13.40 -2.47 -32.53
C PRO A 93 13.86 -3.36 -33.67
N SER A 94 12.92 -3.88 -34.45
CA SER A 94 13.24 -4.74 -35.57
C SER A 94 12.60 -4.23 -36.86
N SER A 95 13.27 -3.29 -37.51
CA SER A 95 12.77 -2.71 -38.75
C SER A 95 12.80 -3.73 -39.89
N GLY A 96 13.92 -4.44 -40.00
CA GLY A 96 14.07 -5.44 -41.04
C GLY A 96 15.18 -5.11 -42.01
N GLY A 1 22.70 8.96 -10.68
CA GLY A 1 22.80 7.54 -10.91
C GLY A 1 21.67 6.77 -10.26
N SER A 2 21.99 6.03 -9.19
CA SER A 2 21.00 5.24 -8.48
C SER A 2 20.55 5.95 -7.20
N SER A 3 19.25 6.15 -7.07
CA SER A 3 18.69 6.81 -5.90
C SER A 3 18.50 5.82 -4.74
N GLY A 4 18.32 4.56 -5.09
CA GLY A 4 18.13 3.54 -4.07
C GLY A 4 16.69 3.44 -3.62
N SER A 5 15.97 2.45 -4.14
CA SER A 5 14.57 2.24 -3.79
C SER A 5 14.41 0.99 -2.93
N SER A 6 15.35 0.76 -2.03
CA SER A 6 15.31 -0.41 -1.15
C SER A 6 16.04 -0.13 0.15
N GLY A 7 15.65 -0.84 1.21
CA GLY A 7 16.28 -0.65 2.51
C GLY A 7 15.94 -1.76 3.48
N CYS A 8 15.61 -1.38 4.71
CA CYS A 8 15.26 -2.36 5.74
C CYS A 8 13.75 -2.48 5.88
N HIS A 9 13.08 -1.35 6.11
CA HIS A 9 11.63 -1.34 6.27
C HIS A 9 10.95 -1.58 4.93
N THR A 10 9.63 -1.76 4.97
CA THR A 10 8.85 -2.01 3.76
C THR A 10 7.59 -1.16 3.74
N LEU A 11 7.54 -0.21 2.82
CA LEU A 11 6.38 0.68 2.69
C LEU A 11 5.41 0.16 1.64
N LEU A 12 4.12 0.34 1.89
CA LEU A 12 3.09 -0.11 0.96
C LEU A 12 2.36 1.08 0.33
N TYR A 13 1.83 0.87 -0.86
CA TYR A 13 1.12 1.93 -1.57
C TYR A 13 -0.33 1.52 -1.83
N VAL A 14 -1.27 2.35 -1.36
CA VAL A 14 -2.68 2.08 -1.54
C VAL A 14 -3.29 3.01 -2.58
N TYR A 15 -4.30 2.52 -3.30
CA TYR A 15 -4.97 3.31 -4.33
C TYR A 15 -6.47 3.06 -4.31
N ASN A 16 -7.20 3.84 -5.10
CA ASN A 16 -8.65 3.70 -5.18
C ASN A 16 -9.30 3.95 -3.82
N LEU A 17 -8.96 5.08 -3.21
CA LEU A 17 -9.50 5.44 -1.90
C LEU A 17 -10.68 6.40 -2.05
N PRO A 18 -11.63 6.33 -1.11
CA PRO A 18 -12.81 7.19 -1.11
C PRO A 18 -12.47 8.64 -0.79
N ALA A 19 -12.19 9.42 -1.84
CA ALA A 19 -11.85 10.82 -1.66
C ALA A 19 -12.94 11.56 -0.86
N ASN A 20 -14.20 11.23 -1.15
CA ASN A 20 -15.32 11.86 -0.46
C ASN A 20 -15.20 11.66 1.05
N LYS A 21 -14.97 10.43 1.46
CA LYS A 21 -14.84 10.12 2.89
C LYS A 21 -13.72 10.93 3.52
N ASP A 22 -14.10 11.90 4.35
CA ASP A 22 -13.12 12.75 5.03
C ASP A 22 -11.86 11.96 5.37
N GLY A 23 -10.72 12.47 4.92
CA GLY A 23 -9.46 11.80 5.19
C GLY A 23 -9.36 11.29 6.62
N LYS A 24 -9.50 12.19 7.58
CA LYS A 24 -9.44 11.83 8.99
C LYS A 24 -10.10 10.47 9.24
N SER A 25 -11.27 10.28 8.64
CA SER A 25 -12.00 9.03 8.80
C SER A 25 -11.32 7.89 8.04
N VAL A 26 -11.09 8.11 6.75
CA VAL A 26 -10.44 7.11 5.90
C VAL A 26 -9.29 6.44 6.65
N SER A 27 -8.31 7.24 7.06
CA SER A 27 -7.15 6.73 7.78
C SER A 27 -7.56 5.66 8.78
N ASN A 28 -8.28 6.06 9.82
CA ASN A 28 -8.73 5.13 10.84
C ASN A 28 -9.07 3.77 10.24
N ARG A 29 -10.06 3.77 9.36
CA ARG A 29 -10.49 2.53 8.71
C ARG A 29 -9.28 1.67 8.33
N LEU A 30 -8.31 2.28 7.68
CA LEU A 30 -7.11 1.57 7.26
C LEU A 30 -6.27 1.17 8.47
N ARG A 31 -5.97 2.14 9.33
CA ARG A 31 -5.18 1.89 10.53
C ARG A 31 -5.48 0.50 11.09
N ARG A 32 -6.76 0.19 11.20
CA ARG A 32 -7.19 -1.11 11.73
C ARG A 32 -6.70 -2.25 10.84
N LEU A 33 -6.84 -2.07 9.54
CA LEU A 33 -6.42 -3.08 8.57
C LEU A 33 -4.91 -3.26 8.60
N SER A 34 -4.19 -2.23 9.05
CA SER A 34 -2.75 -2.27 9.13
C SER A 34 -2.29 -2.76 10.51
N ASP A 35 -3.09 -2.45 11.52
CA ASP A 35 -2.77 -2.84 12.89
C ASP A 35 -2.65 -4.36 13.00
N ASN A 36 -3.31 -5.06 12.10
CA ASN A 36 -3.28 -6.53 12.10
C ASN A 36 -2.09 -7.05 11.30
N CYS A 37 -1.78 -6.36 10.20
CA CYS A 37 -0.66 -6.76 9.34
C CYS A 37 0.63 -6.09 9.81
N GLY A 38 0.70 -5.77 11.11
CA GLY A 38 1.88 -5.14 11.65
C GLY A 38 2.37 -3.98 10.80
N GLY A 39 1.47 -3.07 10.48
CA GLY A 39 1.83 -1.92 9.66
C GLY A 39 1.43 -0.61 10.30
N LYS A 40 1.79 0.50 9.66
CA LYS A 40 1.46 1.83 10.17
C LYS A 40 1.25 2.81 9.02
N VAL A 41 0.04 3.33 8.91
CA VAL A 41 -0.30 4.29 7.86
C VAL A 41 0.49 5.58 8.03
N LEU A 42 1.64 5.66 7.37
CA LEU A 42 2.48 6.85 7.44
C LEU A 42 1.70 8.11 7.07
N SER A 43 1.11 8.11 5.88
CA SER A 43 0.34 9.25 5.41
C SER A 43 -0.71 8.80 4.40
N ILE A 44 -1.59 9.73 4.02
CA ILE A 44 -2.64 9.44 3.05
C ILE A 44 -2.90 10.63 2.14
N THR A 45 -2.44 10.52 0.90
CA THR A 45 -2.63 11.59 -0.08
C THR A 45 -3.64 11.20 -1.15
N GLY A 46 -4.39 12.18 -1.64
CA GLY A 46 -5.39 11.93 -2.65
C GLY A 46 -6.13 10.62 -2.41
N CYS A 47 -6.35 9.86 -3.48
CA CYS A 47 -7.05 8.59 -3.38
C CYS A 47 -6.08 7.45 -3.07
N SER A 48 -4.86 7.82 -2.69
CA SER A 48 -3.83 6.83 -2.37
C SER A 48 -3.34 7.01 -0.94
N ALA A 49 -2.50 6.08 -0.48
CA ALA A 49 -1.95 6.14 0.86
C ALA A 49 -0.62 5.41 0.93
N ILE A 50 0.09 5.58 2.05
CA ILE A 50 1.37 4.93 2.25
C ILE A 50 1.50 4.37 3.67
N LEU A 51 1.88 3.11 3.77
CA LEU A 51 2.04 2.45 5.07
C LEU A 51 3.51 2.14 5.34
N ARG A 52 3.82 1.79 6.58
CA ARG A 52 5.18 1.45 6.97
C ARG A 52 5.23 0.11 7.70
N PHE A 53 5.87 -0.87 7.08
CA PHE A 53 5.98 -2.21 7.68
C PHE A 53 7.43 -2.52 8.04
N ILE A 54 7.61 -3.36 9.05
CA ILE A 54 8.94 -3.74 9.50
C ILE A 54 9.69 -4.51 8.41
N ASN A 55 9.01 -5.49 7.82
CA ASN A 55 9.61 -6.30 6.76
C ASN A 55 8.61 -6.56 5.65
N GLN A 56 9.09 -7.17 4.56
CA GLN A 56 8.24 -7.48 3.42
C GLN A 56 7.05 -8.34 3.84
N ASP A 57 7.35 -9.55 4.32
CA ASP A 57 6.31 -10.47 4.76
C ASP A 57 5.14 -9.72 5.39
N SER A 58 5.41 -9.02 6.48
CA SER A 58 4.38 -8.26 7.19
C SER A 58 3.57 -7.42 6.20
N ALA A 59 4.28 -6.65 5.38
CA ALA A 59 3.63 -5.79 4.39
C ALA A 59 2.73 -6.61 3.47
N GLU A 60 3.25 -7.73 2.98
CA GLU A 60 2.50 -8.60 2.09
C GLU A 60 1.13 -8.95 2.68
N ARG A 61 1.16 -9.66 3.80
CA ARG A 61 -0.08 -10.07 4.47
C ARG A 61 -1.14 -8.98 4.35
N ALA A 62 -0.71 -7.72 4.37
CA ALA A 62 -1.62 -6.60 4.26
C ALA A 62 -1.93 -6.29 2.80
N GLN A 63 -0.91 -6.33 1.95
CA GLN A 63 -1.07 -6.05 0.54
C GLN A 63 -1.97 -7.09 -0.12
N LYS A 64 -2.01 -8.29 0.46
CA LYS A 64 -2.82 -9.37 -0.07
C LYS A 64 -4.22 -9.36 0.54
N ARG A 65 -4.34 -8.71 1.70
CA ARG A 65 -5.62 -8.63 2.40
C ARG A 65 -6.35 -7.34 2.03
N MET A 66 -5.72 -6.20 2.35
CA MET A 66 -6.32 -4.91 2.06
C MET A 66 -6.79 -4.84 0.62
N GLU A 67 -5.98 -5.36 -0.30
CA GLU A 67 -6.32 -5.36 -1.71
C GLU A 67 -7.76 -5.82 -1.93
N ASN A 68 -8.21 -6.76 -1.11
CA ASN A 68 -9.56 -7.28 -1.22
C ASN A 68 -10.49 -6.56 -0.24
N GLU A 69 -9.91 -5.92 0.77
CA GLU A 69 -10.68 -5.20 1.76
C GLU A 69 -11.48 -4.06 1.12
N ASP A 70 -12.35 -3.44 1.90
CA ASP A 70 -13.17 -2.33 1.41
C ASP A 70 -13.18 -1.18 2.41
N VAL A 71 -12.29 -0.21 2.18
CA VAL A 71 -12.20 0.95 3.06
C VAL A 71 -13.58 1.50 3.41
N PHE A 72 -14.35 1.84 2.38
CA PHE A 72 -15.69 2.38 2.58
C PHE A 72 -16.54 2.17 1.33
N GLY A 73 -17.47 1.22 1.40
CA GLY A 73 -18.35 0.94 0.27
C GLY A 73 -17.59 0.95 -1.05
N ASN A 74 -16.29 0.70 -0.99
CA ASN A 74 -15.46 0.68 -2.19
C ASN A 74 -14.27 -0.25 -2.02
N ARG A 75 -13.73 -0.72 -3.14
CA ARG A 75 -12.58 -1.62 -3.10
C ARG A 75 -11.27 -0.85 -3.27
N ILE A 76 -10.30 -1.15 -2.42
CA ILE A 76 -9.00 -0.47 -2.46
C ILE A 76 -7.93 -1.39 -3.05
N ILE A 77 -6.89 -0.80 -3.59
CA ILE A 77 -5.79 -1.57 -4.17
C ILE A 77 -4.48 -1.29 -3.44
N VAL A 78 -3.64 -2.32 -3.35
CA VAL A 78 -2.35 -2.20 -2.68
C VAL A 78 -1.22 -2.72 -3.55
N SER A 79 -0.16 -1.92 -3.69
CA SER A 79 0.99 -2.31 -4.51
C SER A 79 2.29 -1.89 -3.84
N PHE A 80 3.34 -2.68 -4.05
CA PHE A 80 4.64 -2.39 -3.47
C PHE A 80 5.37 -1.30 -4.25
N THR A 81 4.98 -1.13 -5.51
CA THR A 81 5.59 -0.12 -6.37
C THR A 81 4.59 0.97 -6.72
N PRO A 82 5.11 2.14 -7.11
CA PRO A 82 4.28 3.29 -7.49
C PRO A 82 3.54 3.07 -8.80
N LYS A 83 2.34 3.64 -8.91
CA LYS A 83 1.54 3.50 -10.12
C LYS A 83 1.46 4.82 -10.87
N ASN A 84 2.55 5.59 -10.83
CA ASN A 84 2.60 6.88 -11.51
C ASN A 84 2.87 6.69 -13.00
N ARG A 85 3.90 5.92 -13.32
CA ARG A 85 4.26 5.67 -14.71
C ARG A 85 4.65 4.20 -14.91
N GLU A 86 3.83 3.47 -15.66
CA GLU A 86 4.09 2.06 -15.93
C GLU A 86 3.38 1.61 -17.20
N LEU A 87 4.06 0.77 -17.98
CA LEU A 87 3.50 0.26 -19.22
C LEU A 87 4.06 -1.12 -19.55
N CYS A 88 3.19 -2.03 -19.96
CA CYS A 88 3.61 -3.38 -20.32
C CYS A 88 3.89 -3.50 -21.81
N GLU A 89 4.88 -4.30 -22.16
CA GLU A 89 5.24 -4.50 -23.56
C GLU A 89 4.69 -5.82 -24.09
N THR A 90 4.32 -5.83 -25.37
CA THR A 90 3.78 -7.02 -26.00
C THR A 90 4.74 -7.59 -27.03
N SER A 91 6.04 -7.55 -26.71
CA SER A 91 7.06 -8.06 -27.61
C SER A 91 6.57 -9.30 -28.35
N GLY A 92 6.06 -10.27 -27.60
CA GLY A 92 5.57 -11.49 -28.19
C GLY A 92 6.32 -12.72 -27.72
N PRO A 93 6.06 -13.13 -26.47
CA PRO A 93 6.71 -14.30 -25.87
C PRO A 93 6.26 -15.60 -26.50
N SER A 94 7.18 -16.55 -26.63
CA SER A 94 6.88 -17.85 -27.23
C SER A 94 8.01 -18.84 -26.96
N SER A 95 7.65 -20.12 -26.88
CA SER A 95 8.62 -21.17 -26.62
C SER A 95 8.62 -22.20 -27.75
N GLY A 96 7.45 -22.78 -28.00
CA GLY A 96 7.33 -23.79 -29.05
C GLY A 96 7.56 -25.20 -28.54
N GLY A 1 19.11 2.63 -1.01
CA GLY A 1 20.09 1.66 -0.56
C GLY A 1 20.20 0.48 -1.50
N SER A 2 21.43 0.15 -1.89
CA SER A 2 21.67 -0.96 -2.80
C SER A 2 22.57 -2.02 -2.15
N SER A 3 23.74 -1.59 -1.71
CA SER A 3 24.69 -2.49 -1.06
C SER A 3 24.87 -2.14 0.41
N GLY A 4 24.24 -2.92 1.29
CA GLY A 4 24.34 -2.68 2.71
C GLY A 4 23.47 -3.62 3.53
N SER A 5 22.39 -3.09 4.10
CA SER A 5 21.48 -3.88 4.91
C SER A 5 20.35 -4.43 4.06
N SER A 6 20.57 -5.58 3.43
CA SER A 6 19.57 -6.20 2.59
C SER A 6 18.16 -5.99 3.16
N GLY A 7 18.00 -6.33 4.44
CA GLY A 7 16.71 -6.18 5.08
C GLY A 7 16.41 -4.73 5.44
N CYS A 8 15.20 -4.28 5.14
CA CYS A 8 14.79 -2.92 5.43
C CYS A 8 13.28 -2.80 5.46
N HIS A 9 12.78 -1.72 6.09
CA HIS A 9 11.35 -1.50 6.18
C HIS A 9 10.68 -1.65 4.82
N THR A 10 9.41 -2.07 4.84
CA THR A 10 8.66 -2.26 3.60
C THR A 10 7.42 -1.37 3.57
N LEU A 11 7.45 -0.36 2.72
CA LEU A 11 6.33 0.57 2.60
C LEU A 11 5.34 0.08 1.54
N LEU A 12 4.05 0.31 1.80
CA LEU A 12 3.00 -0.11 0.88
C LEU A 12 2.34 1.10 0.23
N TYR A 13 1.78 0.89 -0.96
CA TYR A 13 1.12 1.96 -1.70
C TYR A 13 -0.32 1.58 -2.03
N VAL A 14 -1.26 2.25 -1.37
CA VAL A 14 -2.68 1.99 -1.59
C VAL A 14 -3.26 2.97 -2.60
N TYR A 15 -4.25 2.50 -3.36
CA TYR A 15 -4.89 3.34 -4.37
C TYR A 15 -6.39 3.08 -4.41
N ASN A 16 -7.11 3.90 -5.17
CA ASN A 16 -8.56 3.76 -5.30
C ASN A 16 -9.23 3.90 -3.94
N LEU A 17 -8.92 4.99 -3.24
CA LEU A 17 -9.50 5.25 -1.92
C LEU A 17 -10.73 6.14 -2.04
N PRO A 18 -11.65 6.02 -1.07
CA PRO A 18 -12.88 6.82 -1.04
C PRO A 18 -12.61 8.29 -0.73
N ALA A 19 -12.34 9.07 -1.77
CA ALA A 19 -12.07 10.49 -1.62
C ALA A 19 -13.19 11.17 -0.84
N ASN A 20 -14.42 10.98 -1.30
CA ASN A 20 -15.58 11.59 -0.66
C ASN A 20 -15.51 11.42 0.86
N LYS A 21 -15.26 10.20 1.30
CA LYS A 21 -15.16 9.91 2.73
C LYS A 21 -14.05 10.71 3.37
N ASP A 22 -14.43 11.66 4.23
CA ASP A 22 -13.45 12.51 4.92
C ASP A 22 -12.18 11.72 5.23
N GLY A 23 -11.04 12.24 4.76
CA GLY A 23 -9.77 11.58 5.01
C GLY A 23 -9.63 11.10 6.43
N LYS A 24 -9.63 12.04 7.37
CA LYS A 24 -9.50 11.71 8.79
C LYS A 24 -10.20 10.39 9.10
N SER A 25 -11.36 10.18 8.52
CA SER A 25 -12.13 8.96 8.73
C SER A 25 -11.46 7.77 8.05
N VAL A 26 -11.06 7.97 6.80
CA VAL A 26 -10.40 6.92 6.03
C VAL A 26 -9.19 6.37 6.77
N SER A 27 -8.31 7.27 7.20
CA SER A 27 -7.10 6.88 7.92
C SER A 27 -7.41 5.80 8.96
N ASN A 28 -8.57 5.93 9.61
CA ASN A 28 -8.98 4.97 10.62
C ASN A 28 -9.23 3.60 10.01
N ARG A 29 -10.21 3.52 9.11
CA ARG A 29 -10.55 2.27 8.45
C ARG A 29 -9.29 1.48 8.09
N LEU A 30 -8.31 2.19 7.53
CA LEU A 30 -7.05 1.56 7.13
C LEU A 30 -6.20 1.23 8.35
N ARG A 31 -6.01 2.21 9.22
CA ARG A 31 -5.23 2.02 10.43
C ARG A 31 -5.43 0.63 11.01
N ARG A 32 -6.69 0.19 11.06
CA ARG A 32 -7.01 -1.13 11.59
C ARG A 32 -6.39 -2.23 10.73
N LEU A 33 -6.46 -2.05 9.42
CA LEU A 33 -5.91 -3.03 8.48
C LEU A 33 -4.40 -3.15 8.65
N SER A 34 -3.78 -2.07 9.13
CA SER A 34 -2.33 -2.06 9.34
C SER A 34 -1.98 -2.55 10.74
N ASP A 35 -2.80 -2.19 11.72
CA ASP A 35 -2.59 -2.60 13.10
C ASP A 35 -2.50 -4.11 13.21
N ASN A 36 -3.45 -4.80 12.59
CA ASN A 36 -3.50 -6.26 12.62
C ASN A 36 -2.35 -6.84 11.80
N CYS A 37 -2.12 -6.28 10.62
CA CYS A 37 -1.05 -6.75 9.74
C CYS A 37 0.28 -6.10 10.12
N GLY A 38 0.45 -5.80 11.39
CA GLY A 38 1.68 -5.18 11.85
C GLY A 38 2.18 -4.11 10.90
N GLY A 39 1.48 -2.98 10.87
CA GLY A 39 1.88 -1.89 9.98
C GLY A 39 1.55 -0.53 10.57
N LYS A 40 1.91 0.52 9.84
CA LYS A 40 1.66 1.89 10.30
C LYS A 40 1.38 2.80 9.11
N VAL A 41 0.24 3.49 9.15
CA VAL A 41 -0.13 4.41 8.09
C VAL A 41 0.64 5.72 8.19
N LEU A 42 1.77 5.78 7.50
CA LEU A 42 2.61 6.98 7.50
C LEU A 42 1.79 8.21 7.19
N SER A 43 1.12 8.20 6.03
CA SER A 43 0.30 9.33 5.62
C SER A 43 -0.70 8.90 4.55
N ILE A 44 -1.68 9.77 4.28
CA ILE A 44 -2.70 9.48 3.27
C ILE A 44 -2.97 10.70 2.40
N THR A 45 -2.50 10.66 1.16
CA THR A 45 -2.68 11.76 0.23
C THR A 45 -3.49 11.32 -0.98
N GLY A 46 -4.44 12.15 -1.40
CA GLY A 46 -5.27 11.83 -2.55
C GLY A 46 -6.01 10.51 -2.38
N CYS A 47 -6.22 9.80 -3.47
CA CYS A 47 -6.92 8.53 -3.45
C CYS A 47 -5.95 7.38 -3.17
N SER A 48 -4.83 7.71 -2.53
CA SER A 48 -3.82 6.70 -2.22
C SER A 48 -3.32 6.86 -0.79
N ALA A 49 -2.51 5.91 -0.34
CA ALA A 49 -1.97 5.95 1.02
C ALA A 49 -0.62 5.22 1.08
N ILE A 50 0.19 5.59 2.07
CA ILE A 50 1.50 4.97 2.25
C ILE A 50 1.67 4.44 3.66
N LEU A 51 1.91 3.14 3.77
CA LEU A 51 2.09 2.49 5.07
C LEU A 51 3.56 2.14 5.30
N ARG A 52 3.89 1.78 6.53
CA ARG A 52 5.26 1.42 6.89
C ARG A 52 5.28 0.11 7.66
N PHE A 53 5.84 -0.93 7.03
CA PHE A 53 5.93 -2.25 7.66
C PHE A 53 7.38 -2.59 7.98
N ILE A 54 7.56 -3.47 8.96
CA ILE A 54 8.90 -3.88 9.37
C ILE A 54 9.63 -4.58 8.23
N ASN A 55 8.99 -5.59 7.65
CA ASN A 55 9.59 -6.33 6.55
C ASN A 55 8.56 -6.61 5.47
N GLN A 56 9.01 -7.15 4.34
CA GLN A 56 8.12 -7.47 3.22
C GLN A 56 6.95 -8.33 3.69
N ASP A 57 7.27 -9.50 4.22
CA ASP A 57 6.24 -10.41 4.71
C ASP A 57 5.07 -9.65 5.32
N SER A 58 5.35 -8.96 6.43
CA SER A 58 4.32 -8.19 7.11
C SER A 58 3.50 -7.36 6.12
N ALA A 59 4.19 -6.64 5.24
CA ALA A 59 3.54 -5.82 4.25
C ALA A 59 2.65 -6.66 3.33
N GLU A 60 3.13 -7.84 2.98
CA GLU A 60 2.38 -8.75 2.11
C GLU A 60 1.00 -9.05 2.69
N ARG A 61 0.97 -9.74 3.83
CA ARG A 61 -0.27 -10.09 4.47
C ARG A 61 -1.29 -8.96 4.36
N ALA A 62 -0.78 -7.72 4.35
CA ALA A 62 -1.65 -6.55 4.23
C ALA A 62 -1.99 -6.26 2.78
N GLN A 63 -1.01 -6.42 1.90
CA GLN A 63 -1.21 -6.17 0.47
C GLN A 63 -2.15 -7.21 -0.13
N LYS A 64 -2.16 -8.41 0.44
CA LYS A 64 -3.02 -9.48 -0.03
C LYS A 64 -4.41 -9.37 0.57
N ARG A 65 -4.52 -8.64 1.67
CA ARG A 65 -5.79 -8.46 2.36
C ARG A 65 -6.50 -7.20 1.86
N MET A 66 -5.86 -6.04 2.08
CA MET A 66 -6.43 -4.78 1.65
C MET A 66 -6.90 -4.85 0.20
N GLU A 67 -6.05 -5.36 -0.67
CA GLU A 67 -6.38 -5.49 -2.09
C GLU A 67 -7.84 -5.92 -2.27
N ASN A 68 -8.32 -6.75 -1.34
CA ASN A 68 -9.70 -7.24 -1.40
C ASN A 68 -10.59 -6.47 -0.43
N GLU A 69 -9.97 -5.85 0.58
CA GLU A 69 -10.71 -5.08 1.56
C GLU A 69 -11.36 -3.85 0.93
N ASP A 70 -12.55 -3.51 1.42
CA ASP A 70 -13.27 -2.35 0.89
C ASP A 70 -13.46 -1.29 1.98
N VAL A 71 -12.50 -0.38 2.09
CA VAL A 71 -12.57 0.68 3.08
C VAL A 71 -14.01 1.13 3.32
N PHE A 72 -14.67 1.57 2.26
CA PHE A 72 -16.04 2.03 2.34
C PHE A 72 -16.73 1.95 0.98
N GLY A 73 -17.62 0.98 0.81
CA GLY A 73 -18.32 0.82 -0.44
C GLY A 73 -17.44 1.07 -1.64
N ASN A 74 -16.17 0.69 -1.53
CA ASN A 74 -15.22 0.88 -2.61
C ASN A 74 -13.92 0.11 -2.34
N ARG A 75 -13.62 -0.85 -3.21
CA ARG A 75 -12.42 -1.66 -3.06
C ARG A 75 -11.16 -0.79 -3.17
N ILE A 76 -10.04 -1.32 -2.71
CA ILE A 76 -8.77 -0.60 -2.75
C ILE A 76 -7.67 -1.45 -3.37
N ILE A 77 -6.65 -0.80 -3.90
CA ILE A 77 -5.52 -1.51 -4.51
C ILE A 77 -4.22 -1.21 -3.78
N VAL A 78 -3.53 -2.27 -3.37
CA VAL A 78 -2.26 -2.12 -2.66
C VAL A 78 -1.10 -2.68 -3.48
N SER A 79 -0.08 -1.86 -3.69
CA SER A 79 1.09 -2.28 -4.46
C SER A 79 2.37 -1.82 -3.78
N PHE A 80 3.45 -2.58 -4.00
CA PHE A 80 4.74 -2.25 -3.40
C PHE A 80 5.45 -1.16 -4.20
N THR A 81 5.10 -1.06 -5.48
CA THR A 81 5.71 -0.06 -6.35
C THR A 81 4.72 1.06 -6.67
N PRO A 82 5.26 2.25 -7.00
CA PRO A 82 4.45 3.42 -7.32
C PRO A 82 3.73 3.28 -8.66
N LYS A 83 2.53 3.84 -8.76
CA LYS A 83 1.75 3.78 -9.98
C LYS A 83 2.14 4.89 -10.94
N ASN A 84 3.44 5.13 -11.06
CA ASN A 84 3.95 6.17 -11.94
C ASN A 84 4.33 5.60 -13.31
N ARG A 85 5.26 4.66 -13.30
CA ARG A 85 5.71 4.03 -14.53
C ARG A 85 4.92 2.76 -14.82
N GLU A 86 4.82 2.41 -16.10
CA GLU A 86 4.09 1.21 -16.52
C GLU A 86 4.96 -0.03 -16.40
N LEU A 87 5.92 0.01 -15.50
CA LEU A 87 6.83 -1.12 -15.29
C LEU A 87 7.16 -1.80 -16.62
N CYS A 88 7.41 -0.99 -17.64
CA CYS A 88 7.73 -1.51 -18.97
C CYS A 88 9.22 -1.36 -19.27
N GLU A 89 10.04 -1.63 -18.27
CA GLU A 89 11.49 -1.52 -18.42
C GLU A 89 12.20 -2.79 -17.95
N THR A 90 12.44 -3.71 -18.87
CA THR A 90 13.10 -4.97 -18.54
C THR A 90 14.38 -5.15 -19.35
N SER A 91 15.34 -5.86 -18.78
CA SER A 91 16.61 -6.11 -19.46
C SER A 91 16.50 -7.29 -20.41
N GLY A 92 16.96 -7.08 -21.65
CA GLY A 92 16.91 -8.14 -22.64
C GLY A 92 15.49 -8.64 -22.87
N PRO A 93 15.37 -9.77 -23.58
CA PRO A 93 14.08 -10.38 -23.89
C PRO A 93 13.41 -10.98 -22.66
N SER A 94 12.20 -10.49 -22.35
CA SER A 94 11.45 -10.96 -21.19
C SER A 94 10.51 -12.10 -21.58
N SER A 95 10.36 -13.08 -20.70
CA SER A 95 9.50 -14.22 -20.95
C SER A 95 8.07 -13.93 -20.46
N GLY A 96 7.94 -13.68 -19.16
CA GLY A 96 6.63 -13.40 -18.60
C GLY A 96 6.54 -13.77 -17.14
N GLY A 1 10.03 -18.06 -1.92
CA GLY A 1 10.82 -17.16 -1.10
C GLY A 1 11.35 -17.83 0.16
N SER A 2 12.02 -18.96 -0.02
CA SER A 2 12.57 -19.71 1.11
C SER A 2 13.98 -19.24 1.42
N SER A 3 14.09 -18.30 2.35
CA SER A 3 15.40 -17.77 2.74
C SER A 3 15.29 -16.98 4.05
N GLY A 4 16.32 -17.10 4.88
CA GLY A 4 16.33 -16.38 6.15
C GLY A 4 17.36 -15.29 6.20
N SER A 5 16.91 -14.04 6.10
CA SER A 5 17.81 -12.89 6.11
C SER A 5 17.05 -11.62 6.47
N SER A 6 17.78 -10.61 6.93
CA SER A 6 17.17 -9.33 7.32
C SER A 6 17.53 -8.25 6.30
N GLY A 7 16.55 -7.38 6.01
CA GLY A 7 16.79 -6.31 5.06
C GLY A 7 16.32 -4.97 5.58
N CYS A 8 15.66 -4.20 4.73
CA CYS A 8 15.16 -2.88 5.11
C CYS A 8 13.64 -2.89 5.25
N HIS A 9 13.10 -1.84 5.84
CA HIS A 9 11.66 -1.72 6.03
C HIS A 9 10.92 -1.88 4.70
N THR A 10 9.62 -2.18 4.79
CA THR A 10 8.80 -2.36 3.60
C THR A 10 7.54 -1.51 3.67
N LEU A 11 7.45 -0.52 2.79
CA LEU A 11 6.30 0.36 2.74
C LEU A 11 5.32 -0.08 1.66
N LEU A 12 4.03 0.18 1.91
CA LEU A 12 2.99 -0.19 0.95
C LEU A 12 2.38 1.04 0.30
N TYR A 13 1.83 0.88 -0.89
CA TYR A 13 1.21 1.98 -1.62
C TYR A 13 -0.23 1.65 -1.97
N VAL A 14 -1.18 2.32 -1.30
CA VAL A 14 -2.60 2.09 -1.56
C VAL A 14 -3.14 3.11 -2.55
N TYR A 15 -4.10 2.69 -3.37
CA TYR A 15 -4.70 3.57 -4.36
C TYR A 15 -6.21 3.34 -4.43
N ASN A 16 -6.89 4.19 -5.21
CA ASN A 16 -8.34 4.09 -5.37
C ASN A 16 -9.05 4.22 -4.02
N LEU A 17 -8.70 5.27 -3.28
CA LEU A 17 -9.30 5.52 -1.98
C LEU A 17 -10.56 6.37 -2.10
N PRO A 18 -11.50 6.18 -1.15
CA PRO A 18 -12.76 6.93 -1.13
C PRO A 18 -12.56 8.40 -0.78
N ALA A 19 -12.30 9.22 -1.80
CA ALA A 19 -12.09 10.64 -1.61
C ALA A 19 -13.24 11.26 -0.80
N ASN A 20 -14.46 11.00 -1.24
CA ASN A 20 -15.64 11.52 -0.55
C ASN A 20 -15.52 11.36 0.95
N LYS A 21 -15.17 10.14 1.39
CA LYS A 21 -15.02 9.85 2.81
C LYS A 21 -13.91 10.70 3.42
N ASP A 22 -14.28 11.52 4.40
CA ASP A 22 -13.33 12.39 5.06
C ASP A 22 -12.04 11.62 5.40
N GLY A 23 -10.91 12.13 4.89
CA GLY A 23 -9.64 11.49 5.13
C GLY A 23 -9.52 10.95 6.54
N LYS A 24 -10.07 11.69 7.51
CA LYS A 24 -10.03 11.28 8.90
C LYS A 24 -10.62 9.89 9.09
N SER A 25 -11.81 9.68 8.51
CA SER A 25 -12.48 8.39 8.61
C SER A 25 -11.72 7.31 7.86
N VAL A 26 -11.28 7.64 6.64
CA VAL A 26 -10.54 6.70 5.82
C VAL A 26 -9.34 6.13 6.57
N SER A 27 -8.38 6.99 6.89
CA SER A 27 -7.18 6.57 7.60
C SER A 27 -7.53 5.52 8.66
N ASN A 28 -8.28 5.93 9.67
CA ASN A 28 -8.67 5.02 10.74
C ASN A 28 -8.99 3.64 10.19
N ARG A 29 -9.93 3.58 9.25
CA ARG A 29 -10.33 2.32 8.65
C ARG A 29 -9.11 1.50 8.21
N LEU A 30 -8.08 2.20 7.71
CA LEU A 30 -6.87 1.54 7.27
C LEU A 30 -5.98 1.17 8.46
N ARG A 31 -5.91 2.08 9.43
CA ARG A 31 -5.10 1.85 10.63
C ARG A 31 -5.28 0.42 11.13
N ARG A 32 -6.52 -0.01 11.27
CA ARG A 32 -6.83 -1.35 11.75
C ARG A 32 -6.19 -2.40 10.86
N LEU A 33 -6.37 -2.25 9.55
CA LEU A 33 -5.81 -3.20 8.58
C LEU A 33 -4.29 -3.24 8.69
N SER A 34 -3.71 -2.15 9.15
CA SER A 34 -2.26 -2.05 9.31
C SER A 34 -1.82 -2.55 10.68
N ASP A 35 -2.70 -2.40 11.66
CA ASP A 35 -2.40 -2.84 13.03
C ASP A 35 -2.29 -4.36 13.10
N ASN A 36 -3.19 -5.05 12.41
CA ASN A 36 -3.19 -6.51 12.40
C ASN A 36 -2.08 -7.04 11.50
N CYS A 37 -1.79 -6.31 10.43
CA CYS A 37 -0.75 -6.71 9.49
C CYS A 37 0.60 -6.10 9.87
N GLY A 38 0.73 -5.70 11.14
CA GLY A 38 1.96 -5.11 11.61
C GLY A 38 2.44 -3.98 10.72
N GLY A 39 1.75 -2.84 10.80
CA GLY A 39 2.11 -1.70 9.99
C GLY A 39 1.59 -0.40 10.55
N LYS A 40 1.91 0.71 9.88
CA LYS A 40 1.46 2.02 10.33
C LYS A 40 1.28 2.97 9.14
N VAL A 41 0.08 3.52 8.99
CA VAL A 41 -0.21 4.43 7.90
C VAL A 41 0.62 5.71 8.02
N LEU A 42 1.75 5.74 7.32
CA LEU A 42 2.63 6.90 7.35
C LEU A 42 1.86 8.18 6.99
N SER A 43 1.14 8.13 5.88
CA SER A 43 0.36 9.29 5.43
C SER A 43 -0.65 8.88 4.38
N ILE A 44 -1.55 9.80 4.03
CA ILE A 44 -2.57 9.54 3.03
C ILE A 44 -2.75 10.72 2.10
N THR A 45 -2.26 10.58 0.87
CA THR A 45 -2.36 11.64 -0.13
C THR A 45 -3.39 11.29 -1.21
N GLY A 46 -4.22 12.26 -1.55
CA GLY A 46 -5.24 12.04 -2.56
C GLY A 46 -5.93 10.70 -2.40
N CYS A 47 -6.16 10.03 -3.52
CA CYS A 47 -6.84 8.73 -3.51
C CYS A 47 -5.82 7.61 -3.27
N SER A 48 -4.67 7.96 -2.70
CA SER A 48 -3.62 6.99 -2.43
C SER A 48 -3.14 7.10 -0.99
N ALA A 49 -2.38 6.10 -0.53
CA ALA A 49 -1.86 6.09 0.82
C ALA A 49 -0.55 5.32 0.90
N ILE A 50 0.23 5.59 1.94
CA ILE A 50 1.51 4.93 2.12
C ILE A 50 1.64 4.37 3.54
N LEU A 51 1.89 3.07 3.63
CA LEU A 51 2.04 2.41 4.93
C LEU A 51 3.47 1.95 5.14
N ARG A 52 3.85 1.76 6.41
CA ARG A 52 5.19 1.32 6.75
C ARG A 52 5.16 0.00 7.52
N PHE A 53 5.87 -1.00 6.99
CA PHE A 53 5.91 -2.31 7.63
C PHE A 53 7.35 -2.67 8.01
N ILE A 54 7.48 -3.45 9.09
CA ILE A 54 8.79 -3.87 9.57
C ILE A 54 9.55 -4.64 8.49
N ASN A 55 8.84 -5.57 7.83
CA ASN A 55 9.44 -6.37 6.78
C ASN A 55 8.45 -6.63 5.65
N GLN A 56 8.89 -7.32 4.62
CA GLN A 56 8.04 -7.63 3.47
C GLN A 56 6.78 -8.37 3.92
N ASP A 57 6.96 -9.58 4.45
CA ASP A 57 5.85 -10.39 4.92
C ASP A 57 4.74 -9.51 5.49
N SER A 58 5.02 -8.89 6.63
CA SER A 58 4.04 -8.02 7.29
C SER A 58 3.33 -7.15 6.27
N ALA A 59 4.10 -6.51 5.39
CA ALA A 59 3.52 -5.65 4.35
C ALA A 59 2.61 -6.44 3.43
N GLU A 60 3.01 -7.66 3.11
CA GLU A 60 2.23 -8.53 2.22
C GLU A 60 0.82 -8.75 2.79
N ARG A 61 0.75 -9.45 3.91
CA ARG A 61 -0.52 -9.74 4.55
C ARG A 61 -1.50 -8.59 4.36
N ALA A 62 -0.99 -7.36 4.39
CA ALA A 62 -1.81 -6.18 4.21
C ALA A 62 -2.12 -5.94 2.74
N GLN A 63 -1.10 -6.07 1.89
CA GLN A 63 -1.28 -5.87 0.46
C GLN A 63 -2.17 -6.94 -0.14
N LYS A 64 -2.24 -8.09 0.52
CA LYS A 64 -3.06 -9.19 0.06
C LYS A 64 -4.46 -9.12 0.65
N ARG A 65 -4.57 -8.48 1.81
CA ARG A 65 -5.86 -8.34 2.49
C ARG A 65 -6.59 -7.09 2.01
N MET A 66 -5.96 -5.93 2.21
CA MET A 66 -6.56 -4.67 1.80
C MET A 66 -6.96 -4.71 0.33
N GLU A 67 -6.05 -5.16 -0.52
CA GLU A 67 -6.32 -5.24 -1.95
C GLU A 67 -7.74 -5.72 -2.21
N ASN A 68 -8.21 -6.64 -1.38
CA ASN A 68 -9.56 -7.19 -1.52
C ASN A 68 -10.53 -6.48 -0.57
N GLU A 69 -9.98 -5.83 0.45
CA GLU A 69 -10.80 -5.12 1.42
C GLU A 69 -11.42 -3.87 0.80
N ASP A 70 -12.36 -3.26 1.52
CA ASP A 70 -13.04 -2.06 1.04
C ASP A 70 -13.21 -1.05 2.16
N VAL A 71 -12.42 0.02 2.12
CA VAL A 71 -12.48 1.07 3.14
C VAL A 71 -13.92 1.53 3.35
N PHE A 72 -14.57 1.96 2.27
CA PHE A 72 -15.94 2.43 2.35
C PHE A 72 -16.57 2.50 0.96
N GLY A 73 -17.56 1.65 0.72
CA GLY A 73 -18.23 1.63 -0.56
C GLY A 73 -17.27 1.82 -1.72
N ASN A 74 -16.09 1.22 -1.61
CA ASN A 74 -15.08 1.33 -2.65
C ASN A 74 -13.90 0.40 -2.36
N ARG A 75 -13.40 -0.25 -3.41
CA ARG A 75 -12.27 -1.16 -3.27
C ARG A 75 -10.95 -0.42 -3.41
N ILE A 76 -9.99 -0.77 -2.56
CA ILE A 76 -8.67 -0.14 -2.60
C ILE A 76 -7.64 -1.03 -3.30
N ILE A 77 -6.59 -0.42 -3.82
CA ILE A 77 -5.54 -1.17 -4.50
C ILE A 77 -4.20 -0.98 -3.81
N VAL A 78 -3.70 -2.05 -3.20
CA VAL A 78 -2.42 -2.01 -2.50
C VAL A 78 -1.30 -2.58 -3.36
N SER A 79 -0.22 -1.82 -3.51
CA SER A 79 0.92 -2.25 -4.31
C SER A 79 2.23 -1.92 -3.62
N PHE A 80 3.25 -2.71 -3.89
CA PHE A 80 4.57 -2.51 -3.29
C PHE A 80 5.36 -1.45 -4.05
N THR A 81 5.03 -1.28 -5.32
CA THR A 81 5.70 -0.29 -6.17
C THR A 81 4.78 0.87 -6.49
N PRO A 82 5.38 2.03 -6.81
CA PRO A 82 4.63 3.24 -7.16
C PRO A 82 3.93 3.13 -8.50
N LYS A 83 2.83 3.87 -8.66
CA LYS A 83 2.06 3.86 -9.89
C LYS A 83 2.55 4.93 -10.85
N ASN A 84 3.87 4.99 -11.04
CA ASN A 84 4.47 5.98 -11.93
C ASN A 84 5.00 5.31 -13.20
N ARG A 85 4.32 4.24 -13.62
CA ARG A 85 4.72 3.51 -14.82
C ARG A 85 3.59 3.50 -15.85
N GLU A 86 2.37 3.67 -15.37
CA GLU A 86 1.20 3.68 -16.25
C GLU A 86 0.50 5.03 -16.22
N LEU A 87 0.58 5.75 -17.33
CA LEU A 87 -0.05 7.07 -17.43
C LEU A 87 -1.56 6.94 -17.54
N CYS A 88 -2.02 6.17 -18.53
CA CYS A 88 -3.44 5.97 -18.75
C CYS A 88 -3.85 4.55 -18.36
N GLU A 89 -3.24 4.03 -17.30
CA GLU A 89 -3.54 2.69 -16.83
C GLU A 89 -3.39 1.67 -17.96
N THR A 90 -2.33 1.83 -18.75
CA THR A 90 -2.08 0.92 -19.86
C THR A 90 -2.22 -0.53 -19.43
N SER A 91 -3.12 -1.26 -20.08
CA SER A 91 -3.35 -2.67 -19.76
C SER A 91 -2.17 -3.52 -20.19
N GLY A 92 -1.31 -2.95 -21.03
CA GLY A 92 -0.14 -3.68 -21.51
C GLY A 92 -0.45 -5.13 -21.81
N PRO A 93 -1.22 -5.37 -22.88
CA PRO A 93 -1.60 -6.73 -23.29
C PRO A 93 -0.42 -7.52 -23.84
N SER A 94 0.02 -8.52 -23.08
CA SER A 94 1.15 -9.34 -23.49
C SER A 94 0.74 -10.82 -23.54
N SER A 95 1.28 -11.54 -24.52
CA SER A 95 0.97 -12.95 -24.69
C SER A 95 2.17 -13.82 -24.28
N GLY A 96 1.89 -15.07 -23.90
CA GLY A 96 2.94 -15.96 -23.49
C GLY A 96 2.93 -16.23 -22.00
N GLY A 1 12.13 7.67 2.13
CA GLY A 1 13.13 7.37 3.14
C GLY A 1 14.20 8.43 3.22
N SER A 2 14.73 8.63 4.43
CA SER A 2 15.78 9.63 4.64
C SER A 2 17.06 9.24 3.91
N SER A 3 17.92 10.22 3.66
CA SER A 3 19.18 9.98 2.98
C SER A 3 20.23 9.44 3.93
N GLY A 4 20.56 8.16 3.78
CA GLY A 4 21.56 7.54 4.64
C GLY A 4 21.06 6.26 5.27
N SER A 5 20.31 6.39 6.37
CA SER A 5 19.78 5.24 7.07
C SER A 5 18.73 4.52 6.22
N SER A 6 19.18 3.70 5.28
CA SER A 6 18.28 2.97 4.40
C SER A 6 17.33 2.10 5.22
N GLY A 7 17.88 1.15 5.96
CA GLY A 7 17.07 0.27 6.78
C GLY A 7 16.56 -0.92 6.01
N CYS A 8 15.77 -1.77 6.66
CA CYS A 8 15.21 -2.95 6.03
C CYS A 8 13.71 -3.04 6.25
N HIS A 9 13.00 -1.96 5.95
CA HIS A 9 11.55 -1.92 6.12
C HIS A 9 10.84 -2.15 4.78
N THR A 10 9.51 -2.16 4.82
CA THR A 10 8.72 -2.37 3.62
C THR A 10 7.49 -1.47 3.61
N LEU A 11 7.50 -0.47 2.74
CA LEU A 11 6.39 0.47 2.63
C LEU A 11 5.37 -0.01 1.61
N LEU A 12 4.10 0.28 1.88
CA LEU A 12 3.02 -0.13 0.99
C LEU A 12 2.34 1.08 0.35
N TYR A 13 1.86 0.92 -0.87
CA TYR A 13 1.19 1.99 -1.58
C TYR A 13 -0.26 1.64 -1.89
N VAL A 14 -1.19 2.37 -1.28
CA VAL A 14 -2.61 2.13 -1.49
C VAL A 14 -3.19 3.10 -2.51
N TYR A 15 -4.17 2.64 -3.28
CA TYR A 15 -4.81 3.47 -4.29
C TYR A 15 -6.31 3.22 -4.33
N ASN A 16 -7.00 3.97 -5.18
CA ASN A 16 -8.45 3.83 -5.31
C ASN A 16 -9.14 3.99 -3.96
N LEU A 17 -8.88 5.11 -3.30
CA LEU A 17 -9.47 5.39 -2.00
C LEU A 17 -10.68 6.30 -2.14
N PRO A 18 -11.60 6.22 -1.17
CA PRO A 18 -12.82 7.03 -1.15
C PRO A 18 -12.54 8.50 -0.90
N ALA A 19 -12.35 9.26 -1.97
CA ALA A 19 -12.07 10.69 -1.86
C ALA A 19 -13.19 11.41 -1.11
N ASN A 20 -14.44 11.07 -1.43
CA ASN A 20 -15.58 11.69 -0.78
C ASN A 20 -15.52 11.49 0.73
N LYS A 21 -15.30 10.25 1.15
CA LYS A 21 -15.23 9.94 2.57
C LYS A 21 -14.09 10.71 3.24
N ASP A 22 -14.46 11.68 4.08
CA ASP A 22 -13.47 12.50 4.78
C ASP A 22 -12.26 11.66 5.18
N GLY A 23 -11.07 12.15 4.85
CA GLY A 23 -9.85 11.43 5.18
C GLY A 23 -9.85 10.93 6.61
N LYS A 24 -10.18 11.82 7.54
CA LYS A 24 -10.21 11.47 8.96
C LYS A 24 -10.77 10.07 9.16
N SER A 25 -11.95 9.82 8.60
CA SER A 25 -12.60 8.51 8.71
C SER A 25 -11.83 7.46 7.92
N VAL A 26 -11.35 7.84 6.75
CA VAL A 26 -10.60 6.91 5.89
C VAL A 26 -9.41 6.32 6.63
N SER A 27 -8.44 7.17 6.95
CA SER A 27 -7.25 6.72 7.66
C SER A 27 -7.59 5.64 8.69
N ASN A 28 -8.32 6.04 9.73
CA ASN A 28 -8.72 5.11 10.77
C ASN A 28 -8.99 3.72 10.20
N ARG A 29 -9.96 3.64 9.30
CA ARG A 29 -10.31 2.38 8.67
C ARG A 29 -9.05 1.58 8.29
N LEU A 30 -8.12 2.27 7.65
CA LEU A 30 -6.87 1.63 7.22
C LEU A 30 -6.01 1.27 8.42
N ARG A 31 -5.79 2.23 9.31
CA ARG A 31 -4.98 2.02 10.50
C ARG A 31 -5.18 0.61 11.04
N ARG A 32 -6.44 0.21 11.21
CA ARG A 32 -6.75 -1.12 11.71
C ARG A 32 -6.12 -2.20 10.84
N LEU A 33 -6.32 -2.10 9.53
CA LEU A 33 -5.77 -3.06 8.59
C LEU A 33 -4.24 -3.11 8.69
N SER A 34 -3.65 -2.03 9.19
CA SER A 34 -2.20 -1.95 9.33
C SER A 34 -1.76 -2.52 10.68
N ASP A 35 -2.52 -2.21 11.72
CA ASP A 35 -2.21 -2.68 13.07
C ASP A 35 -2.36 -4.19 13.15
N ASN A 36 -3.28 -4.74 12.37
CA ASN A 36 -3.53 -6.17 12.35
C ASN A 36 -2.51 -6.89 11.47
N CYS A 37 -1.94 -6.16 10.52
CA CYS A 37 -0.94 -6.73 9.62
C CYS A 37 0.46 -6.22 9.96
N GLY A 38 0.60 -5.64 11.14
CA GLY A 38 1.89 -5.12 11.56
C GLY A 38 2.36 -3.97 10.69
N GLY A 39 1.66 -2.84 10.77
CA GLY A 39 2.02 -1.69 9.98
C GLY A 39 1.48 -0.39 10.56
N LYS A 40 1.83 0.73 9.93
CA LYS A 40 1.38 2.03 10.39
C LYS A 40 1.24 3.00 9.22
N VAL A 41 0.01 3.45 8.97
CA VAL A 41 -0.25 4.38 7.88
C VAL A 41 0.58 5.65 8.02
N LEU A 42 1.71 5.69 7.31
CA LEU A 42 2.59 6.84 7.36
C LEU A 42 1.84 8.13 7.03
N SER A 43 1.18 8.14 5.88
CA SER A 43 0.42 9.31 5.45
C SER A 43 -0.66 8.91 4.44
N ILE A 44 -1.47 9.89 4.05
CA ILE A 44 -2.54 9.64 3.08
C ILE A 44 -2.70 10.82 2.13
N THR A 45 -2.31 10.63 0.88
CA THR A 45 -2.41 11.67 -0.13
C THR A 45 -3.47 11.33 -1.18
N GLY A 46 -4.29 12.30 -1.54
CA GLY A 46 -5.32 12.08 -2.53
C GLY A 46 -6.06 10.77 -2.32
N CYS A 47 -6.21 10.00 -3.39
CA CYS A 47 -6.90 8.72 -3.32
C CYS A 47 -5.91 7.58 -3.06
N SER A 48 -4.73 7.94 -2.56
CA SER A 48 -3.70 6.95 -2.28
C SER A 48 -3.20 7.08 -0.83
N ALA A 49 -2.40 6.11 -0.40
CA ALA A 49 -1.86 6.11 0.95
C ALA A 49 -0.54 5.36 1.02
N ILE A 50 0.24 5.63 2.05
CA ILE A 50 1.54 4.99 2.23
C ILE A 50 1.69 4.45 3.65
N LEU A 51 1.93 3.15 3.76
CA LEU A 51 2.11 2.51 5.06
C LEU A 51 3.57 2.14 5.30
N ARG A 52 3.87 1.71 6.52
CA ARG A 52 5.24 1.32 6.88
C ARG A 52 5.25 -0.01 7.62
N PHE A 53 5.82 -1.03 6.98
CA PHE A 53 5.89 -2.36 7.58
C PHE A 53 7.33 -2.70 7.96
N ILE A 54 7.47 -3.49 9.03
CA ILE A 54 8.79 -3.90 9.50
C ILE A 54 9.53 -4.72 8.44
N ASN A 55 8.79 -5.58 7.76
CA ASN A 55 9.36 -6.42 6.71
C ASN A 55 8.32 -6.76 5.65
N GLN A 56 8.80 -7.21 4.49
CA GLN A 56 7.92 -7.57 3.38
C GLN A 56 6.76 -8.44 3.88
N ASP A 57 7.09 -9.61 4.41
CA ASP A 57 6.08 -10.53 4.92
C ASP A 57 4.91 -9.77 5.53
N SER A 58 5.20 -8.97 6.55
CA SER A 58 4.16 -8.19 7.23
C SER A 58 3.43 -7.30 6.24
N ALA A 59 4.16 -6.76 5.27
CA ALA A 59 3.58 -5.88 4.27
C ALA A 59 2.71 -6.67 3.28
N GLU A 60 3.04 -7.96 3.13
CA GLU A 60 2.29 -8.82 2.22
C GLU A 60 0.90 -9.11 2.76
N ARG A 61 0.84 -9.81 3.89
CA ARG A 61 -0.42 -10.16 4.51
C ARG A 61 -1.42 -9.01 4.40
N ALA A 62 -0.90 -7.79 4.33
CA ALA A 62 -1.74 -6.61 4.22
C ALA A 62 -2.04 -6.28 2.76
N GLN A 63 -1.02 -6.39 1.91
CA GLN A 63 -1.18 -6.10 0.49
C GLN A 63 -2.13 -7.10 -0.17
N LYS A 64 -2.17 -8.31 0.37
CA LYS A 64 -3.05 -9.35 -0.15
C LYS A 64 -4.45 -9.24 0.42
N ARG A 65 -4.55 -8.58 1.58
CA ARG A 65 -5.84 -8.39 2.23
C ARG A 65 -6.52 -7.10 1.76
N MET A 66 -5.89 -5.97 2.08
CA MET A 66 -6.42 -4.68 1.69
C MET A 66 -6.89 -4.69 0.24
N GLU A 67 -6.05 -5.21 -0.65
CA GLU A 67 -6.38 -5.28 -2.07
C GLU A 67 -7.83 -5.69 -2.26
N ASN A 68 -8.33 -6.53 -1.37
CA ASN A 68 -9.72 -6.99 -1.44
C ASN A 68 -10.60 -6.24 -0.46
N GLU A 69 -9.98 -5.62 0.54
CA GLU A 69 -10.70 -4.85 1.54
C GLU A 69 -11.35 -3.61 0.93
N ASP A 70 -12.54 -3.27 1.41
CA ASP A 70 -13.25 -2.10 0.91
C ASP A 70 -13.38 -1.03 2.00
N VAL A 71 -12.46 -0.09 2.00
CA VAL A 71 -12.47 0.99 2.98
C VAL A 71 -13.87 1.53 3.21
N PHE A 72 -14.56 1.83 2.11
CA PHE A 72 -15.93 2.35 2.18
C PHE A 72 -16.64 2.20 0.83
N GLY A 73 -17.63 1.31 0.79
CA GLY A 73 -18.37 1.10 -0.43
C GLY A 73 -17.49 1.19 -1.67
N ASN A 74 -16.22 0.84 -1.51
CA ASN A 74 -15.27 0.89 -2.62
C ASN A 74 -14.07 -0.01 -2.34
N ARG A 75 -13.48 -0.56 -3.40
CA ARG A 75 -12.33 -1.43 -3.28
C ARG A 75 -11.03 -0.64 -3.46
N ILE A 76 -10.03 -0.97 -2.64
CA ILE A 76 -8.75 -0.30 -2.70
C ILE A 76 -7.68 -1.19 -3.34
N ILE A 77 -6.64 -0.57 -3.87
CA ILE A 77 -5.56 -1.32 -4.51
C ILE A 77 -4.24 -1.10 -3.78
N VAL A 78 -3.60 -2.19 -3.38
CA VAL A 78 -2.33 -2.12 -2.67
C VAL A 78 -1.19 -2.64 -3.53
N SER A 79 -0.15 -1.83 -3.69
CA SER A 79 1.01 -2.20 -4.50
C SER A 79 2.31 -1.81 -3.79
N PHE A 80 3.36 -2.58 -4.05
CA PHE A 80 4.67 -2.32 -3.45
C PHE A 80 5.41 -1.24 -4.21
N THR A 81 5.05 -1.05 -5.48
CA THR A 81 5.68 -0.05 -6.32
C THR A 81 4.71 1.07 -6.68
N PRO A 82 5.26 2.24 -7.04
CA PRO A 82 4.46 3.40 -7.41
C PRO A 82 3.73 3.21 -8.75
N LYS A 83 2.51 3.74 -8.83
CA LYS A 83 1.72 3.62 -10.04
C LYS A 83 1.72 4.93 -10.82
N ASN A 84 2.90 5.55 -10.91
CA ASN A 84 3.05 6.81 -11.63
C ASN A 84 2.70 6.64 -13.10
N ARG A 85 3.19 5.54 -13.69
CA ARG A 85 2.93 5.27 -15.10
C ARG A 85 2.43 3.83 -15.29
N GLU A 86 1.46 3.66 -16.18
CA GLU A 86 0.90 2.35 -16.45
C GLU A 86 0.83 2.08 -17.95
N LEU A 87 1.09 0.83 -18.33
CA LEU A 87 1.06 0.44 -19.73
C LEU A 87 0.57 -1.00 -19.89
N CYS A 88 0.33 -1.40 -21.13
CA CYS A 88 -0.13 -2.76 -21.42
C CYS A 88 0.28 -3.20 -22.81
N GLU A 89 0.60 -4.48 -22.96
CA GLU A 89 1.03 -5.02 -24.25
C GLU A 89 0.18 -6.23 -24.63
N THR A 90 0.01 -7.16 -23.69
CA THR A 90 -0.77 -8.36 -23.94
C THR A 90 -2.02 -8.37 -23.07
N SER A 91 -3.17 -8.05 -23.68
CA SER A 91 -4.43 -8.04 -22.96
C SER A 91 -4.52 -9.20 -21.98
N GLY A 92 -4.58 -10.42 -22.52
CA GLY A 92 -4.66 -11.59 -21.68
C GLY A 92 -6.09 -12.10 -21.53
N PRO A 93 -6.54 -12.92 -22.49
CA PRO A 93 -7.88 -13.49 -22.48
C PRO A 93 -8.08 -14.52 -21.37
N SER A 94 -9.20 -14.42 -20.67
CA SER A 94 -9.51 -15.33 -19.58
C SER A 94 -10.88 -15.98 -19.77
N SER A 95 -11.90 -15.14 -19.93
CA SER A 95 -13.26 -15.63 -20.12
C SER A 95 -13.31 -16.68 -21.24
N GLY A 96 -12.92 -16.27 -22.44
CA GLY A 96 -12.93 -17.18 -23.56
C GLY A 96 -14.02 -16.86 -24.56
N GLY A 1 10.01 -11.39 -12.55
CA GLY A 1 10.19 -10.03 -12.99
C GLY A 1 11.01 -9.20 -12.02
N SER A 2 12.01 -8.49 -12.54
CA SER A 2 12.87 -7.67 -11.71
C SER A 2 12.05 -6.83 -10.73
N SER A 3 12.73 -6.23 -9.76
CA SER A 3 12.07 -5.40 -8.77
C SER A 3 13.09 -4.65 -7.91
N GLY A 4 12.80 -3.38 -7.63
CA GLY A 4 13.70 -2.57 -6.82
C GLY A 4 13.34 -2.60 -5.35
N SER A 5 13.88 -3.56 -4.62
CA SER A 5 13.62 -3.70 -3.19
C SER A 5 14.83 -3.29 -2.37
N SER A 6 14.74 -2.12 -1.73
CA SER A 6 15.82 -1.61 -0.91
C SER A 6 15.32 -1.22 0.47
N GLY A 7 16.24 -1.21 1.45
CA GLY A 7 15.87 -0.84 2.81
C GLY A 7 15.31 -2.02 3.58
N CYS A 8 15.39 -1.94 4.91
CA CYS A 8 14.88 -3.00 5.77
C CYS A 8 13.36 -2.97 5.85
N HIS A 9 12.82 -1.79 6.14
CA HIS A 9 11.37 -1.62 6.24
C HIS A 9 10.72 -1.76 4.87
N THR A 10 9.43 -2.12 4.87
CA THR A 10 8.68 -2.29 3.64
C THR A 10 7.44 -1.40 3.62
N LEU A 11 7.45 -0.40 2.75
CA LEU A 11 6.33 0.52 2.63
C LEU A 11 5.34 0.05 1.56
N LEU A 12 4.05 0.27 1.82
CA LEU A 12 3.01 -0.13 0.87
C LEU A 12 2.36 1.08 0.23
N TYR A 13 1.80 0.88 -0.95
CA TYR A 13 1.15 1.96 -1.67
C TYR A 13 -0.30 1.60 -2.00
N VAL A 14 -1.24 2.30 -1.37
CA VAL A 14 -2.65 2.05 -1.59
C VAL A 14 -3.24 3.04 -2.59
N TYR A 15 -4.23 2.59 -3.36
CA TYR A 15 -4.86 3.44 -4.36
C TYR A 15 -6.36 3.19 -4.41
N ASN A 16 -7.08 4.04 -5.14
CA ASN A 16 -8.53 3.91 -5.26
C ASN A 16 -9.22 4.09 -3.92
N LEU A 17 -8.88 5.18 -3.23
CA LEU A 17 -9.46 5.46 -1.92
C LEU A 17 -10.73 6.31 -2.07
N PRO A 18 -11.65 6.15 -1.10
CA PRO A 18 -12.92 6.89 -1.09
C PRO A 18 -12.72 8.37 -0.81
N ALA A 19 -12.45 9.14 -1.86
CA ALA A 19 -12.24 10.58 -1.71
C ALA A 19 -13.34 11.21 -0.88
N ASN A 20 -14.59 10.89 -1.19
CA ASN A 20 -15.73 11.42 -0.47
C ASN A 20 -15.57 11.22 1.04
N LYS A 21 -15.15 10.02 1.43
CA LYS A 21 -14.94 9.70 2.83
C LYS A 21 -13.84 10.56 3.43
N ASP A 22 -14.23 11.57 4.20
CA ASP A 22 -13.26 12.46 4.84
C ASP A 22 -12.00 11.71 5.24
N GLY A 23 -10.86 12.18 4.75
CA GLY A 23 -9.60 11.53 5.07
C GLY A 23 -9.53 11.07 6.51
N LYS A 24 -9.88 11.95 7.44
CA LYS A 24 -9.87 11.63 8.86
C LYS A 24 -10.51 10.27 9.11
N SER A 25 -11.69 10.07 8.56
CA SER A 25 -12.42 8.81 8.72
C SER A 25 -11.71 7.68 8.00
N VAL A 26 -11.29 7.94 6.77
CA VAL A 26 -10.60 6.95 5.96
C VAL A 26 -9.42 6.34 6.72
N SER A 27 -8.43 7.16 7.03
CA SER A 27 -7.26 6.70 7.76
C SER A 27 -7.63 5.66 8.81
N ASN A 28 -8.37 6.10 9.83
CA ASN A 28 -8.80 5.21 10.89
C ASN A 28 -9.10 3.81 10.35
N ARG A 29 -10.05 3.73 9.43
CA ARG A 29 -10.43 2.46 8.84
C ARG A 29 -9.20 1.64 8.48
N LEU A 30 -8.23 2.29 7.84
CA LEU A 30 -7.00 1.63 7.44
C LEU A 30 -6.15 1.26 8.65
N ARG A 31 -5.94 2.23 9.53
CA ARG A 31 -5.14 2.02 10.74
C ARG A 31 -5.35 0.61 11.28
N ARG A 32 -6.61 0.21 11.42
CA ARG A 32 -6.96 -1.11 11.92
C ARG A 32 -6.38 -2.20 11.03
N LEU A 33 -6.56 -2.04 9.72
CA LEU A 33 -6.07 -3.02 8.76
C LEU A 33 -4.54 -3.09 8.80
N SER A 34 -3.91 -2.02 9.27
CA SER A 34 -2.46 -1.96 9.36
C SER A 34 -1.98 -2.53 10.70
N ASP A 35 -2.75 -2.28 11.75
CA ASP A 35 -2.40 -2.78 13.07
C ASP A 35 -2.42 -4.30 13.12
N ASN A 36 -3.40 -4.89 12.44
CA ASN A 36 -3.54 -6.34 12.41
C ASN A 36 -2.45 -6.97 11.54
N CYS A 37 -2.07 -6.26 10.48
CA CYS A 37 -1.05 -6.74 9.56
C CYS A 37 0.31 -6.10 9.88
N GLY A 38 0.53 -5.82 11.16
CA GLY A 38 1.79 -5.21 11.57
C GLY A 38 2.22 -4.08 10.64
N GLY A 39 1.50 -2.95 10.72
CA GLY A 39 1.82 -1.82 9.88
C GLY A 39 1.30 -0.52 10.45
N LYS A 40 1.66 0.60 9.81
CA LYS A 40 1.22 1.91 10.25
C LYS A 40 1.13 2.88 9.08
N VAL A 41 -0.09 3.32 8.78
CA VAL A 41 -0.32 4.25 7.68
C VAL A 41 0.43 5.55 7.90
N LEU A 42 1.64 5.64 7.36
CA LEU A 42 2.46 6.84 7.50
C LEU A 42 1.66 8.09 7.16
N SER A 43 1.12 8.14 5.95
CA SER A 43 0.33 9.28 5.50
C SER A 43 -0.66 8.86 4.41
N ILE A 44 -1.57 9.77 4.07
CA ILE A 44 -2.57 9.50 3.05
C ILE A 44 -2.73 10.68 2.11
N THR A 45 -2.21 10.54 0.89
CA THR A 45 -2.29 11.61 -0.10
C THR A 45 -3.34 11.29 -1.15
N GLY A 46 -4.12 12.30 -1.53
CA GLY A 46 -5.15 12.10 -2.54
C GLY A 46 -5.83 10.75 -2.42
N CYS A 47 -6.06 10.11 -3.55
CA CYS A 47 -6.71 8.81 -3.57
C CYS A 47 -5.69 7.68 -3.37
N SER A 48 -4.65 7.98 -2.59
CA SER A 48 -3.60 7.00 -2.32
C SER A 48 -3.08 7.14 -0.89
N ALA A 49 -2.37 6.13 -0.42
CA ALA A 49 -1.81 6.14 0.92
C ALA A 49 -0.51 5.34 0.98
N ILE A 50 0.30 5.62 2.01
CA ILE A 50 1.56 4.93 2.19
C ILE A 50 1.71 4.40 3.60
N LEU A 51 1.84 3.08 3.72
CA LEU A 51 1.98 2.43 5.02
C LEU A 51 3.43 2.04 5.27
N ARG A 52 3.73 1.69 6.52
CA ARG A 52 5.09 1.28 6.89
C ARG A 52 5.08 -0.05 7.62
N PHE A 53 5.67 -1.07 7.01
CA PHE A 53 5.72 -2.40 7.60
C PHE A 53 7.15 -2.76 7.97
N ILE A 54 7.30 -3.53 9.04
CA ILE A 54 8.62 -3.97 9.51
C ILE A 54 9.42 -4.58 8.37
N ASN A 55 8.83 -5.56 7.70
CA ASN A 55 9.49 -6.24 6.59
C ASN A 55 8.49 -6.61 5.51
N GLN A 56 9.00 -7.13 4.38
CA GLN A 56 8.14 -7.52 3.27
C GLN A 56 6.98 -8.38 3.76
N ASP A 57 7.29 -9.58 4.24
CA ASP A 57 6.27 -10.50 4.73
C ASP A 57 5.13 -9.73 5.38
N SER A 58 5.44 -9.00 6.45
CA SER A 58 4.43 -8.23 7.17
C SER A 58 3.61 -7.38 6.20
N ALA A 59 4.29 -6.73 5.28
CA ALA A 59 3.61 -5.89 4.29
C ALA A 59 2.70 -6.72 3.40
N GLU A 60 3.20 -7.84 2.92
CA GLU A 60 2.43 -8.72 2.05
C GLU A 60 1.07 -9.04 2.67
N ARG A 61 1.09 -9.71 3.82
CA ARG A 61 -0.14 -10.08 4.51
C ARG A 61 -1.14 -8.92 4.49
N ALA A 62 -0.62 -7.70 4.41
CA ALA A 62 -1.47 -6.52 4.37
C ALA A 62 -1.76 -6.09 2.95
N GLN A 63 -0.84 -6.40 2.04
CA GLN A 63 -1.00 -6.04 0.63
C GLN A 63 -1.91 -7.03 -0.07
N LYS A 64 -2.03 -8.23 0.48
CA LYS A 64 -2.88 -9.27 -0.09
C LYS A 64 -4.28 -9.21 0.49
N ARG A 65 -4.41 -8.61 1.66
CA ARG A 65 -5.71 -8.48 2.31
C ARG A 65 -6.40 -7.18 1.91
N MET A 66 -5.61 -6.13 1.72
CA MET A 66 -6.15 -4.83 1.33
C MET A 66 -6.53 -4.82 -0.15
N GLU A 67 -5.80 -5.59 -0.95
CA GLU A 67 -6.07 -5.67 -2.38
C GLU A 67 -7.56 -5.80 -2.65
N ASN A 68 -8.24 -6.59 -1.82
CA ASN A 68 -9.67 -6.81 -1.96
C ASN A 68 -10.45 -5.95 -0.97
N GLU A 69 -9.86 -5.71 0.19
CA GLU A 69 -10.50 -4.90 1.23
C GLU A 69 -11.06 -3.62 0.65
N ASP A 70 -12.16 -3.14 1.23
CA ASP A 70 -12.80 -1.92 0.77
C ASP A 70 -13.03 -0.95 1.93
N VAL A 71 -12.22 0.10 1.98
CA VAL A 71 -12.32 1.09 3.04
C VAL A 71 -13.78 1.47 3.30
N PHE A 72 -14.53 1.69 2.22
CA PHE A 72 -15.94 2.06 2.32
C PHE A 72 -16.64 1.90 0.98
N GLY A 73 -17.46 0.86 0.87
CA GLY A 73 -18.17 0.61 -0.37
C GLY A 73 -17.32 0.83 -1.60
N ASN A 74 -16.05 0.43 -1.51
CA ASN A 74 -15.13 0.59 -2.62
C ASN A 74 -13.83 -0.16 -2.36
N ARG A 75 -13.51 -1.10 -3.24
CA ARG A 75 -12.28 -1.88 -3.11
C ARG A 75 -11.05 -1.04 -3.40
N ILE A 76 -10.02 -1.19 -2.57
CA ILE A 76 -8.78 -0.44 -2.74
C ILE A 76 -7.69 -1.32 -3.33
N ILE A 77 -6.73 -0.68 -4.01
CA ILE A 77 -5.63 -1.40 -4.63
C ILE A 77 -4.33 -1.17 -3.88
N VAL A 78 -3.62 -2.25 -3.58
CA VAL A 78 -2.34 -2.15 -2.86
C VAL A 78 -1.19 -2.66 -3.73
N SER A 79 -0.16 -1.83 -3.87
CA SER A 79 1.01 -2.20 -4.66
C SER A 79 2.29 -1.80 -3.96
N PHE A 80 3.36 -2.56 -4.21
CA PHE A 80 4.65 -2.29 -3.59
C PHE A 80 5.39 -1.17 -4.34
N THR A 81 5.06 -1.01 -5.61
CA THR A 81 5.68 0.03 -6.44
C THR A 81 4.72 1.17 -6.71
N PRO A 82 5.27 2.36 -7.01
CA PRO A 82 4.47 3.55 -7.30
C PRO A 82 3.75 3.45 -8.64
N LYS A 83 2.66 4.20 -8.78
CA LYS A 83 1.88 4.20 -10.01
C LYS A 83 2.26 5.38 -10.89
N ASN A 84 2.57 6.51 -10.27
CA ASN A 84 2.95 7.71 -10.99
C ASN A 84 4.00 7.39 -12.06
N ARG A 85 5.09 6.79 -11.64
CA ARG A 85 6.17 6.43 -12.56
C ARG A 85 6.71 5.03 -12.24
N GLU A 86 7.17 4.34 -13.27
CA GLU A 86 7.71 2.99 -13.10
C GLU A 86 9.07 2.86 -13.78
N LEU A 87 9.97 2.12 -13.16
CA LEU A 87 11.31 1.93 -13.71
C LEU A 87 11.70 0.45 -13.67
N CYS A 88 11.28 -0.24 -12.61
CA CYS A 88 11.59 -1.66 -12.45
C CYS A 88 12.96 -1.99 -13.02
N GLU A 89 13.96 -1.21 -12.63
CA GLU A 89 15.33 -1.43 -13.11
C GLU A 89 16.34 -0.86 -12.11
N THR A 90 17.37 -1.64 -11.82
CA THR A 90 18.41 -1.22 -10.89
C THR A 90 19.79 -1.32 -11.53
N SER A 91 20.37 -0.17 -11.85
CA SER A 91 21.69 -0.13 -12.47
C SER A 91 22.79 -0.19 -11.42
N GLY A 92 23.28 -1.40 -11.16
CA GLY A 92 24.33 -1.58 -10.18
C GLY A 92 24.17 -2.86 -9.38
N PRO A 93 24.78 -2.90 -8.19
CA PRO A 93 24.71 -4.07 -7.30
C PRO A 93 23.33 -4.27 -6.70
N SER A 94 22.86 -5.51 -6.70
CA SER A 94 21.55 -5.83 -6.15
C SER A 94 21.68 -6.64 -4.86
N SER A 95 21.27 -6.03 -3.75
CA SER A 95 21.33 -6.69 -2.46
C SER A 95 20.21 -7.71 -2.30
N GLY A 96 20.58 -8.98 -2.18
CA GLY A 96 19.60 -10.03 -2.03
C GLY A 96 19.97 -11.29 -2.77
N GLY A 1 13.76 -6.31 -0.33
CA GLY A 1 13.29 -5.48 -1.43
C GLY A 1 13.98 -5.79 -2.73
N SER A 2 13.73 -4.98 -3.75
CA SER A 2 14.33 -5.18 -5.06
C SER A 2 15.84 -5.40 -4.94
N SER A 3 16.51 -4.51 -4.22
CA SER A 3 17.94 -4.61 -4.02
C SER A 3 18.30 -5.78 -3.11
N GLY A 4 17.78 -5.74 -1.88
CA GLY A 4 18.05 -6.80 -0.93
C GLY A 4 17.23 -6.65 0.34
N SER A 5 17.25 -7.69 1.17
CA SER A 5 16.50 -7.68 2.43
C SER A 5 17.44 -7.74 3.62
N SER A 6 18.02 -6.59 3.99
CA SER A 6 18.94 -6.51 5.10
C SER A 6 18.35 -5.70 6.25
N GLY A 7 17.51 -6.35 7.05
CA GLY A 7 16.89 -5.67 8.17
C GLY A 7 16.34 -4.30 7.79
N CYS A 8 15.62 -4.25 6.67
CA CYS A 8 15.04 -2.99 6.20
C CYS A 8 13.53 -2.98 6.41
N HIS A 9 12.90 -1.89 5.99
CA HIS A 9 11.45 -1.75 6.14
C HIS A 9 10.74 -1.93 4.80
N THR A 10 9.44 -2.16 4.83
CA THR A 10 8.65 -2.36 3.62
C THR A 10 7.44 -1.44 3.60
N LEU A 11 7.48 -0.44 2.73
CA LEU A 11 6.37 0.52 2.60
C LEU A 11 5.36 0.04 1.57
N LEU A 12 4.09 0.29 1.86
CA LEU A 12 3.01 -0.11 0.95
C LEU A 12 2.36 1.11 0.31
N TYR A 13 1.77 0.91 -0.87
CA TYR A 13 1.12 2.00 -1.58
C TYR A 13 -0.34 1.64 -1.90
N VAL A 14 -1.28 2.34 -1.27
CA VAL A 14 -2.70 2.10 -1.49
C VAL A 14 -3.26 3.04 -2.55
N TYR A 15 -4.24 2.56 -3.31
CA TYR A 15 -4.86 3.36 -4.35
C TYR A 15 -6.36 3.12 -4.40
N ASN A 16 -7.06 3.90 -5.20
CA ASN A 16 -8.51 3.78 -5.34
C ASN A 16 -9.20 3.99 -4.00
N LEU A 17 -8.88 5.10 -3.35
CA LEU A 17 -9.48 5.42 -2.05
C LEU A 17 -10.67 6.35 -2.22
N PRO A 18 -11.61 6.28 -1.27
CA PRO A 18 -12.82 7.12 -1.29
C PRO A 18 -12.51 8.58 -1.01
N ALA A 19 -12.22 9.34 -2.07
CA ALA A 19 -11.91 10.76 -1.93
C ALA A 19 -13.00 11.48 -1.15
N ASN A 20 -14.26 11.12 -1.40
CA ASN A 20 -15.39 11.74 -0.73
C ASN A 20 -15.30 11.52 0.78
N LYS A 21 -15.05 10.27 1.17
CA LYS A 21 -14.94 9.92 2.58
C LYS A 21 -13.83 10.73 3.26
N ASP A 22 -14.23 11.63 4.15
CA ASP A 22 -13.27 12.46 4.87
C ASP A 22 -12.06 11.64 5.31
N GLY A 23 -10.86 12.19 5.06
CA GLY A 23 -9.65 11.49 5.43
C GLY A 23 -9.71 10.89 6.83
N LYS A 24 -10.00 11.74 7.81
CA LYS A 24 -10.10 11.29 9.20
C LYS A 24 -10.74 9.91 9.28
N SER A 25 -11.84 9.73 8.56
CA SER A 25 -12.55 8.46 8.56
C SER A 25 -11.76 7.40 7.82
N VAL A 26 -11.34 7.72 6.59
CA VAL A 26 -10.57 6.80 5.77
C VAL A 26 -9.39 6.22 6.55
N SER A 27 -8.43 7.08 6.89
CA SER A 27 -7.25 6.65 7.63
C SER A 27 -7.61 5.56 8.63
N ASN A 28 -8.36 5.93 9.67
CA ASN A 28 -8.77 4.98 10.69
C ASN A 28 -9.02 3.59 10.08
N ARG A 29 -9.95 3.53 9.15
CA ARG A 29 -10.28 2.27 8.49
C ARG A 29 -9.02 1.50 8.11
N LEU A 30 -8.06 2.21 7.54
CA LEU A 30 -6.80 1.60 7.14
C LEU A 30 -5.95 1.23 8.34
N ARG A 31 -5.79 2.19 9.27
CA ARG A 31 -5.00 1.96 10.47
C ARG A 31 -5.22 0.55 11.00
N ARG A 32 -6.48 0.15 11.11
CA ARG A 32 -6.82 -1.18 11.61
C ARG A 32 -6.16 -2.26 10.76
N LEU A 33 -6.33 -2.17 9.44
CA LEU A 33 -5.74 -3.14 8.53
C LEU A 33 -4.22 -3.16 8.65
N SER A 34 -3.66 -2.09 9.17
CA SER A 34 -2.21 -1.98 9.34
C SER A 34 -1.78 -2.52 10.70
N ASP A 35 -2.59 -2.25 11.72
CA ASP A 35 -2.30 -2.70 13.07
C ASP A 35 -2.25 -4.23 13.12
N ASN A 36 -3.21 -4.87 12.47
CA ASN A 36 -3.28 -6.32 12.44
C ASN A 36 -2.17 -6.91 11.57
N CYS A 37 -1.86 -6.22 10.49
CA CYS A 37 -0.80 -6.67 9.57
C CYS A 37 0.51 -5.98 9.88
N GLY A 38 0.74 -5.69 11.15
CA GLY A 38 1.97 -5.03 11.56
C GLY A 38 2.35 -3.90 10.63
N GLY A 39 1.66 -2.77 10.75
CA GLY A 39 1.95 -1.63 9.90
C GLY A 39 1.42 -0.33 10.48
N LYS A 40 1.82 0.79 9.87
CA LYS A 40 1.38 2.10 10.33
C LYS A 40 1.25 3.07 9.17
N VAL A 41 0.03 3.54 8.92
CA VAL A 41 -0.24 4.47 7.83
C VAL A 41 0.59 5.74 7.99
N LEU A 42 1.73 5.79 7.32
CA LEU A 42 2.61 6.95 7.39
C LEU A 42 1.86 8.23 7.03
N SER A 43 1.20 8.22 5.87
CA SER A 43 0.45 9.37 5.41
C SER A 43 -0.60 8.96 4.37
N ILE A 44 -1.51 9.87 4.07
CA ILE A 44 -2.56 9.60 3.09
C ILE A 44 -2.72 10.77 2.13
N THR A 45 -2.21 10.61 0.91
CA THR A 45 -2.29 11.66 -0.10
C THR A 45 -3.33 11.31 -1.16
N GLY A 46 -4.12 12.30 -1.55
CA GLY A 46 -5.14 12.09 -2.56
C GLY A 46 -5.86 10.76 -2.38
N CYS A 47 -6.09 10.05 -3.47
CA CYS A 47 -6.79 8.77 -3.43
C CYS A 47 -5.80 7.63 -3.18
N SER A 48 -4.65 7.97 -2.60
CA SER A 48 -3.62 6.98 -2.31
C SER A 48 -3.18 7.06 -0.85
N ALA A 49 -2.37 6.10 -0.42
CA ALA A 49 -1.87 6.06 0.95
C ALA A 49 -0.55 5.31 1.03
N ILE A 50 0.25 5.64 2.03
CA ILE A 50 1.55 4.99 2.23
C ILE A 50 1.68 4.44 3.64
N LEU A 51 1.96 3.15 3.75
CA LEU A 51 2.12 2.50 5.05
C LEU A 51 3.57 2.11 5.28
N ARG A 52 3.88 1.75 6.53
CA ARG A 52 5.24 1.35 6.89
C ARG A 52 5.23 0.01 7.62
N PHE A 53 5.82 -1.00 6.99
CA PHE A 53 5.88 -2.33 7.58
C PHE A 53 7.32 -2.69 7.95
N ILE A 54 7.46 -3.55 8.97
CA ILE A 54 8.78 -3.98 9.42
C ILE A 54 9.51 -4.74 8.33
N ASN A 55 8.80 -5.69 7.71
CA ASN A 55 9.39 -6.49 6.64
C ASN A 55 8.37 -6.78 5.55
N GLN A 56 8.83 -7.35 4.44
CA GLN A 56 7.96 -7.68 3.32
C GLN A 56 6.76 -8.49 3.79
N ASP A 57 7.03 -9.59 4.48
CA ASP A 57 5.97 -10.45 5.00
C ASP A 57 4.82 -9.62 5.57
N SER A 58 5.07 -8.99 6.71
CA SER A 58 4.06 -8.17 7.36
C SER A 58 3.31 -7.31 6.35
N ALA A 59 4.06 -6.78 5.38
CA ALA A 59 3.46 -5.94 4.33
C ALA A 59 2.54 -6.76 3.44
N GLU A 60 2.96 -7.97 3.10
CA GLU A 60 2.17 -8.84 2.24
C GLU A 60 0.77 -9.04 2.81
N ARG A 61 0.68 -9.72 3.95
CA ARG A 61 -0.60 -9.97 4.59
C ARG A 61 -1.49 -8.74 4.53
N ALA A 62 -0.88 -7.57 4.39
CA ALA A 62 -1.63 -6.32 4.32
C ALA A 62 -1.93 -5.95 2.87
N GLN A 63 -0.98 -6.23 1.98
CA GLN A 63 -1.14 -5.93 0.56
C GLN A 63 -2.17 -6.85 -0.07
N LYS A 64 -2.12 -8.13 0.29
CA LYS A 64 -3.05 -9.11 -0.25
C LYS A 64 -4.44 -8.94 0.36
N ARG A 65 -4.49 -8.50 1.61
CA ARG A 65 -5.75 -8.29 2.30
C ARG A 65 -6.44 -7.02 1.81
N MET A 66 -5.82 -5.87 2.07
CA MET A 66 -6.38 -4.59 1.64
C MET A 66 -6.84 -4.66 0.20
N GLU A 67 -5.93 -5.01 -0.70
CA GLU A 67 -6.24 -5.10 -2.13
C GLU A 67 -7.64 -5.70 -2.33
N ASN A 68 -8.04 -6.58 -1.42
CA ASN A 68 -9.33 -7.23 -1.50
C ASN A 68 -10.33 -6.56 -0.55
N GLU A 69 -9.81 -5.93 0.50
CA GLU A 69 -10.66 -5.25 1.48
C GLU A 69 -11.42 -4.09 0.84
N ASP A 70 -12.42 -3.58 1.55
CA ASP A 70 -13.22 -2.47 1.05
C ASP A 70 -13.25 -1.33 2.06
N VAL A 71 -12.30 -0.40 1.93
CA VAL A 71 -12.22 0.74 2.83
C VAL A 71 -13.61 1.25 3.19
N PHE A 72 -14.40 1.58 2.17
CA PHE A 72 -15.75 2.09 2.38
C PHE A 72 -16.58 1.99 1.11
N GLY A 73 -17.50 1.02 1.08
CA GLY A 73 -18.34 0.84 -0.09
C GLY A 73 -17.56 0.92 -1.38
N ASN A 74 -16.26 0.69 -1.30
CA ASN A 74 -15.40 0.75 -2.48
C ASN A 74 -14.11 -0.04 -2.26
N ARG A 75 -13.73 -0.85 -3.23
CA ARG A 75 -12.53 -1.67 -3.14
C ARG A 75 -11.28 -0.79 -3.28
N ILE A 76 -10.18 -1.24 -2.67
CA ILE A 76 -8.93 -0.50 -2.72
C ILE A 76 -7.80 -1.38 -3.27
N ILE A 77 -6.79 -0.73 -3.85
CA ILE A 77 -5.65 -1.46 -4.41
C ILE A 77 -4.39 -1.21 -3.58
N VAL A 78 -3.55 -2.24 -3.47
CA VAL A 78 -2.31 -2.14 -2.71
C VAL A 78 -1.13 -2.69 -3.51
N SER A 79 -0.12 -1.85 -3.72
CA SER A 79 1.06 -2.26 -4.47
C SER A 79 2.34 -1.84 -3.74
N PHE A 80 3.41 -2.59 -3.98
CA PHE A 80 4.70 -2.30 -3.34
C PHE A 80 5.44 -1.19 -4.08
N THR A 81 5.12 -1.03 -5.36
CA THR A 81 5.76 -0.02 -6.18
C THR A 81 4.78 1.10 -6.54
N PRO A 82 5.32 2.27 -6.88
CA PRO A 82 4.50 3.44 -7.25
C PRO A 82 3.80 3.26 -8.60
N LYS A 83 2.75 4.03 -8.82
CA LYS A 83 1.99 3.95 -10.07
C LYS A 83 2.43 5.04 -11.03
N ASN A 84 3.74 5.11 -11.28
CA ASN A 84 4.29 6.09 -12.20
C ASN A 84 4.26 5.58 -13.63
N ARG A 85 4.73 4.35 -13.84
CA ARG A 85 4.76 3.75 -15.16
C ARG A 85 4.56 2.24 -15.07
N GLU A 86 4.23 1.62 -16.20
CA GLU A 86 4.01 0.18 -16.25
C GLU A 86 4.92 -0.48 -17.29
N LEU A 87 5.69 -1.46 -16.85
CA LEU A 87 6.61 -2.16 -17.74
C LEU A 87 7.12 -3.44 -17.08
N CYS A 88 7.70 -4.33 -17.89
CA CYS A 88 8.24 -5.59 -17.39
C CYS A 88 9.73 -5.71 -17.71
N GLU A 89 10.51 -6.13 -16.73
CA GLU A 89 11.95 -6.29 -16.91
C GLU A 89 12.42 -7.63 -16.35
N THR A 90 13.55 -8.11 -16.86
CA THR A 90 14.11 -9.39 -16.42
C THR A 90 15.60 -9.45 -16.69
N SER A 91 16.39 -9.63 -15.64
CA SER A 91 17.84 -9.70 -15.77
C SER A 91 18.38 -10.98 -15.13
N GLY A 92 18.79 -11.93 -15.96
CA GLY A 92 19.30 -13.18 -15.46
C GLY A 92 20.64 -13.55 -16.09
N PRO A 93 21.73 -12.99 -15.54
CA PRO A 93 23.08 -13.24 -16.04
C PRO A 93 23.55 -14.67 -15.76
N SER A 94 24.80 -14.96 -16.09
CA SER A 94 25.37 -16.28 -15.87
C SER A 94 26.85 -16.19 -15.50
N SER A 95 27.43 -17.33 -15.16
CA SER A 95 28.84 -17.38 -14.78
C SER A 95 29.37 -18.81 -14.78
N GLY A 96 30.67 -18.96 -14.97
CA GLY A 96 31.27 -20.28 -15.00
C GLY A 96 30.38 -21.31 -15.67
N GLY A 1 13.78 -2.49 -10.77
CA GLY A 1 12.63 -1.69 -10.37
C GLY A 1 13.00 -0.27 -10.03
N SER A 2 13.25 0.00 -8.75
CA SER A 2 13.62 1.34 -8.31
C SER A 2 15.10 1.61 -8.53
N SER A 3 15.54 2.82 -8.22
CA SER A 3 16.93 3.20 -8.39
C SER A 3 17.77 2.77 -7.19
N GLY A 4 18.15 1.49 -7.19
CA GLY A 4 18.96 0.96 -6.10
C GLY A 4 18.23 1.01 -4.77
N SER A 5 17.06 0.37 -4.72
CA SER A 5 16.26 0.35 -3.50
C SER A 5 17.16 0.21 -2.27
N SER A 6 16.90 1.04 -1.27
CA SER A 6 17.68 1.01 -0.03
C SER A 6 16.77 0.94 1.18
N GLY A 7 17.20 0.18 2.19
CA GLY A 7 16.41 0.03 3.40
C GLY A 7 15.87 -1.37 3.57
N CYS A 8 15.62 -1.75 4.82
CA CYS A 8 15.11 -3.09 5.13
C CYS A 8 13.59 -3.08 5.22
N HIS A 9 13.04 -2.04 5.84
CA HIS A 9 11.60 -1.91 6.01
C HIS A 9 10.88 -2.11 4.68
N THR A 10 9.56 -2.15 4.73
CA THR A 10 8.76 -2.33 3.52
C THR A 10 7.53 -1.42 3.53
N LEU A 11 7.55 -0.42 2.65
CA LEU A 11 6.45 0.53 2.56
C LEU A 11 5.42 0.06 1.53
N LEU A 12 4.15 0.30 1.83
CA LEU A 12 3.06 -0.10 0.93
C LEU A 12 2.41 1.12 0.29
N TYR A 13 1.82 0.93 -0.88
CA TYR A 13 1.16 2.01 -1.59
C TYR A 13 -0.29 1.65 -1.92
N VAL A 14 -1.23 2.35 -1.29
CA VAL A 14 -2.65 2.11 -1.51
C VAL A 14 -3.22 3.08 -2.52
N TYR A 15 -4.19 2.63 -3.30
CA TYR A 15 -4.83 3.47 -4.31
C TYR A 15 -6.33 3.21 -4.36
N ASN A 16 -7.03 4.03 -5.13
CA ASN A 16 -8.48 3.88 -5.27
C ASN A 16 -9.19 4.08 -3.93
N LEU A 17 -8.91 5.20 -3.28
CA LEU A 17 -9.51 5.50 -1.98
C LEU A 17 -10.67 6.48 -2.13
N PRO A 18 -11.71 6.31 -1.30
CA PRO A 18 -12.89 7.17 -1.31
C PRO A 18 -12.59 8.58 -0.82
N ALA A 19 -12.18 9.45 -1.73
CA ALA A 19 -11.87 10.83 -1.38
C ALA A 19 -12.98 11.45 -0.54
N ASN A 20 -14.20 11.41 -1.05
CA ASN A 20 -15.35 11.96 -0.35
C ASN A 20 -15.27 11.66 1.14
N LYS A 21 -14.94 10.42 1.47
CA LYS A 21 -14.82 10.00 2.87
C LYS A 21 -13.71 10.77 3.57
N ASP A 22 -14.10 11.69 4.45
CA ASP A 22 -13.14 12.48 5.20
C ASP A 22 -11.90 11.67 5.55
N GLY A 23 -10.74 12.14 5.11
CA GLY A 23 -9.50 11.43 5.39
C GLY A 23 -9.46 10.87 6.79
N LYS A 24 -9.79 11.70 7.77
CA LYS A 24 -9.79 11.28 9.17
C LYS A 24 -10.47 9.93 9.33
N SER A 25 -11.60 9.76 8.65
CA SER A 25 -12.36 8.52 8.73
C SER A 25 -11.62 7.39 7.98
N VAL A 26 -11.20 7.68 6.76
CA VAL A 26 -10.49 6.70 5.94
C VAL A 26 -9.26 6.17 6.68
N SER A 27 -8.32 7.07 6.98
CA SER A 27 -7.10 6.68 7.67
C SER A 27 -7.40 5.70 8.81
N ASN A 28 -8.51 5.94 9.50
CA ASN A 28 -8.91 5.07 10.60
C ASN A 28 -9.23 3.66 10.12
N ARG A 29 -10.12 3.56 9.13
CA ARG A 29 -10.51 2.27 8.59
C ARG A 29 -9.27 1.46 8.22
N LEU A 30 -8.32 2.09 7.54
CA LEU A 30 -7.09 1.42 7.13
C LEU A 30 -6.21 1.11 8.33
N ARG A 31 -6.03 2.11 9.21
CA ARG A 31 -5.21 1.94 10.39
C ARG A 31 -5.40 0.55 11.00
N ARG A 32 -6.66 0.16 11.17
CA ARG A 32 -6.98 -1.15 11.74
C ARG A 32 -6.40 -2.27 10.87
N LEU A 33 -6.61 -2.17 9.57
CA LEU A 33 -6.10 -3.18 8.64
C LEU A 33 -4.58 -3.25 8.68
N SER A 34 -3.95 -2.16 9.10
CA SER A 34 -2.50 -2.10 9.19
C SER A 34 -2.02 -2.56 10.56
N ASP A 35 -2.84 -2.32 11.58
CA ASP A 35 -2.49 -2.70 12.95
C ASP A 35 -2.41 -4.22 13.08
N ASN A 36 -3.41 -4.90 12.53
CA ASN A 36 -3.45 -6.36 12.58
C ASN A 36 -2.40 -6.97 11.67
N CYS A 37 -2.05 -6.26 10.61
CA CYS A 37 -1.06 -6.73 9.66
C CYS A 37 0.32 -6.13 9.97
N GLY A 38 0.52 -5.75 11.22
CA GLY A 38 1.78 -5.16 11.61
C GLY A 38 2.24 -4.06 10.67
N GLY A 39 1.54 -2.94 10.69
CA GLY A 39 1.90 -1.83 9.82
C GLY A 39 1.47 -0.49 10.39
N LYS A 40 1.86 0.59 9.72
CA LYS A 40 1.52 1.93 10.17
C LYS A 40 1.31 2.86 8.98
N VAL A 41 0.12 3.44 8.88
CA VAL A 41 -0.21 4.35 7.79
C VAL A 41 0.58 5.64 7.90
N LEU A 42 1.75 5.68 7.25
CA LEU A 42 2.59 6.87 7.28
C LEU A 42 1.79 8.13 6.96
N SER A 43 1.16 8.14 5.79
CA SER A 43 0.36 9.28 5.38
C SER A 43 -0.65 8.87 4.30
N ILE A 44 -1.59 9.77 4.01
CA ILE A 44 -2.61 9.51 3.00
C ILE A 44 -2.80 10.70 2.08
N THR A 45 -2.29 10.58 0.86
CA THR A 45 -2.41 11.66 -0.13
C THR A 45 -3.47 11.34 -1.18
N GLY A 46 -4.36 12.29 -1.41
CA GLY A 46 -5.42 12.10 -2.38
C GLY A 46 -6.06 10.73 -2.28
N CYS A 47 -6.25 10.07 -3.41
CA CYS A 47 -6.86 8.75 -3.45
C CYS A 47 -5.80 7.66 -3.25
N SER A 48 -4.71 8.01 -2.59
CA SER A 48 -3.62 7.07 -2.34
C SER A 48 -3.14 7.17 -0.90
N ALA A 49 -2.40 6.16 -0.47
CA ALA A 49 -1.86 6.13 0.89
C ALA A 49 -0.52 5.42 0.94
N ILE A 50 0.19 5.57 2.06
CA ILE A 50 1.49 4.94 2.23
C ILE A 50 1.66 4.42 3.65
N LEU A 51 1.95 3.12 3.76
CA LEU A 51 2.14 2.50 5.07
C LEU A 51 3.59 2.07 5.25
N ARG A 52 3.98 1.86 6.51
CA ARG A 52 5.34 1.45 6.82
C ARG A 52 5.34 0.13 7.59
N PHE A 53 5.89 -0.91 6.96
CA PHE A 53 5.96 -2.23 7.58
C PHE A 53 7.39 -2.57 7.98
N ILE A 54 7.52 -3.39 9.02
CA ILE A 54 8.84 -3.80 9.51
C ILE A 54 9.59 -4.60 8.46
N ASN A 55 8.85 -5.42 7.71
CA ASN A 55 9.45 -6.25 6.67
C ASN A 55 8.44 -6.58 5.59
N GLN A 56 8.89 -7.24 4.53
CA GLN A 56 8.02 -7.62 3.42
C GLN A 56 6.83 -8.44 3.92
N ASP A 57 7.12 -9.63 4.42
CA ASP A 57 6.07 -10.51 4.93
C ASP A 57 4.94 -9.69 5.58
N SER A 58 5.29 -8.92 6.60
CA SER A 58 4.31 -8.11 7.30
C SER A 58 3.50 -7.26 6.33
N ALA A 59 4.19 -6.70 5.33
CA ALA A 59 3.54 -5.87 4.33
C ALA A 59 2.60 -6.70 3.46
N GLU A 60 3.09 -7.84 2.98
CA GLU A 60 2.31 -8.72 2.14
C GLU A 60 0.93 -8.97 2.75
N ARG A 61 0.91 -9.59 3.92
CA ARG A 61 -0.34 -9.90 4.61
C ARG A 61 -1.29 -8.71 4.54
N ALA A 62 -0.73 -7.51 4.50
CA ALA A 62 -1.54 -6.29 4.43
C ALA A 62 -1.88 -5.95 2.98
N GLN A 63 -0.99 -6.28 2.07
CA GLN A 63 -1.19 -6.00 0.65
C GLN A 63 -2.17 -7.00 0.03
N LYS A 64 -2.26 -8.18 0.64
CA LYS A 64 -3.16 -9.22 0.15
C LYS A 64 -4.54 -9.09 0.79
N ARG A 65 -4.60 -8.40 1.93
CA ARG A 65 -5.86 -8.20 2.63
C ARG A 65 -6.50 -6.88 2.23
N MET A 66 -5.67 -5.89 1.93
CA MET A 66 -6.17 -4.57 1.53
C MET A 66 -6.66 -4.59 0.09
N GLU A 67 -5.85 -5.18 -0.80
CA GLU A 67 -6.20 -5.25 -2.21
C GLU A 67 -7.64 -5.76 -2.38
N ASN A 68 -8.09 -6.59 -1.45
CA ASN A 68 -9.44 -7.14 -1.50
C ASN A 68 -10.40 -6.30 -0.67
N GLU A 69 -9.92 -5.80 0.47
CA GLU A 69 -10.74 -4.98 1.35
C GLU A 69 -11.21 -3.72 0.63
N ASP A 70 -12.05 -2.95 1.30
CA ASP A 70 -12.58 -1.71 0.73
C ASP A 70 -12.88 -0.69 1.82
N VAL A 71 -12.08 0.37 1.88
CA VAL A 71 -12.25 1.41 2.88
C VAL A 71 -13.74 1.65 3.17
N PHE A 72 -14.51 1.91 2.12
CA PHE A 72 -15.95 2.15 2.27
C PHE A 72 -16.67 1.93 0.93
N GLY A 73 -17.37 0.81 0.83
CA GLY A 73 -18.11 0.51 -0.39
C GLY A 73 -17.29 0.79 -1.64
N ASN A 74 -15.96 0.61 -1.54
CA ASN A 74 -15.07 0.84 -2.66
C ASN A 74 -13.79 0.03 -2.51
N ARG A 75 -13.51 -0.80 -3.51
CA ARG A 75 -12.32 -1.64 -3.50
C ARG A 75 -11.06 -0.80 -3.62
N ILE A 76 -10.02 -1.17 -2.89
CA ILE A 76 -8.75 -0.45 -2.93
C ILE A 76 -7.65 -1.29 -3.56
N ILE A 77 -6.63 -0.62 -4.09
CA ILE A 77 -5.52 -1.31 -4.72
C ILE A 77 -4.22 -1.04 -3.97
N VAL A 78 -3.58 -2.12 -3.49
CA VAL A 78 -2.32 -2.00 -2.77
C VAL A 78 -1.16 -2.57 -3.57
N SER A 79 -0.13 -1.76 -3.76
CA SER A 79 1.05 -2.18 -4.52
C SER A 79 2.33 -1.80 -3.80
N PHE A 80 3.40 -2.53 -4.09
CA PHE A 80 4.70 -2.26 -3.46
C PHE A 80 5.45 -1.16 -4.21
N THR A 81 5.07 -0.96 -5.47
CA THR A 81 5.71 0.06 -6.30
C THR A 81 4.74 1.21 -6.60
N PRO A 82 5.30 2.39 -6.90
CA PRO A 82 4.50 3.58 -7.21
C PRO A 82 3.80 3.47 -8.56
N LYS A 83 2.81 4.32 -8.78
CA LYS A 83 2.05 4.31 -10.03
C LYS A 83 2.58 5.36 -10.99
N ASN A 84 3.90 5.56 -10.97
CA ASN A 84 4.53 6.54 -11.85
C ASN A 84 4.57 6.04 -13.29
N ARG A 85 5.23 4.91 -13.50
CA ARG A 85 5.34 4.31 -14.82
C ARG A 85 5.35 2.79 -14.74
N GLU A 86 4.43 2.16 -15.45
CA GLU A 86 4.33 0.70 -15.46
C GLU A 86 4.78 0.14 -16.81
N LEU A 87 5.93 -0.52 -16.82
CA LEU A 87 6.46 -1.11 -18.04
C LEU A 87 6.73 -2.60 -17.86
N CYS A 88 5.84 -3.42 -18.41
CA CYS A 88 5.97 -4.87 -18.31
C CYS A 88 7.00 -5.39 -19.32
N GLU A 89 8.03 -6.05 -18.81
CA GLU A 89 9.08 -6.60 -19.67
C GLU A 89 9.37 -8.06 -19.30
N THR A 90 9.15 -8.96 -20.25
CA THR A 90 9.39 -10.38 -20.03
C THR A 90 10.82 -10.76 -20.38
N SER A 91 11.21 -10.49 -21.62
CA SER A 91 12.55 -10.80 -22.09
C SER A 91 12.80 -10.22 -23.49
N GLY A 92 13.69 -9.23 -23.55
CA GLY A 92 14.00 -8.62 -24.84
C GLY A 92 14.15 -9.62 -25.95
N PRO A 93 13.79 -9.23 -27.17
CA PRO A 93 13.88 -10.09 -28.35
C PRO A 93 15.32 -10.35 -28.77
N SER A 94 15.68 -11.62 -28.89
CA SER A 94 17.03 -12.00 -29.28
C SER A 94 18.06 -11.04 -28.70
N SER A 95 17.87 -10.67 -27.43
CA SER A 95 18.77 -9.74 -26.76
C SER A 95 20.11 -10.41 -26.46
N GLY A 96 21.20 -9.76 -26.89
CA GLY A 96 22.51 -10.31 -26.66
C GLY A 96 22.90 -10.32 -25.18
N GLY A 1 25.46 -18.12 -2.37
CA GLY A 1 24.35 -17.26 -2.72
C GLY A 1 24.77 -15.84 -3.00
N SER A 2 24.17 -15.21 -4.01
CA SER A 2 24.49 -13.84 -4.36
C SER A 2 23.39 -12.88 -3.92
N SER A 3 22.18 -13.11 -4.40
CA SER A 3 21.05 -12.27 -4.05
C SER A 3 20.77 -12.33 -2.56
N GLY A 4 21.18 -11.29 -1.84
CA GLY A 4 20.97 -11.24 -0.40
C GLY A 4 20.64 -9.84 0.09
N SER A 5 19.36 -9.50 0.08
CA SER A 5 18.92 -8.18 0.52
C SER A 5 17.64 -8.29 1.35
N SER A 6 17.74 -7.96 2.63
CA SER A 6 16.59 -8.02 3.53
C SER A 6 16.81 -7.14 4.76
N GLY A 7 15.81 -7.08 5.63
CA GLY A 7 15.92 -6.27 6.84
C GLY A 7 15.26 -4.92 6.67
N CYS A 8 15.62 -4.21 5.61
CA CYS A 8 15.06 -2.89 5.35
C CYS A 8 13.55 -2.90 5.51
N HIS A 9 12.99 -1.74 5.85
CA HIS A 9 11.54 -1.61 6.04
C HIS A 9 10.81 -1.76 4.72
N THR A 10 9.55 -2.16 4.79
CA THR A 10 8.73 -2.34 3.60
C THR A 10 7.47 -1.49 3.66
N LEU A 11 7.42 -0.45 2.84
CA LEU A 11 6.25 0.43 2.80
C LEU A 11 5.27 0.01 1.72
N LEU A 12 3.99 0.23 1.96
CA LEU A 12 2.95 -0.12 1.01
C LEU A 12 2.32 1.12 0.40
N TYR A 13 1.77 0.98 -0.79
CA TYR A 13 1.13 2.09 -1.49
C TYR A 13 -0.31 1.75 -1.87
N VAL A 14 -1.26 2.37 -1.18
CA VAL A 14 -2.68 2.13 -1.44
C VAL A 14 -3.22 3.14 -2.44
N TYR A 15 -4.17 2.70 -3.27
CA TYR A 15 -4.78 3.56 -4.27
C TYR A 15 -6.28 3.32 -4.36
N ASN A 16 -6.95 4.11 -5.18
CA ASN A 16 -8.39 3.98 -5.36
C ASN A 16 -9.12 4.26 -4.05
N LEU A 17 -8.63 5.22 -3.29
CA LEU A 17 -9.23 5.58 -2.01
C LEU A 17 -10.43 6.50 -2.22
N PRO A 18 -11.43 6.38 -1.33
CA PRO A 18 -12.65 7.20 -1.40
C PRO A 18 -12.38 8.66 -1.04
N ALA A 19 -12.08 9.47 -2.05
CA ALA A 19 -11.81 10.88 -1.83
C ALA A 19 -12.95 11.57 -1.09
N ASN A 20 -14.18 11.27 -1.51
CA ASN A 20 -15.36 11.85 -0.89
C ASN A 20 -15.36 11.59 0.62
N LYS A 21 -15.06 10.36 1.00
CA LYS A 21 -15.03 9.99 2.42
C LYS A 21 -13.94 10.76 3.16
N ASP A 22 -14.35 11.69 4.00
CA ASP A 22 -13.41 12.50 4.78
C ASP A 22 -12.20 11.67 5.19
N GLY A 23 -11.02 12.14 4.84
CA GLY A 23 -9.80 11.44 5.18
C GLY A 23 -9.81 10.93 6.61
N LYS A 24 -10.19 11.79 7.54
CA LYS A 24 -10.24 11.41 8.95
C LYS A 24 -10.80 10.00 9.12
N SER A 25 -11.93 9.73 8.47
CA SER A 25 -12.56 8.43 8.55
C SER A 25 -11.74 7.38 7.82
N VAL A 26 -11.36 7.69 6.58
CA VAL A 26 -10.57 6.78 5.76
C VAL A 26 -9.38 6.24 6.55
N SER A 27 -8.46 7.12 6.90
CA SER A 27 -7.27 6.74 7.64
C SER A 27 -7.60 5.66 8.67
N ASN A 28 -8.37 6.04 9.68
CA ASN A 28 -8.76 5.11 10.73
C ASN A 28 -8.97 3.70 10.17
N ARG A 29 -9.89 3.60 9.21
CA ARG A 29 -10.21 2.31 8.59
C ARG A 29 -8.93 1.58 8.20
N LEU A 30 -7.98 2.31 7.62
CA LEU A 30 -6.71 1.72 7.22
C LEU A 30 -5.84 1.39 8.42
N ARG A 31 -5.86 2.27 9.41
CA ARG A 31 -5.08 2.07 10.63
C ARG A 31 -5.32 0.68 11.21
N ARG A 32 -6.58 0.28 11.27
CA ARG A 32 -6.95 -1.02 11.80
C ARG A 32 -6.32 -2.15 10.97
N LEU A 33 -6.46 -2.05 9.66
CA LEU A 33 -5.89 -3.06 8.76
C LEU A 33 -4.38 -3.10 8.88
N SER A 34 -3.79 -2.02 9.36
CA SER A 34 -2.34 -1.93 9.52
C SER A 34 -1.91 -2.49 10.87
N ASP A 35 -2.66 -2.17 11.91
CA ASP A 35 -2.35 -2.65 13.26
C ASP A 35 -2.33 -4.17 13.30
N ASN A 36 -3.29 -4.80 12.63
CA ASN A 36 -3.37 -6.25 12.60
C ASN A 36 -2.26 -6.84 11.72
N CYS A 37 -2.01 -6.19 10.58
CA CYS A 37 -0.98 -6.66 9.66
C CYS A 37 0.37 -6.02 9.99
N GLY A 38 0.56 -5.68 11.26
CA GLY A 38 1.81 -5.06 11.68
C GLY A 38 2.24 -3.95 10.75
N GLY A 39 1.55 -2.82 10.82
CA GLY A 39 1.88 -1.68 9.98
C GLY A 39 1.39 -0.37 10.55
N LYS A 40 1.76 0.73 9.91
CA LYS A 40 1.37 2.06 10.35
C LYS A 40 1.22 3.01 9.18
N VAL A 41 0.02 3.53 8.98
CA VAL A 41 -0.24 4.46 7.89
C VAL A 41 0.64 5.70 8.00
N LEU A 42 1.73 5.72 7.24
CA LEU A 42 2.65 6.85 7.25
C LEU A 42 1.93 8.14 6.88
N SER A 43 1.23 8.12 5.75
CA SER A 43 0.50 9.30 5.29
C SER A 43 -0.56 8.91 4.27
N ILE A 44 -1.47 9.84 3.98
CA ILE A 44 -2.54 9.59 3.03
C ILE A 44 -2.69 10.76 2.06
N THR A 45 -2.19 10.58 0.84
CA THR A 45 -2.26 11.62 -0.17
C THR A 45 -3.34 11.30 -1.20
N GLY A 46 -4.16 12.30 -1.54
CA GLY A 46 -5.22 12.09 -2.50
C GLY A 46 -5.92 10.76 -2.32
N CYS A 47 -6.21 10.10 -3.44
CA CYS A 47 -6.89 8.81 -3.41
C CYS A 47 -5.88 7.68 -3.19
N SER A 48 -4.74 8.02 -2.59
CA SER A 48 -3.70 7.03 -2.33
C SER A 48 -3.19 7.16 -0.89
N ALA A 49 -2.49 6.13 -0.43
CA ALA A 49 -1.95 6.12 0.92
C ALA A 49 -0.59 5.42 0.97
N ILE A 50 0.12 5.59 2.08
CA ILE A 50 1.42 4.97 2.25
C ILE A 50 1.59 4.39 3.65
N LEU A 51 1.79 3.08 3.72
CA LEU A 51 1.96 2.40 5.01
C LEU A 51 3.41 1.97 5.20
N ARG A 52 3.79 1.73 6.45
CA ARG A 52 5.14 1.31 6.78
C ARG A 52 5.14 -0.01 7.54
N PHE A 53 5.84 -1.00 7.02
CA PHE A 53 5.91 -2.31 7.66
C PHE A 53 7.35 -2.66 8.03
N ILE A 54 7.51 -3.61 8.94
CA ILE A 54 8.83 -4.04 9.38
C ILE A 54 9.57 -4.76 8.27
N ASN A 55 8.90 -5.74 7.65
CA ASN A 55 9.49 -6.51 6.57
C ASN A 55 8.47 -6.79 5.48
N GLN A 56 8.93 -7.38 4.37
CA GLN A 56 8.04 -7.70 3.26
C GLN A 56 6.88 -8.57 3.71
N ASP A 57 7.18 -9.77 4.18
CA ASP A 57 6.15 -10.69 4.65
C ASP A 57 5.00 -9.92 5.32
N SER A 58 5.31 -9.24 6.41
CA SER A 58 4.30 -8.48 7.15
C SER A 58 3.53 -7.56 6.20
N ALA A 59 4.24 -6.94 5.27
CA ALA A 59 3.62 -6.04 4.31
C ALA A 59 2.72 -6.79 3.36
N GLU A 60 3.11 -8.01 3.01
CA GLU A 60 2.33 -8.84 2.09
C GLU A 60 0.94 -9.11 2.66
N ARG A 61 0.90 -9.83 3.78
CA ARG A 61 -0.37 -10.17 4.42
C ARG A 61 -1.35 -9.01 4.31
N ALA A 62 -0.83 -7.79 4.33
CA ALA A 62 -1.65 -6.59 4.24
C ALA A 62 -1.93 -6.22 2.79
N GLN A 63 -0.90 -6.34 1.95
CA GLN A 63 -1.03 -6.02 0.53
C GLN A 63 -1.98 -6.99 -0.16
N LYS A 64 -2.12 -8.18 0.40
CA LYS A 64 -3.01 -9.20 -0.16
C LYS A 64 -4.40 -9.09 0.43
N ARG A 65 -4.49 -8.50 1.62
CA ARG A 65 -5.77 -8.34 2.31
C ARG A 65 -6.46 -7.05 1.85
N MET A 66 -5.87 -5.92 2.20
CA MET A 66 -6.42 -4.63 1.83
C MET A 66 -6.82 -4.61 0.36
N GLU A 67 -5.90 -5.03 -0.51
CA GLU A 67 -6.16 -5.06 -1.95
C GLU A 67 -7.57 -5.56 -2.24
N ASN A 68 -8.01 -6.56 -1.47
CA ASN A 68 -9.34 -7.13 -1.65
C ASN A 68 -10.34 -6.48 -0.70
N GLU A 69 -9.83 -5.80 0.33
CA GLU A 69 -10.67 -5.13 1.30
C GLU A 69 -11.46 -3.99 0.67
N ASP A 70 -12.35 -3.38 1.44
CA ASP A 70 -13.17 -2.28 0.95
C ASP A 70 -13.20 -1.14 1.96
N VAL A 71 -12.25 -0.21 1.83
CA VAL A 71 -12.17 0.93 2.73
C VAL A 71 -13.55 1.49 3.04
N PHE A 72 -14.35 1.69 1.99
CA PHE A 72 -15.70 2.22 2.14
C PHE A 72 -16.48 2.10 0.83
N GLY A 73 -17.48 1.22 0.82
CA GLY A 73 -18.28 1.03 -0.37
C GLY A 73 -17.46 1.07 -1.64
N ASN A 74 -16.18 0.74 -1.52
CA ASN A 74 -15.28 0.74 -2.66
C ASN A 74 -14.05 -0.13 -2.39
N ARG A 75 -13.48 -0.69 -3.45
CA ARG A 75 -12.31 -1.54 -3.32
C ARG A 75 -11.03 -0.72 -3.49
N ILE A 76 -10.03 -1.01 -2.66
CA ILE A 76 -8.76 -0.31 -2.71
C ILE A 76 -7.68 -1.17 -3.33
N ILE A 77 -6.65 -0.53 -3.87
CA ILE A 77 -5.54 -1.25 -4.50
C ILE A 77 -4.24 -1.02 -3.74
N VAL A 78 -3.60 -2.11 -3.32
CA VAL A 78 -2.35 -2.03 -2.58
C VAL A 78 -1.19 -2.53 -3.43
N SER A 79 -0.19 -1.67 -3.63
CA SER A 79 0.98 -2.02 -4.43
C SER A 79 2.26 -1.65 -3.70
N PHE A 80 3.32 -2.42 -3.94
CA PHE A 80 4.60 -2.18 -3.29
C PHE A 80 5.37 -1.07 -4.02
N THR A 81 5.09 -0.92 -5.32
CA THR A 81 5.75 0.09 -6.12
C THR A 81 4.81 1.25 -6.44
N PRO A 82 5.39 2.43 -6.70
CA PRO A 82 4.61 3.64 -7.02
C PRO A 82 3.93 3.55 -8.37
N LYS A 83 2.83 4.27 -8.53
CA LYS A 83 2.09 4.28 -9.78
C LYS A 83 2.65 5.32 -10.74
N ASN A 84 2.24 5.24 -12.00
CA ASN A 84 2.71 6.18 -13.02
C ASN A 84 4.18 5.96 -13.33
N ARG A 85 4.58 4.70 -13.41
CA ARG A 85 5.96 4.36 -13.71
C ARG A 85 6.05 3.44 -14.92
N GLU A 86 5.26 3.75 -15.95
CA GLU A 86 5.25 2.95 -17.18
C GLU A 86 5.57 3.82 -18.39
N LEU A 87 6.43 3.29 -19.26
CA LEU A 87 6.82 4.02 -20.47
C LEU A 87 6.55 3.18 -21.72
N CYS A 88 6.00 3.82 -22.74
CA CYS A 88 5.70 3.14 -24.00
C CYS A 88 6.90 3.16 -24.93
N GLU A 89 7.40 1.98 -25.28
CA GLU A 89 8.54 1.86 -26.17
C GLU A 89 8.37 0.69 -27.14
N THR A 90 8.57 0.97 -28.43
CA THR A 90 8.43 -0.05 -29.46
C THR A 90 9.67 -0.13 -30.34
N SER A 91 10.02 -1.34 -30.76
CA SER A 91 11.19 -1.54 -31.61
C SER A 91 11.24 -2.96 -32.15
N GLY A 92 11.46 -3.09 -33.46
CA GLY A 92 11.52 -4.40 -34.07
C GLY A 92 11.77 -4.33 -35.57
N PRO A 93 12.50 -5.32 -36.10
CA PRO A 93 12.82 -5.40 -37.52
C PRO A 93 11.60 -5.68 -38.39
N SER A 94 11.33 -4.78 -39.34
CA SER A 94 10.19 -4.94 -40.23
C SER A 94 10.65 -5.14 -41.67
N SER A 95 10.90 -6.40 -42.03
CA SER A 95 11.36 -6.73 -43.38
C SER A 95 10.53 -7.86 -43.97
N GLY A 96 10.64 -8.06 -45.28
CA GLY A 96 9.90 -9.12 -45.94
C GLY A 96 8.40 -8.96 -45.76
N GLY A 1 18.22 14.22 -2.80
CA GLY A 1 18.10 13.77 -4.17
C GLY A 1 16.68 13.39 -4.54
N SER A 2 16.50 12.90 -5.77
CA SER A 2 15.18 12.51 -6.24
C SER A 2 14.89 11.05 -5.93
N SER A 3 15.84 10.19 -6.28
CA SER A 3 15.69 8.75 -6.04
C SER A 3 16.38 8.35 -4.74
N GLY A 4 15.88 7.27 -4.12
CA GLY A 4 16.45 6.80 -2.87
C GLY A 4 15.47 5.96 -2.07
N SER A 5 14.99 4.87 -2.67
CA SER A 5 14.05 4.00 -2.00
C SER A 5 14.68 2.64 -1.70
N SER A 6 15.43 2.57 -0.61
CA SER A 6 16.10 1.34 -0.21
C SER A 6 16.14 1.20 1.31
N GLY A 7 16.29 -0.04 1.78
CA GLY A 7 16.34 -0.27 3.21
C GLY A 7 15.82 -1.65 3.58
N CYS A 8 15.62 -1.87 4.87
CA CYS A 8 15.12 -3.16 5.36
C CYS A 8 13.61 -3.14 5.48
N HIS A 9 13.06 -2.01 5.93
CA HIS A 9 11.62 -1.86 6.09
C HIS A 9 10.90 -2.05 4.76
N THR A 10 9.58 -2.19 4.82
CA THR A 10 8.77 -2.37 3.62
C THR A 10 7.55 -1.45 3.63
N LEU A 11 7.54 -0.49 2.72
CA LEU A 11 6.42 0.46 2.63
C LEU A 11 5.42 0.01 1.58
N LEU A 12 4.14 0.27 1.84
CA LEU A 12 3.08 -0.11 0.91
C LEU A 12 2.42 1.13 0.31
N TYR A 13 1.83 0.95 -0.87
CA TYR A 13 1.17 2.05 -1.56
C TYR A 13 -0.29 1.71 -1.87
N VAL A 14 -1.21 2.42 -1.23
CA VAL A 14 -2.63 2.19 -1.42
C VAL A 14 -3.20 3.13 -2.48
N TYR A 15 -4.18 2.65 -3.24
CA TYR A 15 -4.80 3.46 -4.28
C TYR A 15 -6.31 3.24 -4.31
N ASN A 16 -7.00 4.03 -5.12
CA ASN A 16 -8.45 3.92 -5.25
C ASN A 16 -9.13 4.15 -3.90
N LEU A 17 -8.82 5.28 -3.27
CA LEU A 17 -9.40 5.62 -1.98
C LEU A 17 -10.55 6.60 -2.15
N PRO A 18 -11.56 6.49 -1.26
CA PRO A 18 -12.74 7.36 -1.28
C PRO A 18 -12.41 8.80 -0.89
N ALA A 19 -11.96 9.58 -1.87
CA ALA A 19 -11.62 10.98 -1.62
C ALA A 19 -12.72 11.70 -0.86
N ASN A 20 -13.96 11.45 -1.25
CA ASN A 20 -15.11 12.07 -0.60
C ASN A 20 -15.07 11.82 0.91
N LYS A 21 -14.77 10.59 1.30
CA LYS A 21 -14.70 10.23 2.71
C LYS A 21 -13.55 10.95 3.40
N ASP A 22 -13.90 11.86 4.32
CA ASP A 22 -12.89 12.62 5.05
C ASP A 22 -11.80 11.70 5.58
N GLY A 23 -10.55 12.02 5.24
CA GLY A 23 -9.43 11.21 5.68
C GLY A 23 -9.63 10.67 7.08
N LYS A 24 -10.27 11.45 7.94
CA LYS A 24 -10.53 11.05 9.32
C LYS A 24 -11.04 9.62 9.37
N SER A 25 -12.08 9.33 8.60
CA SER A 25 -12.67 7.99 8.56
C SER A 25 -11.78 7.03 7.77
N VAL A 26 -11.27 7.50 6.63
CA VAL A 26 -10.41 6.69 5.80
C VAL A 26 -9.21 6.17 6.58
N SER A 27 -8.27 7.07 6.87
CA SER A 27 -7.07 6.71 7.61
C SER A 27 -7.40 5.77 8.76
N ASN A 28 -8.52 6.04 9.43
CA ASN A 28 -8.95 5.22 10.56
C ASN A 28 -9.30 3.80 10.09
N ARG A 29 -9.95 3.71 8.93
CA ARG A 29 -10.34 2.41 8.38
C ARG A 29 -9.11 1.58 8.03
N LEU A 30 -8.10 2.23 7.45
CA LEU A 30 -6.87 1.55 7.06
C LEU A 30 -6.00 1.28 8.28
N ARG A 31 -6.01 2.21 9.23
CA ARG A 31 -5.21 2.08 10.44
C ARG A 31 -5.41 0.70 11.08
N ARG A 32 -6.67 0.27 11.17
CA ARG A 32 -6.99 -1.01 11.75
C ARG A 32 -6.43 -2.15 10.91
N LEU A 33 -6.55 -2.02 9.59
CA LEU A 33 -6.04 -3.04 8.67
C LEU A 33 -4.51 -3.11 8.72
N SER A 34 -3.89 -2.02 9.14
CA SER A 34 -2.44 -1.96 9.23
C SER A 34 -1.95 -2.35 10.62
N ASP A 35 -2.77 -2.05 11.62
CA ASP A 35 -2.44 -2.37 13.01
C ASP A 35 -2.41 -3.88 13.22
N ASN A 36 -3.17 -4.60 12.41
CA ASN A 36 -3.24 -6.05 12.51
C ASN A 36 -2.21 -6.71 11.58
N CYS A 37 -2.02 -6.12 10.42
CA CYS A 37 -1.06 -6.65 9.45
C CYS A 37 0.37 -6.28 9.83
N GLY A 38 0.51 -5.52 10.92
CA GLY A 38 1.82 -5.11 11.37
C GLY A 38 2.38 -3.96 10.57
N GLY A 39 1.70 -2.82 10.61
CA GLY A 39 2.15 -1.66 9.87
C GLY A 39 1.64 -0.36 10.45
N LYS A 40 1.95 0.76 9.80
CA LYS A 40 1.51 2.06 10.26
C LYS A 40 1.34 3.02 9.08
N VAL A 41 0.11 3.48 8.87
CA VAL A 41 -0.18 4.41 7.78
C VAL A 41 0.62 5.70 7.92
N LEU A 42 1.78 5.73 7.26
CA LEU A 42 2.65 6.91 7.31
C LEU A 42 1.87 8.18 6.97
N SER A 43 1.21 8.17 5.81
CA SER A 43 0.43 9.32 5.38
C SER A 43 -0.58 8.92 4.32
N ILE A 44 -1.51 9.82 4.02
CA ILE A 44 -2.53 9.56 3.02
C ILE A 44 -2.71 10.76 2.08
N THR A 45 -2.13 10.65 0.88
CA THR A 45 -2.22 11.71 -0.10
C THR A 45 -3.23 11.37 -1.19
N GLY A 46 -4.04 12.36 -1.57
CA GLY A 46 -5.05 12.14 -2.59
C GLY A 46 -5.79 10.84 -2.41
N CYS A 47 -6.02 10.14 -3.52
CA CYS A 47 -6.73 8.86 -3.48
C CYS A 47 -5.75 7.71 -3.22
N SER A 48 -4.57 8.05 -2.69
CA SER A 48 -3.56 7.05 -2.39
C SER A 48 -3.03 7.22 -0.97
N ALA A 49 -2.37 6.17 -0.47
CA ALA A 49 -1.80 6.21 0.88
C ALA A 49 -0.48 5.44 0.94
N ILE A 50 0.24 5.62 2.04
CA ILE A 50 1.52 4.94 2.23
C ILE A 50 1.65 4.40 3.64
N LEU A 51 1.98 3.12 3.75
CA LEU A 51 2.15 2.47 5.04
C LEU A 51 3.60 2.07 5.27
N ARG A 52 3.93 1.73 6.52
CA ARG A 52 5.29 1.32 6.87
C ARG A 52 5.27 -0.02 7.60
N PHE A 53 5.84 -1.04 6.96
CA PHE A 53 5.90 -2.37 7.55
C PHE A 53 7.32 -2.74 7.93
N ILE A 54 7.46 -3.57 8.96
CA ILE A 54 8.78 -4.00 9.42
C ILE A 54 9.54 -4.74 8.33
N ASN A 55 8.86 -5.70 7.69
CA ASN A 55 9.46 -6.48 6.62
C ASN A 55 8.45 -6.77 5.52
N GLN A 56 8.92 -7.36 4.42
CA GLN A 56 8.06 -7.68 3.29
C GLN A 56 6.86 -8.50 3.75
N ASP A 57 7.13 -9.67 4.33
CA ASP A 57 6.07 -10.55 4.82
C ASP A 57 4.93 -9.74 5.44
N SER A 58 5.20 -9.15 6.60
CA SER A 58 4.19 -8.35 7.30
C SER A 58 3.43 -7.47 6.33
N ALA A 59 4.15 -6.88 5.37
CA ALA A 59 3.54 -6.01 4.38
C ALA A 59 2.61 -6.79 3.46
N GLU A 60 3.05 -7.98 3.04
CA GLU A 60 2.26 -8.81 2.15
C GLU A 60 0.86 -9.03 2.72
N ARG A 61 0.78 -9.74 3.85
CA ARG A 61 -0.49 -10.01 4.49
C ARG A 61 -1.45 -8.84 4.33
N ALA A 62 -0.90 -7.62 4.40
CA ALA A 62 -1.70 -6.41 4.27
C ALA A 62 -2.01 -6.12 2.80
N GLN A 63 -1.01 -6.25 1.95
CA GLN A 63 -1.17 -6.00 0.52
C GLN A 63 -2.11 -7.03 -0.11
N LYS A 64 -2.23 -8.18 0.53
CA LYS A 64 -3.10 -9.25 0.04
C LYS A 64 -4.49 -9.14 0.65
N ARG A 65 -4.58 -8.50 1.81
CA ARG A 65 -5.86 -8.32 2.49
C ARG A 65 -6.53 -7.01 2.05
N MET A 66 -5.89 -5.90 2.37
CA MET A 66 -6.43 -4.59 2.01
C MET A 66 -6.87 -4.56 0.55
N GLU A 67 -6.02 -5.08 -0.33
CA GLU A 67 -6.32 -5.12 -1.76
C GLU A 67 -7.77 -5.49 -2.00
N ASN A 68 -8.28 -6.43 -1.21
CA ASN A 68 -9.67 -6.87 -1.33
C ASN A 68 -10.58 -6.08 -0.41
N GLU A 69 -10.03 -5.63 0.72
CA GLU A 69 -10.80 -4.85 1.69
C GLU A 69 -11.51 -3.69 1.01
N ASP A 70 -12.70 -3.36 1.49
CA ASP A 70 -13.48 -2.26 0.94
C ASP A 70 -13.53 -1.08 1.90
N VAL A 71 -12.51 -0.23 1.84
CA VAL A 71 -12.44 0.94 2.71
C VAL A 71 -13.83 1.52 2.97
N PHE A 72 -14.56 1.78 1.90
CA PHE A 72 -15.91 2.34 2.01
C PHE A 72 -16.65 2.25 0.67
N GLY A 73 -17.62 1.34 0.60
CA GLY A 73 -18.39 1.18 -0.62
C GLY A 73 -17.52 1.25 -1.86
N ASN A 74 -16.26 0.84 -1.73
CA ASN A 74 -15.33 0.87 -2.86
C ASN A 74 -14.12 -0.02 -2.57
N ARG A 75 -13.63 -0.68 -3.61
CA ARG A 75 -12.47 -1.57 -3.47
C ARG A 75 -11.18 -0.79 -3.59
N ILE A 76 -10.27 -1.02 -2.65
CA ILE A 76 -8.98 -0.33 -2.65
C ILE A 76 -7.88 -1.21 -3.21
N ILE A 77 -6.81 -0.60 -3.71
CA ILE A 77 -5.69 -1.34 -4.27
C ILE A 77 -4.42 -1.12 -3.46
N VAL A 78 -3.60 -2.16 -3.36
CA VAL A 78 -2.36 -2.08 -2.61
C VAL A 78 -1.19 -2.60 -3.44
N SER A 79 -0.19 -1.75 -3.64
CA SER A 79 0.99 -2.12 -4.42
C SER A 79 2.27 -1.70 -3.70
N PHE A 80 3.33 -2.49 -3.90
CA PHE A 80 4.61 -2.20 -3.27
C PHE A 80 5.36 -1.12 -4.04
N THR A 81 5.06 -1.00 -5.33
CA THR A 81 5.71 -0.01 -6.17
C THR A 81 4.74 1.11 -6.55
N PRO A 82 5.31 2.27 -6.91
CA PRO A 82 4.51 3.45 -7.30
C PRO A 82 3.80 3.25 -8.64
N LYS A 83 2.72 4.01 -8.84
CA LYS A 83 1.94 3.91 -10.07
C LYS A 83 1.87 5.27 -10.76
N ASN A 84 2.98 5.71 -11.32
CA ASN A 84 3.04 7.00 -12.01
C ASN A 84 2.37 6.90 -13.38
N ARG A 85 1.06 6.67 -13.38
CA ARG A 85 0.32 6.56 -14.62
C ARG A 85 1.18 5.95 -15.74
N GLU A 86 2.04 5.02 -15.35
CA GLU A 86 2.93 4.37 -16.31
C GLU A 86 2.71 2.86 -16.31
N LEU A 87 2.46 2.30 -17.49
CA LEU A 87 2.24 0.86 -17.62
C LEU A 87 3.47 0.17 -18.19
N CYS A 88 4.21 -0.53 -17.33
CA CYS A 88 5.41 -1.23 -17.74
C CYS A 88 5.22 -2.74 -17.60
N GLU A 89 5.44 -3.45 -18.71
CA GLU A 89 5.30 -4.91 -18.72
C GLU A 89 6.53 -5.57 -19.32
N THR A 90 6.81 -5.24 -20.58
CA THR A 90 7.97 -5.81 -21.28
C THR A 90 9.09 -4.79 -21.40
N SER A 91 10.32 -5.24 -21.15
CA SER A 91 11.48 -4.37 -21.23
C SER A 91 12.08 -4.39 -22.64
N GLY A 92 12.05 -3.25 -23.31
CA GLY A 92 12.59 -3.16 -24.66
C GLY A 92 11.54 -2.86 -25.69
N PRO A 93 11.14 -1.59 -25.80
CA PRO A 93 10.13 -1.14 -26.76
C PRO A 93 10.61 -1.22 -28.20
N SER A 94 11.88 -0.88 -28.40
CA SER A 94 12.47 -0.90 -29.74
C SER A 94 12.67 -2.33 -30.22
N SER A 95 12.12 -2.64 -31.39
CA SER A 95 12.24 -3.97 -31.97
C SER A 95 12.92 -3.92 -33.32
N GLY A 96 13.71 -4.96 -33.62
CA GLY A 96 14.40 -5.01 -34.89
C GLY A 96 15.24 -3.77 -35.15
N GLY A 1 30.92 -16.66 5.72
CA GLY A 1 30.53 -16.38 4.35
C GLY A 1 29.42 -15.36 4.26
N SER A 2 28.25 -15.79 3.80
CA SER A 2 27.11 -14.90 3.66
C SER A 2 26.48 -14.59 5.02
N SER A 3 27.06 -13.63 5.72
CA SER A 3 26.56 -13.25 7.05
C SER A 3 26.44 -11.73 7.15
N GLY A 4 25.21 -11.24 7.16
CA GLY A 4 24.97 -9.81 7.26
C GLY A 4 23.70 -9.48 8.00
N SER A 5 23.79 -9.33 9.31
CA SER A 5 22.64 -9.02 10.14
C SER A 5 22.08 -7.64 9.80
N SER A 6 20.88 -7.61 9.22
CA SER A 6 20.24 -6.35 8.85
C SER A 6 18.73 -6.53 8.76
N GLY A 7 18.01 -5.41 8.63
CA GLY A 7 16.58 -5.45 8.54
C GLY A 7 15.99 -4.18 7.94
N CYS A 8 15.60 -4.25 6.67
CA CYS A 8 15.04 -3.10 5.98
C CYS A 8 13.52 -3.04 6.18
N HIS A 9 12.95 -1.85 6.00
CA HIS A 9 11.52 -1.67 6.15
C HIS A 9 10.80 -1.81 4.82
N THR A 10 9.52 -2.19 4.87
CA THR A 10 8.72 -2.36 3.66
C THR A 10 7.47 -1.50 3.71
N LEU A 11 7.41 -0.50 2.83
CA LEU A 11 6.27 0.40 2.76
C LEU A 11 5.29 -0.05 1.69
N LEU A 12 4.00 0.20 1.92
CA LEU A 12 2.96 -0.18 0.97
C LEU A 12 2.33 1.05 0.35
N TYR A 13 1.74 0.87 -0.83
CA TYR A 13 1.09 1.98 -1.54
C TYR A 13 -0.36 1.63 -1.87
N VAL A 14 -1.29 2.29 -1.19
CA VAL A 14 -2.71 2.07 -1.42
C VAL A 14 -3.26 3.01 -2.47
N TYR A 15 -4.24 2.54 -3.23
CA TYR A 15 -4.85 3.35 -4.28
C TYR A 15 -6.36 3.13 -4.32
N ASN A 16 -7.05 3.95 -5.12
CA ASN A 16 -8.50 3.85 -5.25
C ASN A 16 -9.19 4.08 -3.91
N LEU A 17 -8.86 5.21 -3.27
CA LEU A 17 -9.45 5.56 -1.98
C LEU A 17 -10.64 6.49 -2.16
N PRO A 18 -11.59 6.42 -1.21
CA PRO A 18 -12.80 7.26 -1.24
C PRO A 18 -12.48 8.73 -0.97
N ALA A 19 -12.02 9.44 -1.99
CA ALA A 19 -11.69 10.85 -1.87
C ALA A 19 -12.78 11.60 -1.11
N ASN A 20 -14.03 11.37 -1.48
CA ASN A 20 -15.16 12.02 -0.84
C ASN A 20 -15.08 11.87 0.68
N LYS A 21 -14.87 10.64 1.14
CA LYS A 21 -14.78 10.36 2.56
C LYS A 21 -13.65 11.17 3.20
N ASP A 22 -13.95 11.79 4.34
CA ASP A 22 -12.97 12.60 5.05
C ASP A 22 -11.80 11.75 5.52
N GLY A 23 -10.58 12.18 5.21
CA GLY A 23 -9.40 11.45 5.61
C GLY A 23 -9.55 10.78 6.96
N LYS A 24 -9.90 11.57 7.97
CA LYS A 24 -10.09 11.06 9.32
C LYS A 24 -10.80 9.71 9.30
N SER A 25 -11.86 9.62 8.50
CA SER A 25 -12.63 8.39 8.39
C SER A 25 -11.85 7.33 7.64
N VAL A 26 -11.30 7.71 6.48
CA VAL A 26 -10.52 6.78 5.66
C VAL A 26 -9.36 6.20 6.45
N SER A 27 -8.45 7.07 6.88
CA SER A 27 -7.27 6.63 7.65
C SER A 27 -7.64 5.53 8.64
N ASN A 28 -8.41 5.90 9.67
CA ASN A 28 -8.83 4.95 10.67
C ASN A 28 -9.07 3.57 10.07
N ARG A 29 -10.01 3.51 9.12
CA ARG A 29 -10.33 2.25 8.45
C ARG A 29 -9.06 1.48 8.09
N LEU A 30 -8.09 2.18 7.51
CA LEU A 30 -6.83 1.56 7.13
C LEU A 30 -6.00 1.19 8.35
N ARG A 31 -5.84 2.16 9.26
CA ARG A 31 -5.07 1.93 10.48
C ARG A 31 -5.25 0.50 10.98
N ARG A 32 -6.50 0.07 11.09
CA ARG A 32 -6.81 -1.27 11.57
C ARG A 32 -6.15 -2.32 10.68
N LEU A 33 -6.28 -2.15 9.37
CA LEU A 33 -5.71 -3.07 8.40
C LEU A 33 -4.19 -3.15 8.57
N SER A 34 -3.59 -2.07 9.02
CA SER A 34 -2.14 -2.01 9.23
C SER A 34 -1.77 -2.53 10.60
N ASP A 35 -2.66 -2.34 11.57
CA ASP A 35 -2.43 -2.80 12.93
C ASP A 35 -2.31 -4.31 12.98
N ASN A 36 -3.26 -5.00 12.37
CA ASN A 36 -3.27 -6.45 12.35
C ASN A 36 -2.17 -6.99 11.45
N CYS A 37 -1.85 -6.24 10.40
CA CYS A 37 -0.81 -6.63 9.45
C CYS A 37 0.53 -6.01 9.82
N GLY A 38 0.73 -5.74 11.11
CA GLY A 38 1.96 -5.14 11.56
C GLY A 38 2.42 -4.01 10.67
N GLY A 39 1.74 -2.88 10.74
CA GLY A 39 2.10 -1.74 9.92
C GLY A 39 1.60 -0.43 10.49
N LYS A 40 1.91 0.67 9.81
CA LYS A 40 1.50 2.00 10.26
C LYS A 40 1.31 2.94 9.07
N VAL A 41 0.13 3.54 8.98
CA VAL A 41 -0.17 4.47 7.88
C VAL A 41 0.64 5.75 8.03
N LEU A 42 1.78 5.81 7.36
CA LEU A 42 2.64 6.99 7.41
C LEU A 42 1.86 8.24 7.05
N SER A 43 1.25 8.25 5.87
CA SER A 43 0.47 9.39 5.41
C SER A 43 -0.55 8.97 4.36
N ILE A 44 -1.49 9.86 4.07
CA ILE A 44 -2.53 9.58 3.08
C ILE A 44 -2.71 10.76 2.13
N THR A 45 -2.19 10.61 0.91
CA THR A 45 -2.30 11.66 -0.09
C THR A 45 -3.33 11.30 -1.16
N GLY A 46 -4.14 12.28 -1.55
CA GLY A 46 -5.15 12.04 -2.56
C GLY A 46 -5.86 10.70 -2.37
N CYS A 47 -6.14 10.03 -3.48
CA CYS A 47 -6.82 8.74 -3.44
C CYS A 47 -5.82 7.61 -3.17
N SER A 48 -4.64 7.97 -2.70
CA SER A 48 -3.59 6.99 -2.42
C SER A 48 -3.11 7.12 -0.98
N ALA A 49 -2.40 6.10 -0.51
CA ALA A 49 -1.87 6.09 0.85
C ALA A 49 -0.55 5.34 0.92
N ILE A 50 0.27 5.68 1.91
CA ILE A 50 1.56 5.04 2.09
C ILE A 50 1.71 4.48 3.50
N LEU A 51 1.86 3.16 3.59
CA LEU A 51 2.01 2.49 4.89
C LEU A 51 3.44 2.02 5.09
N ARG A 52 3.82 1.80 6.34
CA ARG A 52 5.16 1.34 6.67
C ARG A 52 5.11 0.02 7.45
N PHE A 53 5.80 -0.99 6.94
CA PHE A 53 5.84 -2.29 7.59
C PHE A 53 7.27 -2.69 7.95
N ILE A 54 7.40 -3.55 8.94
CA ILE A 54 8.71 -4.00 9.39
C ILE A 54 9.46 -4.74 8.28
N ASN A 55 8.79 -5.72 7.68
CA ASN A 55 9.39 -6.50 6.60
C ASN A 55 8.35 -6.82 5.53
N GLN A 56 8.82 -7.37 4.40
CA GLN A 56 7.94 -7.72 3.30
C GLN A 56 6.73 -8.49 3.80
N ASP A 57 6.98 -9.57 4.55
CA ASP A 57 5.91 -10.40 5.09
C ASP A 57 4.79 -9.53 5.67
N SER A 58 5.07 -8.87 6.78
CA SER A 58 4.09 -8.02 7.43
C SER A 58 3.41 -7.10 6.43
N ALA A 59 4.15 -6.73 5.38
CA ALA A 59 3.63 -5.85 4.34
C ALA A 59 2.70 -6.62 3.40
N GLU A 60 2.96 -7.91 3.24
CA GLU A 60 2.15 -8.74 2.36
C GLU A 60 0.74 -8.91 2.92
N ARG A 61 0.63 -9.57 4.07
CA ARG A 61 -0.66 -9.78 4.70
C ARG A 61 -1.54 -8.54 4.59
N ALA A 62 -0.91 -7.39 4.44
CA ALA A 62 -1.64 -6.14 4.31
C ALA A 62 -1.90 -5.79 2.85
N GLN A 63 -0.95 -6.13 1.99
CA GLN A 63 -1.07 -5.86 0.56
C GLN A 63 -2.11 -6.79 -0.08
N LYS A 64 -2.18 -8.02 0.42
CA LYS A 64 -3.12 -8.99 -0.10
C LYS A 64 -4.50 -8.81 0.52
N ARG A 65 -4.53 -8.34 1.76
CA ARG A 65 -5.79 -8.12 2.46
C ARG A 65 -6.48 -6.86 1.95
N MET A 66 -5.81 -5.72 2.14
CA MET A 66 -6.36 -4.44 1.70
C MET A 66 -6.87 -4.53 0.26
N GLU A 67 -6.00 -4.93 -0.65
CA GLU A 67 -6.36 -5.06 -2.06
C GLU A 67 -7.76 -5.63 -2.20
N ASN A 68 -8.08 -6.64 -1.38
CA ASN A 68 -9.39 -7.27 -1.43
C ASN A 68 -10.37 -6.55 -0.51
N GLU A 69 -9.86 -5.91 0.52
CA GLU A 69 -10.69 -5.18 1.48
C GLU A 69 -11.44 -4.05 0.78
N ASP A 70 -12.43 -3.50 1.46
CA ASP A 70 -13.23 -2.40 0.90
C ASP A 70 -13.33 -1.25 1.89
N VAL A 71 -12.36 -0.33 1.83
CA VAL A 71 -12.34 0.81 2.72
C VAL A 71 -13.75 1.33 3.00
N PHE A 72 -14.51 1.55 1.92
CA PHE A 72 -15.87 2.04 2.05
C PHE A 72 -16.62 1.91 0.72
N GLY A 73 -17.53 0.95 0.65
CA GLY A 73 -18.29 0.73 -0.57
C GLY A 73 -17.45 0.87 -1.81
N ASN A 74 -16.13 0.67 -1.66
CA ASN A 74 -15.22 0.77 -2.79
C ASN A 74 -13.99 -0.09 -2.57
N ARG A 75 -13.65 -0.90 -3.57
CA ARG A 75 -12.49 -1.78 -3.48
C ARG A 75 -11.19 -1.00 -3.62
N ILE A 76 -10.30 -1.16 -2.65
CA ILE A 76 -9.02 -0.46 -2.67
C ILE A 76 -7.91 -1.36 -3.21
N ILE A 77 -6.85 -0.75 -3.72
CA ILE A 77 -5.72 -1.49 -4.26
C ILE A 77 -4.45 -1.23 -3.46
N VAL A 78 -3.58 -2.23 -3.40
CA VAL A 78 -2.33 -2.11 -2.67
C VAL A 78 -1.16 -2.65 -3.48
N SER A 79 -0.13 -1.83 -3.66
CA SER A 79 1.04 -2.22 -4.43
C SER A 79 2.32 -1.82 -3.70
N PHE A 80 3.38 -2.61 -3.89
CA PHE A 80 4.66 -2.34 -3.26
C PHE A 80 5.40 -1.23 -3.99
N THR A 81 5.14 -1.09 -5.28
CA THR A 81 5.78 -0.07 -6.10
C THR A 81 4.80 1.03 -6.46
N PRO A 82 5.35 2.21 -6.81
CA PRO A 82 4.53 3.38 -7.17
C PRO A 82 3.84 3.20 -8.52
N LYS A 83 2.74 3.90 -8.70
CA LYS A 83 1.97 3.81 -9.95
C LYS A 83 2.00 5.15 -10.70
N ASN A 84 1.98 6.24 -9.95
CA ASN A 84 2.01 7.58 -10.54
C ASN A 84 3.23 7.74 -11.44
N ARG A 85 4.34 7.12 -11.06
CA ARG A 85 5.57 7.19 -11.82
C ARG A 85 6.35 5.88 -11.76
N GLU A 86 7.45 5.81 -12.49
CA GLU A 86 8.28 4.60 -12.52
C GLU A 86 9.75 4.97 -12.73
N LEU A 87 10.61 4.42 -11.88
CA LEU A 87 12.04 4.68 -11.97
C LEU A 87 12.84 3.39 -11.84
N CYS A 88 12.35 2.48 -10.99
CA CYS A 88 13.01 1.20 -10.78
C CYS A 88 13.19 0.45 -12.09
N GLU A 89 14.43 0.20 -12.47
CA GLU A 89 14.73 -0.52 -13.71
C GLU A 89 14.64 -2.03 -13.50
N THR A 90 13.99 -2.70 -14.43
CA THR A 90 13.82 -4.15 -14.36
C THR A 90 14.95 -4.87 -15.09
N SER A 91 16.01 -5.22 -14.36
CA SER A 91 17.15 -5.90 -14.95
C SER A 91 17.12 -7.40 -14.62
N GLY A 92 17.96 -8.16 -15.30
CA GLY A 92 18.01 -9.59 -15.06
C GLY A 92 19.19 -10.00 -14.19
N PRO A 93 19.59 -11.27 -14.29
CA PRO A 93 20.71 -11.81 -13.49
C PRO A 93 22.05 -11.24 -13.93
N SER A 94 22.83 -10.78 -12.97
CA SER A 94 24.14 -10.21 -13.25
C SER A 94 25.25 -11.01 -12.57
N SER A 95 26.32 -11.30 -13.31
CA SER A 95 27.44 -12.06 -12.79
C SER A 95 28.56 -12.14 -13.80
N GLY A 96 29.77 -11.74 -13.38
CA GLY A 96 30.92 -11.78 -14.26
C GLY A 96 31.27 -10.41 -14.80
N GLY A 1 15.08 11.38 13.22
CA GLY A 1 16.02 11.50 12.11
C GLY A 1 17.40 10.96 12.47
N SER A 2 17.57 9.65 12.37
CA SER A 2 18.85 9.03 12.69
C SER A 2 19.16 7.91 11.69
N SER A 3 20.39 7.93 11.16
CA SER A 3 20.82 6.93 10.19
C SER A 3 21.94 6.06 10.77
N GLY A 4 21.70 4.76 10.84
CA GLY A 4 22.68 3.84 11.37
C GLY A 4 22.18 2.41 11.45
N SER A 5 22.36 1.66 10.37
CA SER A 5 21.91 0.28 10.33
C SER A 5 20.56 0.12 11.03
N SER A 6 19.65 1.04 10.75
CA SER A 6 18.33 1.01 11.36
C SER A 6 17.61 -0.29 11.03
N GLY A 7 17.60 -0.65 9.75
CA GLY A 7 16.95 -1.87 9.32
C GLY A 7 16.19 -1.70 8.01
N CYS A 8 15.76 -2.82 7.44
CA CYS A 8 15.03 -2.78 6.17
C CYS A 8 13.53 -2.79 6.42
N HIS A 9 12.85 -1.75 5.93
CA HIS A 9 11.41 -1.62 6.10
C HIS A 9 10.69 -1.81 4.77
N THR A 10 9.40 -2.12 4.83
CA THR A 10 8.60 -2.32 3.63
C THR A 10 7.34 -1.46 3.66
N LEU A 11 7.29 -0.46 2.78
CA LEU A 11 6.14 0.44 2.70
C LEU A 11 5.18 -0.01 1.60
N LEU A 12 3.90 0.19 1.84
CA LEU A 12 2.86 -0.20 0.88
C LEU A 12 2.21 1.04 0.27
N TYR A 13 1.81 0.93 -0.99
CA TYR A 13 1.18 2.04 -1.69
C TYR A 13 -0.27 1.71 -2.02
N VAL A 14 -1.20 2.37 -1.33
CA VAL A 14 -2.62 2.15 -1.55
C VAL A 14 -3.19 3.16 -2.53
N TYR A 15 -4.16 2.72 -3.33
CA TYR A 15 -4.78 3.59 -4.32
C TYR A 15 -6.29 3.33 -4.40
N ASN A 16 -6.97 4.12 -5.21
CA ASN A 16 -8.41 3.98 -5.38
C ASN A 16 -9.14 4.18 -4.04
N LEU A 17 -8.65 5.12 -3.25
CA LEU A 17 -9.25 5.41 -1.95
C LEU A 17 -10.51 6.25 -2.11
N PRO A 18 -11.45 6.09 -1.18
CA PRO A 18 -12.72 6.84 -1.19
C PRO A 18 -12.52 8.32 -0.87
N ALA A 19 -12.30 9.12 -1.89
CA ALA A 19 -12.10 10.55 -1.73
C ALA A 19 -13.25 11.18 -0.95
N ASN A 20 -14.48 10.88 -1.37
CA ASN A 20 -15.66 11.42 -0.73
C ASN A 20 -15.57 11.24 0.78
N LYS A 21 -15.26 10.02 1.22
CA LYS A 21 -15.14 9.72 2.64
C LYS A 21 -14.04 10.55 3.28
N ASP A 22 -14.44 11.50 4.13
CA ASP A 22 -13.48 12.37 4.80
C ASP A 22 -12.23 11.59 5.18
N GLY A 23 -11.07 12.09 4.73
CA GLY A 23 -9.81 11.43 5.03
C GLY A 23 -9.72 10.97 6.47
N LYS A 24 -9.96 11.90 7.40
CA LYS A 24 -9.91 11.58 8.82
C LYS A 24 -10.47 10.18 9.09
N SER A 25 -11.64 9.92 8.53
CA SER A 25 -12.29 8.61 8.72
C SER A 25 -11.53 7.52 7.97
N VAL A 26 -11.22 7.77 6.70
CA VAL A 26 -10.51 6.81 5.88
C VAL A 26 -9.33 6.20 6.64
N SER A 27 -8.36 7.04 6.98
CA SER A 27 -7.18 6.59 7.72
C SER A 27 -7.56 5.53 8.75
N ASN A 28 -8.27 5.96 9.79
CA ASN A 28 -8.69 5.05 10.85
C ASN A 28 -9.00 3.66 10.29
N ARG A 29 -9.95 3.60 9.36
CA ARG A 29 -10.34 2.34 8.75
C ARG A 29 -9.10 1.53 8.35
N LEU A 30 -8.12 2.21 7.76
CA LEU A 30 -6.90 1.55 7.33
C LEU A 30 -6.03 1.17 8.52
N ARG A 31 -5.83 2.13 9.42
CA ARG A 31 -5.02 1.90 10.62
C ARG A 31 -5.25 0.50 11.16
N ARG A 32 -6.52 0.13 11.30
CA ARG A 32 -6.87 -1.19 11.82
C ARG A 32 -6.29 -2.29 10.95
N LEU A 33 -6.50 -2.20 9.65
CA LEU A 33 -5.98 -3.19 8.71
C LEU A 33 -4.45 -3.23 8.74
N SER A 34 -3.85 -2.15 9.25
CA SER A 34 -2.40 -2.05 9.33
C SER A 34 -1.89 -2.59 10.66
N ASP A 35 -2.66 -2.33 11.73
CA ASP A 35 -2.29 -2.77 13.06
C ASP A 35 -2.20 -4.30 13.12
N ASN A 36 -3.19 -4.97 12.54
CA ASN A 36 -3.22 -6.43 12.53
C ASN A 36 -2.15 -6.98 11.60
N CYS A 37 -1.92 -6.28 10.49
CA CYS A 37 -0.92 -6.71 9.51
C CYS A 37 0.43 -6.05 9.80
N GLY A 38 0.71 -5.78 11.06
CA GLY A 38 1.96 -5.16 11.43
C GLY A 38 2.33 -4.02 10.51
N GLY A 39 1.60 -2.91 10.61
CA GLY A 39 1.88 -1.76 9.77
C GLY A 39 1.36 -0.47 10.36
N LYS A 40 1.74 0.66 9.76
CA LYS A 40 1.32 1.97 10.24
C LYS A 40 1.20 2.96 9.08
N VAL A 41 -0.02 3.44 8.86
CA VAL A 41 -0.28 4.39 7.79
C VAL A 41 0.55 5.67 7.97
N LEU A 42 1.68 5.74 7.26
CA LEU A 42 2.55 6.90 7.35
C LEU A 42 1.81 8.18 6.99
N SER A 43 1.17 8.18 5.83
CA SER A 43 0.41 9.35 5.37
C SER A 43 -0.63 8.95 4.32
N ILE A 44 -1.50 9.88 3.99
CA ILE A 44 -2.55 9.64 3.01
C ILE A 44 -2.71 10.82 2.05
N THR A 45 -2.22 10.65 0.83
CA THR A 45 -2.30 11.71 -0.18
C THR A 45 -3.38 11.39 -1.21
N GLY A 46 -4.27 12.35 -1.44
CA GLY A 46 -5.34 12.17 -2.41
C GLY A 46 -6.03 10.82 -2.25
N CYS A 47 -6.22 10.13 -3.36
CA CYS A 47 -6.88 8.83 -3.34
C CYS A 47 -5.86 7.70 -3.14
N SER A 48 -4.73 8.05 -2.54
CA SER A 48 -3.67 7.08 -2.29
C SER A 48 -3.15 7.19 -0.86
N ALA A 49 -2.40 6.18 -0.42
CA ALA A 49 -1.85 6.16 0.92
C ALA A 49 -0.55 5.38 0.97
N ILE A 50 0.28 5.66 1.97
CA ILE A 50 1.56 4.97 2.12
C ILE A 50 1.71 4.42 3.54
N LEU A 51 1.77 3.10 3.65
CA LEU A 51 1.91 2.44 4.94
C LEU A 51 3.37 2.01 5.18
N ARG A 52 3.70 1.75 6.43
CA ARG A 52 5.06 1.32 6.78
C ARG A 52 5.03 0.00 7.53
N PHE A 53 5.76 -0.98 7.03
CA PHE A 53 5.82 -2.30 7.65
C PHE A 53 7.25 -2.64 8.06
N ILE A 54 7.38 -3.53 9.03
CA ILE A 54 8.69 -3.94 9.51
C ILE A 54 9.45 -4.71 8.45
N ASN A 55 8.77 -5.65 7.80
CA ASN A 55 9.38 -6.45 6.74
C ASN A 55 8.37 -6.80 5.66
N GLN A 56 8.87 -7.20 4.49
CA GLN A 56 8.00 -7.57 3.37
C GLN A 56 6.83 -8.43 3.85
N ASP A 57 7.15 -9.51 4.55
CA ASP A 57 6.13 -10.42 5.06
C ASP A 57 4.95 -9.64 5.63
N SER A 58 5.18 -8.94 6.74
CA SER A 58 4.13 -8.16 7.37
C SER A 58 3.42 -7.26 6.36
N ALA A 59 4.19 -6.77 5.40
CA ALA A 59 3.63 -5.90 4.36
C ALA A 59 2.77 -6.69 3.39
N GLU A 60 3.11 -7.96 3.20
CA GLU A 60 2.36 -8.83 2.29
C GLU A 60 0.95 -9.08 2.81
N ARG A 61 0.86 -9.81 3.92
CA ARG A 61 -0.44 -10.12 4.51
C ARG A 61 -1.42 -8.96 4.34
N ALA A 62 -0.88 -7.74 4.39
CA ALA A 62 -1.71 -6.56 4.24
C ALA A 62 -1.98 -6.25 2.77
N GLN A 63 -0.94 -6.35 1.95
CA GLN A 63 -1.07 -6.10 0.52
C GLN A 63 -2.04 -7.07 -0.13
N LYS A 64 -2.00 -8.33 0.30
CA LYS A 64 -2.87 -9.35 -0.24
C LYS A 64 -4.28 -9.23 0.35
N ARG A 65 -4.39 -8.57 1.49
CA ARG A 65 -5.67 -8.37 2.16
C ARG A 65 -6.28 -7.02 1.78
N MET A 66 -5.65 -5.95 2.26
CA MET A 66 -6.12 -4.61 1.97
C MET A 66 -6.59 -4.49 0.52
N GLU A 67 -5.86 -5.13 -0.39
CA GLU A 67 -6.20 -5.10 -1.80
C GLU A 67 -7.67 -5.47 -2.02
N ASN A 68 -8.07 -6.61 -1.48
CA ASN A 68 -9.45 -7.08 -1.62
C ASN A 68 -10.39 -6.26 -0.74
N GLU A 69 -9.95 -5.94 0.47
CA GLU A 69 -10.76 -5.16 1.40
C GLU A 69 -11.34 -3.93 0.70
N ASP A 70 -12.17 -3.19 1.42
CA ASP A 70 -12.79 -1.99 0.87
C ASP A 70 -13.07 -0.96 1.98
N VAL A 71 -12.27 0.08 2.02
CA VAL A 71 -12.42 1.12 3.03
C VAL A 71 -13.88 1.49 3.22
N PHE A 72 -14.54 1.90 2.14
CA PHE A 72 -15.95 2.26 2.19
C PHE A 72 -16.59 2.18 0.81
N GLY A 73 -17.44 1.18 0.63
CA GLY A 73 -18.11 0.99 -0.64
C GLY A 73 -17.18 1.23 -1.82
N ASN A 74 -15.89 1.00 -1.61
CA ASN A 74 -14.90 1.20 -2.66
C ASN A 74 -13.75 0.20 -2.51
N ARG A 75 -13.31 -0.37 -3.63
CA ARG A 75 -12.22 -1.33 -3.62
C ARG A 75 -10.88 -0.63 -3.72
N ILE A 76 -10.06 -0.76 -2.68
CA ILE A 76 -8.75 -0.14 -2.65
C ILE A 76 -7.70 -1.03 -3.32
N ILE A 77 -6.62 -0.40 -3.79
CA ILE A 77 -5.55 -1.13 -4.46
C ILE A 77 -4.22 -0.92 -3.75
N VAL A 78 -3.65 -2.00 -3.23
CA VAL A 78 -2.37 -1.93 -2.55
C VAL A 78 -1.24 -2.53 -3.39
N SER A 79 -0.19 -1.75 -3.60
CA SER A 79 0.94 -2.20 -4.40
C SER A 79 2.26 -1.82 -3.73
N PHE A 80 3.30 -2.59 -4.01
CA PHE A 80 4.61 -2.34 -3.43
C PHE A 80 5.37 -1.29 -4.25
N THR A 81 4.91 -1.06 -5.47
CA THR A 81 5.54 -0.08 -6.34
C THR A 81 4.63 1.13 -6.57
N PRO A 82 5.23 2.27 -6.95
CA PRO A 82 4.49 3.50 -7.21
C PRO A 82 3.64 3.41 -8.49
N LYS A 83 2.47 4.05 -8.45
CA LYS A 83 1.57 4.05 -9.60
C LYS A 83 1.70 5.34 -10.40
N ASN A 84 2.94 5.72 -10.68
CA ASN A 84 3.20 6.95 -11.44
C ASN A 84 3.75 6.61 -12.83
N ARG A 85 3.34 5.46 -13.37
CA ARG A 85 3.79 5.02 -14.68
C ARG A 85 2.63 4.45 -15.48
N GLU A 86 2.84 4.28 -16.79
CA GLU A 86 1.82 3.74 -17.67
C GLU A 86 2.44 3.17 -18.95
N LEU A 87 2.04 1.95 -19.29
CA LEU A 87 2.56 1.29 -20.48
C LEU A 87 1.73 0.06 -20.83
N CYS A 88 1.87 -0.42 -22.06
CA CYS A 88 1.14 -1.59 -22.52
C CYS A 88 2.00 -2.85 -22.42
N GLU A 89 3.11 -2.85 -23.16
CA GLU A 89 4.02 -4.00 -23.15
C GLU A 89 4.47 -4.32 -21.73
N THR A 90 5.00 -5.53 -21.56
CA THR A 90 5.48 -5.97 -20.26
C THR A 90 7.00 -5.95 -20.19
N SER A 91 7.53 -5.01 -19.42
CA SER A 91 8.98 -4.87 -19.27
C SER A 91 9.57 -6.11 -18.59
N GLY A 92 10.08 -7.04 -19.40
CA GLY A 92 10.66 -8.25 -18.87
C GLY A 92 9.72 -9.43 -18.94
N PRO A 93 10.27 -10.61 -19.23
CA PRO A 93 9.48 -11.85 -19.34
C PRO A 93 8.95 -12.32 -17.98
N SER A 94 7.68 -12.04 -17.73
CA SER A 94 7.05 -12.43 -16.48
C SER A 94 5.99 -13.51 -16.70
N SER A 95 6.03 -14.55 -15.89
CA SER A 95 5.09 -15.66 -16.00
C SER A 95 3.73 -15.27 -15.42
N GLY A 96 3.72 -14.94 -14.13
CA GLY A 96 2.49 -14.56 -13.47
C GLY A 96 2.65 -13.33 -12.59
N GLY A 1 7.12 0.82 25.56
CA GLY A 1 8.29 1.25 24.83
C GLY A 1 8.22 0.92 23.35
N SER A 2 8.57 -0.32 23.01
CA SER A 2 8.55 -0.77 21.63
C SER A 2 9.58 -0.01 20.79
N SER A 3 10.77 0.17 21.35
CA SER A 3 11.84 0.88 20.66
C SER A 3 12.69 -0.09 19.84
N GLY A 4 12.42 -0.15 18.54
CA GLY A 4 13.17 -1.03 17.66
C GLY A 4 14.40 -0.36 17.07
N SER A 5 15.29 -1.16 16.50
CA SER A 5 16.50 -0.63 15.90
C SER A 5 16.32 -0.41 14.40
N SER A 6 16.61 0.81 13.94
CA SER A 6 16.47 1.16 12.54
C SER A 6 16.92 0.02 11.65
N GLY A 7 16.02 -0.45 10.79
CA GLY A 7 16.34 -1.54 9.89
C GLY A 7 15.54 -1.50 8.61
N CYS A 8 15.56 -2.59 7.85
CA CYS A 8 14.83 -2.67 6.59
C CYS A 8 13.33 -2.63 6.83
N HIS A 9 12.63 -1.85 6.01
CA HIS A 9 11.18 -1.71 6.13
C HIS A 9 10.50 -1.85 4.77
N THR A 10 9.23 -2.24 4.77
CA THR A 10 8.48 -2.40 3.54
C THR A 10 7.25 -1.50 3.53
N LEU A 11 7.27 -0.49 2.67
CA LEU A 11 6.15 0.45 2.55
C LEU A 11 5.14 -0.03 1.51
N LEU A 12 3.87 0.27 1.75
CA LEU A 12 2.81 -0.12 0.83
C LEU A 12 2.17 1.10 0.18
N TYR A 13 1.84 0.97 -1.11
CA TYR A 13 1.22 2.06 -1.84
C TYR A 13 -0.23 1.72 -2.22
N VAL A 14 -1.18 2.34 -1.52
CA VAL A 14 -2.59 2.10 -1.78
C VAL A 14 -3.15 3.14 -2.74
N TYR A 15 -4.13 2.71 -3.55
CA TYR A 15 -4.74 3.60 -4.53
C TYR A 15 -6.24 3.36 -4.61
N ASN A 16 -6.93 4.20 -5.39
CA ASN A 16 -8.37 4.06 -5.55
C ASN A 16 -9.08 4.16 -4.19
N LEU A 17 -8.68 5.14 -3.39
CA LEU A 17 -9.28 5.35 -2.08
C LEU A 17 -10.50 6.26 -2.17
N PRO A 18 -11.41 6.14 -1.18
CA PRO A 18 -12.62 6.95 -1.13
C PRO A 18 -12.34 8.41 -0.81
N ALA A 19 -12.32 9.24 -1.85
CA ALA A 19 -12.06 10.66 -1.68
C ALA A 19 -13.20 11.34 -0.92
N ASN A 20 -14.42 11.08 -1.36
CA ASN A 20 -15.60 11.67 -0.72
C ASN A 20 -15.58 11.43 0.78
N LYS A 21 -15.20 10.22 1.19
CA LYS A 21 -15.13 9.87 2.60
C LYS A 21 -14.01 10.64 3.30
N ASP A 22 -14.39 11.52 4.21
CA ASP A 22 -13.42 12.32 4.95
C ASP A 22 -12.16 11.52 5.23
N GLY A 23 -11.00 12.10 4.90
CA GLY A 23 -9.74 11.42 5.12
C GLY A 23 -9.60 10.91 6.54
N LYS A 24 -10.10 11.68 7.50
CA LYS A 24 -10.03 11.29 8.90
C LYS A 24 -10.62 9.91 9.12
N SER A 25 -11.77 9.65 8.49
CA SER A 25 -12.44 8.36 8.62
C SER A 25 -11.69 7.28 7.86
N VAL A 26 -11.08 7.66 6.74
CA VAL A 26 -10.33 6.73 5.91
C VAL A 26 -9.12 6.19 6.66
N SER A 27 -8.19 7.09 6.97
CA SER A 27 -6.96 6.71 7.69
C SER A 27 -7.28 5.72 8.81
N ASN A 28 -8.43 5.92 9.45
CA ASN A 28 -8.85 5.05 10.55
C ASN A 28 -9.07 3.62 10.05
N ARG A 29 -10.04 3.46 9.15
CA ARG A 29 -10.35 2.15 8.60
C ARG A 29 -9.08 1.38 8.24
N LEU A 30 -8.14 2.08 7.61
CA LEU A 30 -6.87 1.46 7.22
C LEU A 30 -6.00 1.18 8.44
N ARG A 31 -5.89 2.17 9.31
CA ARG A 31 -5.08 2.03 10.52
C ARG A 31 -5.26 0.65 11.13
N ARG A 32 -6.51 0.23 11.29
CA ARG A 32 -6.80 -1.07 11.87
C ARG A 32 -6.24 -2.20 11.00
N LEU A 33 -6.40 -2.07 9.69
CA LEU A 33 -5.91 -3.07 8.76
C LEU A 33 -4.38 -3.12 8.76
N SER A 34 -3.77 -2.02 9.21
CA SER A 34 -2.32 -1.94 9.26
C SER A 34 -1.80 -2.37 10.63
N ASP A 35 -2.58 -2.11 11.67
CA ASP A 35 -2.21 -2.47 13.02
C ASP A 35 -2.38 -3.97 13.25
N ASN A 36 -3.15 -4.61 12.38
CA ASN A 36 -3.41 -6.04 12.49
C ASN A 36 -2.42 -6.83 11.64
N CYS A 37 -1.96 -6.22 10.55
CA CYS A 37 -1.01 -6.87 9.65
C CYS A 37 0.42 -6.53 10.04
N GLY A 38 0.57 -5.63 11.01
CA GLY A 38 1.89 -5.23 11.45
C GLY A 38 2.45 -4.07 10.65
N GLY A 39 1.79 -2.91 10.74
CA GLY A 39 2.25 -1.75 10.02
C GLY A 39 1.72 -0.46 10.62
N LYS A 40 2.07 0.67 10.00
CA LYS A 40 1.63 1.97 10.47
C LYS A 40 1.47 2.96 9.32
N VAL A 41 0.25 3.41 9.09
CA VAL A 41 -0.03 4.35 8.01
C VAL A 41 0.78 5.64 8.18
N LEU A 42 1.84 5.77 7.39
CA LEU A 42 2.69 6.95 7.45
C LEU A 42 1.92 8.21 7.09
N SER A 43 1.23 8.17 5.96
CA SER A 43 0.43 9.31 5.50
C SER A 43 -0.60 8.88 4.47
N ILE A 44 -1.52 9.79 4.15
CA ILE A 44 -2.57 9.50 3.18
C ILE A 44 -2.83 10.70 2.28
N THR A 45 -2.42 10.60 1.03
CA THR A 45 -2.60 11.68 0.07
C THR A 45 -3.60 11.28 -1.02
N GLY A 46 -4.35 12.27 -1.51
CA GLY A 46 -5.33 12.00 -2.54
C GLY A 46 -6.02 10.66 -2.37
N CYS A 47 -6.29 9.98 -3.48
CA CYS A 47 -6.94 8.68 -3.44
C CYS A 47 -5.93 7.57 -3.19
N SER A 48 -4.79 7.93 -2.61
CA SER A 48 -3.73 6.96 -2.33
C SER A 48 -3.26 7.09 -0.88
N ALA A 49 -2.48 6.12 -0.44
CA ALA A 49 -1.95 6.12 0.92
C ALA A 49 -0.63 5.35 1.00
N ILE A 50 0.17 5.65 2.02
CA ILE A 50 1.45 4.98 2.22
C ILE A 50 1.58 4.45 3.63
N LEU A 51 1.81 3.15 3.76
CA LEU A 51 1.97 2.51 5.06
C LEU A 51 3.41 2.07 5.29
N ARG A 52 3.74 1.75 6.53
CA ARG A 52 5.08 1.31 6.88
C ARG A 52 5.04 -0.01 7.63
N PHE A 53 5.55 -1.06 7.00
CA PHE A 53 5.58 -2.39 7.60
C PHE A 53 7.00 -2.80 7.98
N ILE A 54 7.13 -3.51 9.09
CA ILE A 54 8.44 -3.95 9.55
C ILE A 54 9.25 -4.56 8.42
N ASN A 55 8.66 -5.54 7.73
CA ASN A 55 9.33 -6.20 6.62
C ASN A 55 8.32 -6.58 5.53
N GLN A 56 8.82 -7.22 4.48
CA GLN A 56 7.96 -7.64 3.38
C GLN A 56 6.78 -8.46 3.88
N ASP A 57 7.07 -9.62 4.46
CA ASP A 57 6.03 -10.50 4.98
C ASP A 57 4.87 -9.68 5.54
N SER A 58 5.13 -8.94 6.61
CA SER A 58 4.11 -8.13 7.25
C SER A 58 3.37 -7.27 6.22
N ALA A 59 4.13 -6.66 5.32
CA ALA A 59 3.55 -5.82 4.28
C ALA A 59 2.66 -6.64 3.34
N GLU A 60 3.04 -7.90 3.13
CA GLU A 60 2.27 -8.78 2.26
C GLU A 60 0.89 -9.06 2.83
N ARG A 61 0.84 -9.81 3.93
CA ARG A 61 -0.42 -10.15 4.57
C ARG A 61 -1.40 -8.98 4.47
N ALA A 62 -0.87 -7.76 4.50
CA ALA A 62 -1.69 -6.57 4.41
C ALA A 62 -2.03 -6.22 2.96
N GLN A 63 -1.02 -6.33 2.10
CA GLN A 63 -1.20 -6.02 0.68
C GLN A 63 -2.20 -6.98 0.05
N LYS A 64 -2.08 -8.26 0.38
CA LYS A 64 -2.97 -9.28 -0.15
C LYS A 64 -4.38 -9.14 0.43
N ARG A 65 -4.47 -8.49 1.58
CA ARG A 65 -5.76 -8.28 2.24
C ARG A 65 -6.41 -6.98 1.78
N MET A 66 -5.80 -5.86 2.15
CA MET A 66 -6.32 -4.55 1.77
C MET A 66 -6.72 -4.53 0.30
N GLU A 67 -5.83 -5.01 -0.56
CA GLU A 67 -6.08 -5.05 -1.99
C GLU A 67 -7.52 -5.46 -2.27
N ASN A 68 -8.00 -6.46 -1.54
CA ASN A 68 -9.36 -6.95 -1.70
C ASN A 68 -10.33 -6.23 -0.76
N GLU A 69 -9.77 -5.59 0.26
CA GLU A 69 -10.58 -4.87 1.23
C GLU A 69 -11.15 -3.59 0.62
N ASP A 70 -12.37 -3.24 1.04
CA ASP A 70 -13.03 -2.04 0.53
C ASP A 70 -13.27 -1.04 1.65
N VAL A 71 -12.32 -0.15 1.86
CA VAL A 71 -12.43 0.87 2.90
C VAL A 71 -13.87 1.32 3.09
N PHE A 72 -14.49 1.75 2.00
CA PHE A 72 -15.88 2.20 2.03
C PHE A 72 -16.52 2.11 0.66
N GLY A 73 -17.42 1.14 0.49
CA GLY A 73 -18.10 0.96 -0.78
C GLY A 73 -17.16 1.14 -1.96
N ASN A 74 -15.87 0.88 -1.75
CA ASN A 74 -14.88 1.02 -2.80
C ASN A 74 -13.65 0.18 -2.50
N ARG A 75 -13.23 -0.63 -3.48
CA ARG A 75 -12.06 -1.48 -3.32
C ARG A 75 -10.78 -0.69 -3.53
N ILE A 76 -9.80 -0.91 -2.66
CA ILE A 76 -8.52 -0.22 -2.74
C ILE A 76 -7.47 -1.11 -3.42
N ILE A 77 -6.45 -0.47 -3.99
CA ILE A 77 -5.38 -1.19 -4.66
C ILE A 77 -4.04 -0.98 -3.96
N VAL A 78 -3.55 -2.03 -3.31
CA VAL A 78 -2.28 -1.96 -2.60
C VAL A 78 -1.15 -2.55 -3.43
N SER A 79 -0.11 -1.75 -3.67
CA SER A 79 1.03 -2.20 -4.46
C SER A 79 2.34 -1.80 -3.79
N PHE A 80 3.39 -2.57 -4.04
CA PHE A 80 4.69 -2.30 -3.46
C PHE A 80 5.44 -1.23 -4.26
N THR A 81 5.05 -1.07 -5.53
CA THR A 81 5.67 -0.08 -6.39
C THR A 81 4.74 1.11 -6.63
N PRO A 82 5.33 2.25 -7.03
CA PRO A 82 4.57 3.47 -7.29
C PRO A 82 3.73 3.36 -8.56
N LYS A 83 2.58 4.04 -8.57
CA LYS A 83 1.68 4.02 -9.70
C LYS A 83 1.80 5.30 -10.52
N ASN A 84 2.13 6.40 -9.84
CA ASN A 84 2.29 7.69 -10.50
C ASN A 84 3.19 7.58 -11.73
N ARG A 85 4.30 6.88 -11.56
CA ARG A 85 5.25 6.68 -12.65
C ARG A 85 5.91 5.31 -12.57
N GLU A 86 5.72 4.51 -13.62
CA GLU A 86 6.30 3.16 -13.66
C GLU A 86 7.38 3.08 -14.73
N LEU A 87 8.57 2.65 -14.32
CA LEU A 87 9.70 2.52 -15.24
C LEU A 87 9.39 1.51 -16.34
N CYS A 88 8.71 0.42 -15.96
CA CYS A 88 8.35 -0.63 -16.92
C CYS A 88 7.12 -1.39 -16.44
N GLU A 89 6.58 -2.23 -17.31
CA GLU A 89 5.39 -3.02 -16.98
C GLU A 89 5.72 -4.51 -16.98
N THR A 90 5.90 -5.07 -15.79
CA THR A 90 6.22 -6.49 -15.65
C THR A 90 5.18 -7.20 -14.79
N SER A 91 4.54 -8.20 -15.38
CA SER A 91 3.51 -8.97 -14.68
C SER A 91 4.03 -10.36 -14.32
N GLY A 92 4.56 -11.06 -15.31
CA GLY A 92 5.08 -12.40 -15.08
C GLY A 92 4.01 -13.38 -14.68
N PRO A 93 4.41 -14.62 -14.38
CA PRO A 93 3.48 -15.69 -13.98
C PRO A 93 2.88 -15.44 -12.60
N SER A 94 1.68 -15.95 -12.38
CA SER A 94 0.99 -15.79 -11.10
C SER A 94 1.27 -16.96 -10.18
N SER A 95 1.01 -18.17 -10.67
CA SER A 95 1.24 -19.38 -9.89
C SER A 95 2.05 -20.40 -10.68
N GLY A 96 3.15 -20.85 -10.09
CA GLY A 96 4.01 -21.83 -10.75
C GLY A 96 4.74 -22.71 -9.77
N GLY A 1 15.49 11.07 -5.39
CA GLY A 1 14.86 10.08 -4.53
C GLY A 1 15.79 8.92 -4.21
N SER A 2 15.21 7.76 -3.93
CA SER A 2 15.99 6.57 -3.59
C SER A 2 15.53 5.37 -4.41
N SER A 3 16.03 5.27 -5.64
CA SER A 3 15.66 4.17 -6.53
C SER A 3 16.18 2.84 -5.98
N GLY A 4 15.43 1.77 -6.24
CA GLY A 4 15.82 0.46 -5.77
C GLY A 4 15.53 0.26 -4.29
N SER A 5 15.99 -0.86 -3.75
CA SER A 5 15.78 -1.17 -2.34
C SER A 5 16.09 0.04 -1.46
N SER A 6 15.12 0.44 -0.65
CA SER A 6 15.29 1.59 0.23
C SER A 6 15.11 1.17 1.69
N GLY A 7 16.19 0.73 2.32
CA GLY A 7 16.13 0.31 3.71
C GLY A 7 15.66 -1.12 3.86
N CYS A 8 15.56 -1.58 5.10
CA CYS A 8 15.13 -2.94 5.38
C CYS A 8 13.61 -3.01 5.47
N HIS A 9 13.01 -1.98 6.04
CA HIS A 9 11.55 -1.93 6.19
C HIS A 9 10.86 -2.10 4.83
N THR A 10 9.54 -2.22 4.86
CA THR A 10 8.76 -2.39 3.64
C THR A 10 7.51 -1.52 3.66
N LEU A 11 7.50 -0.49 2.82
CA LEU A 11 6.36 0.41 2.73
C LEU A 11 5.37 -0.05 1.66
N LEU A 12 4.10 0.29 1.87
CA LEU A 12 3.05 -0.10 0.92
C LEU A 12 2.41 1.14 0.30
N TYR A 13 1.88 0.97 -0.91
CA TYR A 13 1.24 2.07 -1.62
C TYR A 13 -0.20 1.73 -1.97
N VAL A 14 -1.14 2.38 -1.29
CA VAL A 14 -2.56 2.14 -1.53
C VAL A 14 -3.12 3.11 -2.56
N TYR A 15 -4.10 2.66 -3.33
CA TYR A 15 -4.71 3.49 -4.36
C TYR A 15 -6.22 3.27 -4.40
N ASN A 16 -6.91 4.11 -5.17
CA ASN A 16 -8.36 4.00 -5.30
C ASN A 16 -9.05 4.19 -3.96
N LEU A 17 -8.71 5.29 -3.29
CA LEU A 17 -9.30 5.59 -1.99
C LEU A 17 -10.49 6.55 -2.13
N PRO A 18 -11.43 6.47 -1.17
CA PRO A 18 -12.62 7.33 -1.17
C PRO A 18 -12.29 8.79 -0.85
N ALA A 19 -11.98 9.55 -1.89
CA ALA A 19 -11.64 10.96 -1.73
C ALA A 19 -12.74 11.71 -0.97
N ASN A 20 -13.99 11.35 -1.25
CA ASN A 20 -15.13 11.98 -0.59
C ASN A 20 -15.11 11.71 0.91
N LYS A 21 -14.90 10.45 1.27
CA LYS A 21 -14.85 10.06 2.68
C LYS A 21 -13.76 10.83 3.42
N ASP A 22 -14.18 11.75 4.29
CA ASP A 22 -13.24 12.55 5.07
C ASP A 22 -12.01 11.73 5.45
N GLY A 23 -10.83 12.23 5.10
CA GLY A 23 -9.60 11.53 5.41
C GLY A 23 -9.61 10.96 6.81
N LYS A 24 -10.01 11.77 7.78
CA LYS A 24 -10.05 11.33 9.17
C LYS A 24 -10.74 9.98 9.29
N SER A 25 -11.82 9.80 8.55
CA SER A 25 -12.57 8.55 8.58
C SER A 25 -11.82 7.45 7.84
N VAL A 26 -11.26 7.80 6.69
CA VAL A 26 -10.51 6.84 5.89
C VAL A 26 -9.33 6.28 6.67
N SER A 27 -8.39 7.15 7.03
CA SER A 27 -7.21 6.74 7.77
C SER A 27 -7.55 5.63 8.76
N ASN A 28 -8.34 5.96 9.77
CA ASN A 28 -8.74 4.99 10.78
C ASN A 28 -8.96 3.61 10.16
N ARG A 29 -9.96 3.51 9.29
CA ARG A 29 -10.28 2.25 8.63
C ARG A 29 -9.00 1.55 8.18
N LEU A 30 -8.03 2.32 7.71
CA LEU A 30 -6.77 1.77 7.25
C LEU A 30 -5.87 1.40 8.42
N ARG A 31 -5.90 2.23 9.46
CA ARG A 31 -5.09 1.99 10.65
C ARG A 31 -5.29 0.57 11.16
N ARG A 32 -6.54 0.14 11.24
CA ARG A 32 -6.86 -1.20 11.72
C ARG A 32 -6.20 -2.26 10.84
N LEU A 33 -6.37 -2.13 9.53
CA LEU A 33 -5.79 -3.08 8.58
C LEU A 33 -4.27 -3.11 8.70
N SER A 34 -3.71 -2.04 9.24
CA SER A 34 -2.26 -1.94 9.41
C SER A 34 -1.83 -2.53 10.74
N ASP A 35 -2.60 -2.23 11.80
CA ASP A 35 -2.30 -2.74 13.13
C ASP A 35 -2.45 -4.25 13.18
N ASN A 36 -3.33 -4.79 12.34
CA ASN A 36 -3.58 -6.22 12.30
C ASN A 36 -2.54 -6.93 11.44
N CYS A 37 -2.11 -6.26 10.37
CA CYS A 37 -1.11 -6.82 9.46
C CYS A 37 0.30 -6.51 9.94
N GLY A 38 0.42 -5.50 10.81
CA GLY A 38 1.72 -5.12 11.33
C GLY A 38 2.33 -3.97 10.56
N GLY A 39 1.69 -2.80 10.64
CA GLY A 39 2.20 -1.64 9.93
C GLY A 39 1.67 -0.34 10.51
N LYS A 40 1.97 0.77 9.84
CA LYS A 40 1.53 2.08 10.29
C LYS A 40 1.34 3.03 9.12
N VAL A 41 0.10 3.44 8.89
CA VAL A 41 -0.22 4.35 7.79
C VAL A 41 0.59 5.64 7.90
N LEU A 42 1.71 5.70 7.18
CA LEU A 42 2.58 6.88 7.20
C LEU A 42 1.78 8.14 6.88
N SER A 43 1.08 8.13 5.76
CA SER A 43 0.28 9.27 5.34
C SER A 43 -0.75 8.86 4.29
N ILE A 44 -1.69 9.76 4.00
CA ILE A 44 -2.73 9.50 3.02
C ILE A 44 -2.94 10.70 2.10
N THR A 45 -2.45 10.58 0.87
CA THR A 45 -2.58 11.65 -0.10
C THR A 45 -3.58 11.29 -1.20
N GLY A 46 -4.40 12.26 -1.60
CA GLY A 46 -5.39 12.02 -2.63
C GLY A 46 -6.05 10.66 -2.49
N CYS A 47 -6.21 9.96 -3.61
CA CYS A 47 -6.83 8.65 -3.61
C CYS A 47 -5.80 7.55 -3.37
N SER A 48 -4.69 7.93 -2.74
CA SER A 48 -3.62 6.97 -2.44
C SER A 48 -3.15 7.12 -1.01
N ALA A 49 -2.43 6.11 -0.52
CA ALA A 49 -1.92 6.11 0.85
C ALA A 49 -0.59 5.38 0.93
N ILE A 50 0.11 5.57 2.05
CA ILE A 50 1.40 4.91 2.26
C ILE A 50 1.52 4.37 3.68
N LEU A 51 1.90 3.11 3.79
CA LEU A 51 2.05 2.46 5.09
C LEU A 51 3.49 2.00 5.31
N ARG A 52 3.84 1.75 6.56
CA ARG A 52 5.19 1.30 6.90
C ARG A 52 5.14 -0.04 7.65
N PHE A 53 5.65 -1.08 7.00
CA PHE A 53 5.67 -2.41 7.60
C PHE A 53 7.09 -2.81 8.00
N ILE A 54 7.21 -3.56 9.09
CA ILE A 54 8.51 -4.00 9.56
C ILE A 54 9.32 -4.65 8.45
N ASN A 55 8.71 -5.63 7.78
CA ASN A 55 9.38 -6.32 6.69
C ASN A 55 8.38 -6.70 5.59
N GLN A 56 8.88 -7.32 4.53
CA GLN A 56 8.02 -7.73 3.41
C GLN A 56 6.80 -8.49 3.92
N ASP A 57 7.04 -9.65 4.52
CA ASP A 57 5.96 -10.47 5.04
C ASP A 57 4.82 -9.60 5.57
N SER A 58 5.06 -8.92 6.68
CA SER A 58 4.05 -8.05 7.28
C SER A 58 3.30 -7.26 6.20
N ALA A 59 4.05 -6.62 5.32
CA ALA A 59 3.46 -5.84 4.24
C ALA A 59 2.56 -6.69 3.37
N GLU A 60 3.05 -7.86 2.96
CA GLU A 60 2.28 -8.76 2.12
C GLU A 60 0.92 -9.05 2.75
N ARG A 61 0.92 -9.66 3.93
CA ARG A 61 -0.31 -9.99 4.63
C ARG A 61 -1.31 -8.85 4.53
N ALA A 62 -0.80 -7.63 4.36
CA ALA A 62 -1.66 -6.45 4.25
C ALA A 62 -1.95 -6.13 2.78
N GLN A 63 -0.97 -6.35 1.93
CA GLN A 63 -1.12 -6.07 0.50
C GLN A 63 -2.07 -7.08 -0.15
N LYS A 64 -2.17 -8.26 0.44
CA LYS A 64 -3.04 -9.31 -0.08
C LYS A 64 -4.43 -9.21 0.52
N ARG A 65 -4.53 -8.56 1.68
CA ARG A 65 -5.81 -8.38 2.36
C ARG A 65 -6.52 -7.13 1.86
N MET A 66 -5.91 -5.97 2.11
CA MET A 66 -6.49 -4.71 1.68
C MET A 66 -6.89 -4.75 0.21
N GLU A 67 -5.96 -5.18 -0.64
CA GLU A 67 -6.23 -5.27 -2.07
C GLU A 67 -7.64 -5.78 -2.33
N ASN A 68 -8.12 -6.65 -1.45
CA ASN A 68 -9.46 -7.23 -1.59
C ASN A 68 -10.45 -6.52 -0.65
N GLU A 69 -9.91 -5.88 0.37
CA GLU A 69 -10.74 -5.17 1.34
C GLU A 69 -11.43 -3.96 0.70
N ASP A 70 -12.37 -3.37 1.41
CA ASP A 70 -13.11 -2.22 0.89
C ASP A 70 -13.12 -1.10 1.93
N VAL A 71 -12.11 -0.23 1.88
CA VAL A 71 -12.01 0.89 2.80
C VAL A 71 -13.39 1.44 3.17
N PHE A 72 -14.22 1.64 2.14
CA PHE A 72 -15.57 2.16 2.36
C PHE A 72 -16.37 2.14 1.06
N GLY A 73 -17.30 1.21 0.96
CA GLY A 73 -18.12 1.10 -0.24
C GLY A 73 -17.32 1.31 -1.50
N ASN A 74 -16.02 1.07 -1.43
CA ASN A 74 -15.15 1.23 -2.58
C ASN A 74 -13.87 0.40 -2.42
N ARG A 75 -13.65 -0.51 -3.36
CA ARG A 75 -12.48 -1.37 -3.32
C ARG A 75 -11.20 -0.55 -3.44
N ILE A 76 -10.14 -1.02 -2.78
CA ILE A 76 -8.86 -0.33 -2.80
C ILE A 76 -7.76 -1.21 -3.39
N ILE A 77 -6.71 -0.59 -3.90
CA ILE A 77 -5.59 -1.33 -4.47
C ILE A 77 -4.32 -1.12 -3.68
N VAL A 78 -3.50 -2.16 -3.57
CA VAL A 78 -2.25 -2.09 -2.83
C VAL A 78 -1.08 -2.60 -3.68
N SER A 79 -0.04 -1.77 -3.80
CA SER A 79 1.13 -2.14 -4.58
C SER A 79 2.41 -1.75 -3.85
N PHE A 80 3.47 -2.54 -4.06
CA PHE A 80 4.75 -2.29 -3.41
C PHE A 80 5.51 -1.17 -4.14
N THR A 81 5.21 -1.00 -5.42
CA THR A 81 5.86 0.02 -6.22
C THR A 81 4.89 1.14 -6.60
N PRO A 82 5.44 2.32 -6.93
CA PRO A 82 4.63 3.48 -7.31
C PRO A 82 3.96 3.31 -8.67
N LYS A 83 2.73 3.77 -8.78
CA LYS A 83 1.97 3.67 -10.03
C LYS A 83 2.02 4.98 -10.80
N ASN A 84 1.61 4.93 -12.06
CA ASN A 84 1.59 6.12 -12.90
C ASN A 84 3.00 6.70 -13.07
N ARG A 85 3.97 5.81 -13.27
CA ARG A 85 5.35 6.22 -13.44
C ARG A 85 6.00 5.52 -14.64
N GLU A 86 5.28 5.51 -15.76
CA GLU A 86 5.76 4.87 -16.98
C GLU A 86 4.84 5.15 -18.15
N LEU A 87 5.37 5.84 -19.16
CA LEU A 87 4.58 6.17 -20.34
C LEU A 87 3.62 5.05 -20.70
N CYS A 88 2.48 5.41 -21.27
CA CYS A 88 1.47 4.43 -21.66
C CYS A 88 1.80 3.83 -23.01
N GLU A 89 2.69 2.83 -23.02
CA GLU A 89 3.09 2.16 -24.25
C GLU A 89 3.92 0.92 -23.94
N THR A 90 3.91 -0.03 -24.87
CA THR A 90 4.67 -1.26 -24.71
C THR A 90 5.80 -1.36 -25.73
N SER A 91 5.44 -1.37 -27.01
CA SER A 91 6.43 -1.46 -28.07
C SER A 91 6.40 -0.21 -28.95
N GLY A 92 5.22 0.10 -29.48
CA GLY A 92 5.07 1.26 -30.34
C GLY A 92 4.13 1.01 -31.50
N PRO A 93 4.67 1.07 -32.73
CA PRO A 93 3.89 0.85 -33.95
C PRO A 93 3.46 -0.60 -34.11
N SER A 94 4.10 -1.48 -33.36
CA SER A 94 3.79 -2.90 -33.42
C SER A 94 2.29 -3.12 -33.64
N SER A 95 1.91 -3.43 -34.87
CA SER A 95 0.50 -3.65 -35.21
C SER A 95 0.00 -4.93 -34.56
N GLY A 96 -1.31 -5.16 -34.66
CA GLY A 96 -1.91 -6.35 -34.08
C GLY A 96 -2.32 -6.14 -32.64
N GLY A 1 13.51 -1.89 -6.69
CA GLY A 1 14.30 -3.01 -7.17
C GLY A 1 15.74 -2.94 -6.70
N SER A 2 15.97 -3.33 -5.45
CA SER A 2 17.31 -3.31 -4.87
C SER A 2 18.08 -4.57 -5.25
N SER A 3 19.34 -4.64 -4.82
CA SER A 3 20.19 -5.78 -5.12
C SER A 3 20.76 -6.38 -3.83
N GLY A 4 19.93 -6.47 -2.81
CA GLY A 4 20.38 -7.02 -1.54
C GLY A 4 19.87 -6.23 -0.36
N SER A 5 19.05 -6.86 0.48
CA SER A 5 18.49 -6.22 1.66
C SER A 5 18.69 -7.07 2.90
N SER A 6 19.51 -6.60 3.82
CA SER A 6 19.79 -7.33 5.05
C SER A 6 18.61 -7.22 6.01
N GLY A 7 18.11 -6.00 6.21
CA GLY A 7 17.00 -5.78 7.10
C GLY A 7 16.44 -4.39 7.00
N CYS A 8 15.56 -4.17 6.04
CA CYS A 8 14.95 -2.85 5.84
C CYS A 8 13.43 -2.93 5.97
N HIS A 9 12.79 -1.77 6.02
CA HIS A 9 11.33 -1.71 6.15
C HIS A 9 10.66 -1.86 4.78
N THR A 10 9.37 -2.15 4.80
CA THR A 10 8.61 -2.32 3.57
C THR A 10 7.36 -1.45 3.56
N LEU A 11 7.36 -0.43 2.71
CA LEU A 11 6.23 0.49 2.60
C LEU A 11 5.24 0.00 1.55
N LEU A 12 3.95 0.23 1.80
CA LEU A 12 2.90 -0.18 0.88
C LEU A 12 2.25 1.03 0.24
N TYR A 13 1.72 0.84 -0.97
CA TYR A 13 1.05 1.92 -1.69
C TYR A 13 -0.39 1.57 -2.01
N VAL A 14 -1.33 2.21 -1.33
CA VAL A 14 -2.74 1.96 -1.54
C VAL A 14 -3.33 2.92 -2.57
N TYR A 15 -4.31 2.45 -3.33
CA TYR A 15 -4.95 3.27 -4.35
C TYR A 15 -6.46 3.02 -4.39
N ASN A 16 -7.16 3.85 -5.15
CA ASN A 16 -8.62 3.72 -5.26
C ASN A 16 -9.29 3.91 -3.92
N LEU A 17 -8.96 5.02 -3.25
CA LEU A 17 -9.53 5.32 -1.95
C LEU A 17 -10.76 6.22 -2.08
N PRO A 18 -11.71 6.08 -1.15
CA PRO A 18 -12.94 6.87 -1.14
C PRO A 18 -12.69 8.34 -0.81
N ALA A 19 -12.41 9.13 -1.84
CA ALA A 19 -12.15 10.56 -1.65
C ALA A 19 -13.29 11.23 -0.90
N ASN A 20 -14.52 10.84 -1.24
CA ASN A 20 -15.70 11.41 -0.61
C ASN A 20 -15.61 11.30 0.91
N LYS A 21 -15.20 10.13 1.38
CA LYS A 21 -15.06 9.89 2.82
C LYS A 21 -13.95 10.75 3.42
N ASP A 22 -14.33 11.62 4.34
CA ASP A 22 -13.36 12.51 4.99
C ASP A 22 -12.09 11.76 5.35
N GLY A 23 -10.96 12.23 4.83
CA GLY A 23 -9.69 11.58 5.11
C GLY A 23 -9.59 11.09 6.54
N LYS A 24 -9.89 11.98 7.49
CA LYS A 24 -9.82 11.63 8.90
C LYS A 24 -10.43 10.25 9.15
N SER A 25 -11.62 10.02 8.60
CA SER A 25 -12.31 8.74 8.77
C SER A 25 -11.56 7.63 8.03
N VAL A 26 -11.35 7.82 6.73
CA VAL A 26 -10.65 6.84 5.91
C VAL A 26 -9.45 6.27 6.65
N SER A 27 -8.46 7.12 6.90
CA SER A 27 -7.25 6.71 7.59
C SER A 27 -7.56 5.63 8.63
N ASN A 28 -8.32 6.00 9.65
CA ASN A 28 -8.70 5.07 10.71
C ASN A 28 -8.96 3.68 10.14
N ARG A 29 -9.89 3.58 9.21
CA ARG A 29 -10.24 2.31 8.59
C ARG A 29 -8.98 1.56 8.16
N LEU A 30 -8.03 2.30 7.59
CA LEU A 30 -6.78 1.70 7.12
C LEU A 30 -5.86 1.39 8.30
N ARG A 31 -5.92 2.22 9.33
CA ARG A 31 -5.10 2.03 10.52
C ARG A 31 -5.33 0.65 11.13
N ARG A 32 -6.60 0.24 11.19
CA ARG A 32 -6.95 -1.06 11.75
C ARG A 32 -6.42 -2.19 10.88
N LEU A 33 -6.49 -2.00 9.55
CA LEU A 33 -6.02 -3.01 8.62
C LEU A 33 -4.51 -3.15 8.67
N SER A 34 -3.85 -2.10 9.14
CA SER A 34 -2.38 -2.09 9.26
C SER A 34 -1.95 -2.56 10.64
N ASP A 35 -2.80 -2.34 11.64
CA ASP A 35 -2.50 -2.75 13.01
C ASP A 35 -2.41 -4.27 13.12
N ASN A 36 -3.29 -4.96 12.39
CA ASN A 36 -3.30 -6.42 12.41
C ASN A 36 -2.20 -6.99 11.52
N CYS A 37 -1.74 -6.18 10.57
CA CYS A 37 -0.69 -6.61 9.65
C CYS A 37 0.67 -6.09 10.11
N GLY A 38 0.74 -5.66 11.37
CA GLY A 38 1.99 -5.14 11.91
C GLY A 38 2.53 -3.98 11.10
N GLY A 39 1.74 -2.94 10.96
CA GLY A 39 2.16 -1.77 10.20
C GLY A 39 1.50 -0.49 10.69
N LYS A 40 1.81 0.62 10.03
CA LYS A 40 1.25 1.91 10.40
C LYS A 40 1.10 2.80 9.18
N VAL A 41 -0.02 3.53 9.11
CA VAL A 41 -0.29 4.43 7.99
C VAL A 41 0.51 5.72 8.13
N LEU A 42 1.68 5.75 7.50
CA LEU A 42 2.55 6.92 7.55
C LEU A 42 1.77 8.18 7.19
N SER A 43 1.18 8.18 5.99
CA SER A 43 0.40 9.33 5.52
C SER A 43 -0.63 8.89 4.49
N ILE A 44 -1.52 9.81 4.15
CA ILE A 44 -2.56 9.53 3.15
C ILE A 44 -2.71 10.68 2.18
N THR A 45 -2.22 10.50 0.96
CA THR A 45 -2.30 11.52 -0.07
C THR A 45 -3.36 11.19 -1.11
N GLY A 46 -4.14 12.19 -1.51
CA GLY A 46 -5.18 11.98 -2.50
C GLY A 46 -5.93 10.68 -2.26
N CYS A 47 -6.14 9.91 -3.34
CA CYS A 47 -6.85 8.65 -3.24
C CYS A 47 -5.89 7.50 -2.97
N SER A 48 -4.68 7.84 -2.54
CA SER A 48 -3.66 6.84 -2.24
C SER A 48 -3.14 6.99 -0.82
N ALA A 49 -2.47 5.97 -0.33
CA ALA A 49 -1.92 5.98 1.03
C ALA A 49 -0.59 5.24 1.10
N ILE A 50 0.21 5.56 2.10
CA ILE A 50 1.51 4.93 2.27
C ILE A 50 1.68 4.39 3.68
N LEU A 51 1.78 3.07 3.81
CA LEU A 51 1.94 2.43 5.11
C LEU A 51 3.39 2.01 5.33
N ARG A 52 3.71 1.65 6.56
CA ARG A 52 5.07 1.22 6.91
C ARG A 52 5.04 -0.11 7.65
N PHE A 53 5.59 -1.15 6.99
CA PHE A 53 5.63 -2.48 7.58
C PHE A 53 7.06 -2.86 7.95
N ILE A 54 7.21 -3.53 9.09
CA ILE A 54 8.53 -3.96 9.56
C ILE A 54 9.34 -4.56 8.42
N ASN A 55 8.77 -5.55 7.74
CA ASN A 55 9.44 -6.21 6.64
C ASN A 55 8.45 -6.60 5.55
N GLN A 56 8.97 -7.06 4.41
CA GLN A 56 8.12 -7.48 3.30
C GLN A 56 6.94 -8.30 3.79
N ASP A 57 7.24 -9.50 4.31
CA ASP A 57 6.20 -10.39 4.81
C ASP A 57 5.05 -9.60 5.42
N SER A 58 5.32 -8.96 6.56
CA SER A 58 4.30 -8.18 7.25
C SER A 58 3.54 -7.30 6.26
N ALA A 59 4.26 -6.75 5.29
CA ALA A 59 3.66 -5.88 4.28
C ALA A 59 2.75 -6.68 3.34
N GLU A 60 3.20 -7.87 2.98
CA GLU A 60 2.43 -8.73 2.09
C GLU A 60 1.02 -8.94 2.62
N ARG A 61 0.92 -9.62 3.75
CA ARG A 61 -0.39 -9.89 4.37
C ARG A 61 -1.31 -8.70 4.20
N ALA A 62 -0.77 -7.50 4.36
CA ALA A 62 -1.56 -6.28 4.23
C ALA A 62 -1.84 -5.95 2.76
N GLN A 63 -0.82 -6.14 1.92
CA GLN A 63 -0.95 -5.87 0.49
C GLN A 63 -1.99 -6.79 -0.14
N LYS A 64 -2.08 -8.02 0.38
CA LYS A 64 -3.02 -8.99 -0.14
C LYS A 64 -4.37 -8.88 0.57
N ARG A 65 -4.34 -8.39 1.81
CA ARG A 65 -5.56 -8.23 2.60
C ARG A 65 -6.37 -7.04 2.11
N MET A 66 -5.76 -5.87 2.08
CA MET A 66 -6.43 -4.65 1.63
C MET A 66 -6.89 -4.80 0.19
N GLU A 67 -5.96 -5.15 -0.70
CA GLU A 67 -6.27 -5.32 -2.12
C GLU A 67 -7.64 -5.98 -2.30
N ASN A 68 -7.99 -6.85 -1.34
CA ASN A 68 -9.26 -7.55 -1.40
C ASN A 68 -10.28 -6.91 -0.48
N GLU A 69 -9.79 -6.20 0.54
CA GLU A 69 -10.67 -5.53 1.50
C GLU A 69 -11.43 -4.39 0.84
N ASP A 70 -12.38 -3.82 1.56
CA ASP A 70 -13.19 -2.72 1.05
C ASP A 70 -13.21 -1.56 2.04
N VAL A 71 -12.23 -0.68 1.94
CA VAL A 71 -12.13 0.48 2.83
C VAL A 71 -13.52 1.02 3.16
N PHE A 72 -14.37 1.14 2.15
CA PHE A 72 -15.72 1.65 2.33
C PHE A 72 -16.52 1.58 1.04
N GLY A 73 -17.43 0.62 0.96
CA GLY A 73 -18.24 0.46 -0.24
C GLY A 73 -17.43 0.58 -1.51
N ASN A 74 -16.12 0.37 -1.40
CA ASN A 74 -15.23 0.46 -2.55
C ASN A 74 -13.92 -0.27 -2.28
N ARG A 75 -13.60 -1.24 -3.14
CA ARG A 75 -12.37 -2.02 -2.99
C ARG A 75 -11.15 -1.12 -3.20
N ILE A 76 -10.06 -1.46 -2.53
CA ILE A 76 -8.82 -0.70 -2.64
C ILE A 76 -7.71 -1.54 -3.28
N ILE A 77 -6.74 -0.87 -3.88
CA ILE A 77 -5.62 -1.55 -4.53
C ILE A 77 -4.31 -1.27 -3.79
N VAL A 78 -3.59 -2.32 -3.46
CA VAL A 78 -2.31 -2.20 -2.76
C VAL A 78 -1.17 -2.74 -3.61
N SER A 79 -0.13 -1.92 -3.77
CA SER A 79 1.03 -2.32 -4.56
C SER A 79 2.32 -1.91 -3.86
N PHE A 80 3.39 -2.67 -4.12
CA PHE A 80 4.69 -2.38 -3.51
C PHE A 80 5.41 -1.27 -4.27
N THR A 81 5.07 -1.10 -5.54
CA THR A 81 5.68 -0.07 -6.37
C THR A 81 4.68 1.04 -6.70
N PRO A 82 5.21 2.23 -7.03
CA PRO A 82 4.38 3.39 -7.37
C PRO A 82 3.66 3.22 -8.70
N LYS A 83 2.59 3.98 -8.89
CA LYS A 83 1.81 3.92 -10.13
C LYS A 83 2.33 4.94 -11.15
N ASN A 84 3.65 5.00 -11.28
CA ASN A 84 4.27 5.94 -12.23
C ASN A 84 4.21 5.39 -13.65
N ARG A 85 4.47 4.10 -13.79
CA ARG A 85 4.45 3.45 -15.10
C ARG A 85 3.85 2.05 -15.00
N GLU A 86 2.89 1.76 -15.87
CA GLU A 86 2.24 0.45 -15.89
C GLU A 86 3.04 -0.55 -16.73
N LEU A 87 3.64 -1.53 -16.07
CA LEU A 87 4.44 -2.54 -16.75
C LEU A 87 4.37 -3.87 -16.00
N CYS A 88 4.40 -4.96 -16.74
CA CYS A 88 4.35 -6.30 -16.15
C CYS A 88 5.75 -6.75 -15.74
N GLU A 89 6.73 -6.52 -16.61
CA GLU A 89 8.10 -6.91 -16.33
C GLU A 89 9.05 -6.33 -17.39
N THR A 90 10.34 -6.34 -17.07
CA THR A 90 11.35 -5.82 -17.98
C THR A 90 12.01 -6.93 -18.79
N SER A 91 12.38 -8.01 -18.10
CA SER A 91 13.02 -9.15 -18.76
C SER A 91 12.02 -9.89 -19.64
N GLY A 92 10.74 -9.60 -19.46
CA GLY A 92 9.71 -10.25 -20.25
C GLY A 92 9.57 -11.72 -19.92
N PRO A 93 8.70 -12.41 -20.67
CA PRO A 93 8.45 -13.84 -20.47
C PRO A 93 9.65 -14.70 -20.89
N SER A 94 10.09 -15.56 -19.98
CA SER A 94 11.24 -16.43 -20.26
C SER A 94 10.91 -17.87 -19.88
N SER A 95 10.51 -18.66 -20.87
CA SER A 95 10.17 -20.06 -20.64
C SER A 95 10.83 -20.96 -21.68
N GLY A 96 11.09 -22.21 -21.30
CA GLY A 96 11.72 -23.15 -22.21
C GLY A 96 13.23 -23.18 -22.06
N GLY A 1 32.42 -15.37 -0.53
CA GLY A 1 32.62 -16.29 0.57
C GLY A 1 32.30 -15.66 1.91
N SER A 2 31.09 -15.11 2.03
CA SER A 2 30.66 -14.47 3.27
C SER A 2 29.14 -14.31 3.29
N SER A 3 28.57 -14.30 4.49
CA SER A 3 27.13 -14.15 4.66
C SER A 3 26.80 -12.99 5.58
N GLY A 4 25.88 -12.14 5.15
CA GLY A 4 25.49 -10.99 5.94
C GLY A 4 23.98 -10.81 6.01
N SER A 5 23.48 -10.49 7.20
CA SER A 5 22.05 -10.29 7.40
C SER A 5 21.62 -8.89 6.96
N SER A 6 20.32 -8.66 6.96
CA SER A 6 19.78 -7.35 6.57
C SER A 6 18.59 -6.97 7.44
N GLY A 7 18.18 -5.72 7.34
CA GLY A 7 17.05 -5.24 8.13
C GLY A 7 16.40 -4.01 7.52
N CYS A 8 15.73 -4.19 6.39
CA CYS A 8 15.07 -3.09 5.71
C CYS A 8 13.55 -3.18 5.87
N HIS A 9 12.91 -2.03 6.01
CA HIS A 9 11.45 -1.98 6.17
C HIS A 9 10.75 -2.17 4.84
N THR A 10 9.41 -2.25 4.88
CA THR A 10 8.63 -2.44 3.67
C THR A 10 7.41 -1.52 3.66
N LEU A 11 7.41 -0.54 2.76
CA LEU A 11 6.31 0.41 2.66
C LEU A 11 5.30 -0.05 1.61
N LEU A 12 4.02 0.19 1.88
CA LEU A 12 2.95 -0.19 0.96
C LEU A 12 2.31 1.05 0.32
N TYR A 13 1.73 0.86 -0.85
CA TYR A 13 1.08 1.95 -1.56
C TYR A 13 -0.36 1.60 -1.91
N VAL A 14 -1.29 2.35 -1.34
CA VAL A 14 -2.72 2.12 -1.59
C VAL A 14 -3.28 3.14 -2.57
N TYR A 15 -4.26 2.72 -3.37
CA TYR A 15 -4.88 3.60 -4.35
C TYR A 15 -6.38 3.37 -4.40
N ASN A 16 -7.08 4.19 -5.20
CA ASN A 16 -8.52 4.08 -5.34
C ASN A 16 -9.22 4.24 -4.00
N LEU A 17 -8.92 5.33 -3.31
CA LEU A 17 -9.52 5.60 -2.01
C LEU A 17 -10.76 6.48 -2.15
N PRO A 18 -11.75 6.26 -1.28
CA PRO A 18 -13.01 7.02 -1.30
C PRO A 18 -12.81 8.46 -0.85
N ALA A 19 -12.39 9.31 -1.77
CA ALA A 19 -12.17 10.72 -1.46
C ALA A 19 -13.33 11.30 -0.66
N ASN A 20 -14.54 11.15 -1.18
CA ASN A 20 -15.73 11.65 -0.50
C ASN A 20 -15.65 11.42 1.01
N LYS A 21 -15.20 10.22 1.39
CA LYS A 21 -15.07 9.87 2.80
C LYS A 21 -13.96 10.69 3.46
N ASP A 22 -14.36 11.64 4.28
CA ASP A 22 -13.40 12.49 4.99
C ASP A 22 -12.17 11.69 5.40
N GLY A 23 -10.99 12.14 4.95
CA GLY A 23 -9.76 11.45 5.29
C GLY A 23 -9.77 10.91 6.71
N LYS A 24 -10.14 11.77 7.66
CA LYS A 24 -10.18 11.38 9.06
C LYS A 24 -10.78 9.98 9.22
N SER A 25 -11.88 9.74 8.51
CA SER A 25 -12.56 8.45 8.58
C SER A 25 -11.75 7.37 7.85
N VAL A 26 -11.37 7.67 6.62
CA VAL A 26 -10.58 6.73 5.81
C VAL A 26 -9.41 6.18 6.61
N SER A 27 -8.43 7.03 6.87
CA SER A 27 -7.24 6.62 7.62
C SER A 27 -7.59 5.59 8.69
N ASN A 28 -8.30 6.04 9.72
CA ASN A 28 -8.70 5.15 10.81
C ASN A 28 -8.98 3.74 10.28
N ARG A 29 -9.93 3.64 9.36
CA ARG A 29 -10.30 2.35 8.78
C ARG A 29 -9.05 1.56 8.37
N LEU A 30 -8.10 2.26 7.76
CA LEU A 30 -6.86 1.62 7.33
C LEU A 30 -5.97 1.29 8.51
N ARG A 31 -5.84 2.23 9.44
CA ARG A 31 -5.01 2.03 10.63
C ARG A 31 -5.26 0.64 11.22
N ARG A 32 -6.52 0.27 11.37
CA ARG A 32 -6.89 -1.02 11.92
C ARG A 32 -6.42 -2.16 11.02
N LEU A 33 -6.60 -1.97 9.71
CA LEU A 33 -6.19 -2.98 8.74
C LEU A 33 -4.68 -3.12 8.69
N SER A 34 -3.98 -2.06 9.09
CA SER A 34 -2.52 -2.06 9.10
C SER A 34 -1.97 -2.49 10.45
N ASP A 35 -2.72 -2.19 11.50
CA ASP A 35 -2.33 -2.55 12.86
C ASP A 35 -2.22 -4.06 13.02
N ASN A 36 -3.19 -4.77 12.44
CA ASN A 36 -3.20 -6.23 12.51
C ASN A 36 -2.12 -6.83 11.62
N CYS A 37 -1.88 -6.19 10.49
CA CYS A 37 -0.88 -6.65 9.54
C CYS A 37 0.50 -6.13 9.90
N GLY A 38 0.62 -5.56 11.09
CA GLY A 38 1.89 -5.01 11.54
C GLY A 38 2.38 -3.89 10.65
N GLY A 39 1.61 -2.80 10.59
CA GLY A 39 1.99 -1.66 9.77
C GLY A 39 1.57 -0.34 10.38
N LYS A 40 1.91 0.75 9.70
CA LYS A 40 1.55 2.08 10.18
C LYS A 40 1.36 3.04 9.02
N VAL A 41 0.14 3.54 8.86
CA VAL A 41 -0.18 4.48 7.78
C VAL A 41 0.65 5.74 7.90
N LEU A 42 1.80 5.76 7.24
CA LEU A 42 2.70 6.91 7.26
C LEU A 42 1.93 8.20 6.95
N SER A 43 1.24 8.20 5.80
CA SER A 43 0.47 9.36 5.38
C SER A 43 -0.57 8.97 4.34
N ILE A 44 -1.49 9.89 4.08
CA ILE A 44 -2.56 9.65 3.10
C ILE A 44 -2.70 10.82 2.14
N THR A 45 -2.21 10.64 0.92
CA THR A 45 -2.29 11.70 -0.09
C THR A 45 -3.38 11.39 -1.12
N GLY A 46 -4.15 12.40 -1.47
CA GLY A 46 -5.21 12.22 -2.45
C GLY A 46 -5.86 10.85 -2.35
N CYS A 47 -6.12 10.23 -3.50
CA CYS A 47 -6.75 8.92 -3.53
C CYS A 47 -5.70 7.81 -3.36
N SER A 48 -4.69 8.10 -2.54
CA SER A 48 -3.62 7.13 -2.30
C SER A 48 -3.14 7.21 -0.85
N ALA A 49 -2.41 6.19 -0.43
CA ALA A 49 -1.89 6.13 0.93
C ALA A 49 -0.58 5.36 1.00
N ILE A 50 0.21 5.62 2.04
CA ILE A 50 1.48 4.95 2.21
C ILE A 50 1.65 4.43 3.64
N LEU A 51 1.83 3.12 3.77
CA LEU A 51 2.01 2.50 5.08
C LEU A 51 3.45 2.03 5.27
N ARG A 52 3.82 1.79 6.52
CA ARG A 52 5.17 1.32 6.83
C ARG A 52 5.12 0.02 7.62
N PHE A 53 5.59 -1.06 7.00
CA PHE A 53 5.59 -2.37 7.64
C PHE A 53 7.01 -2.76 8.05
N ILE A 54 7.12 -3.50 9.16
CA ILE A 54 8.41 -3.94 9.65
C ILE A 54 9.24 -4.59 8.56
N ASN A 55 8.65 -5.57 7.88
CA ASN A 55 9.33 -6.27 6.79
C ASN A 55 8.35 -6.65 5.69
N GLN A 56 8.86 -7.20 4.61
CA GLN A 56 8.04 -7.62 3.48
C GLN A 56 6.87 -8.49 3.94
N ASP A 57 7.19 -9.67 4.44
CA ASP A 57 6.17 -10.60 4.91
C ASP A 57 5.00 -9.84 5.54
N SER A 58 5.26 -9.21 6.68
CA SER A 58 4.21 -8.45 7.37
C SER A 58 3.48 -7.53 6.40
N ALA A 59 4.21 -6.96 5.46
CA ALA A 59 3.63 -6.06 4.47
C ALA A 59 2.74 -6.83 3.49
N GLU A 60 3.15 -8.05 3.16
CA GLU A 60 2.41 -8.87 2.23
C GLU A 60 0.99 -9.15 2.74
N ARG A 61 0.91 -9.87 3.85
CA ARG A 61 -0.38 -10.20 4.45
C ARG A 61 -1.35 -9.02 4.34
N ALA A 62 -0.81 -7.81 4.37
CA ALA A 62 -1.62 -6.60 4.27
C ALA A 62 -1.83 -6.20 2.82
N GLN A 63 -0.80 -6.39 2.00
CA GLN A 63 -0.88 -6.05 0.59
C GLN A 63 -1.85 -6.97 -0.15
N LYS A 64 -1.98 -8.19 0.35
CA LYS A 64 -2.88 -9.18 -0.25
C LYS A 64 -4.28 -9.06 0.32
N ARG A 65 -4.37 -8.55 1.55
CA ARG A 65 -5.67 -8.38 2.22
C ARG A 65 -6.29 -7.05 1.84
N MET A 66 -5.58 -5.96 2.09
CA MET A 66 -6.08 -4.62 1.77
C MET A 66 -6.40 -4.51 0.28
N GLU A 67 -5.85 -5.42 -0.51
CA GLU A 67 -6.09 -5.42 -1.95
C GLU A 67 -7.58 -5.45 -2.26
N ASN A 68 -8.33 -6.19 -1.45
CA ASN A 68 -9.77 -6.30 -1.64
C ASN A 68 -10.52 -5.39 -0.68
N GLU A 69 -9.95 -5.20 0.51
CA GLU A 69 -10.56 -4.35 1.52
C GLU A 69 -11.32 -3.19 0.88
N ASP A 70 -12.50 -2.89 1.41
CA ASP A 70 -13.31 -1.80 0.90
C ASP A 70 -13.53 -0.73 1.96
N VAL A 71 -12.64 0.26 1.98
CA VAL A 71 -12.73 1.35 2.96
C VAL A 71 -14.18 1.76 3.19
N PHE A 72 -14.88 2.08 2.10
CA PHE A 72 -16.28 2.49 2.18
C PHE A 72 -16.92 2.49 0.80
N GLY A 73 -17.78 1.50 0.56
CA GLY A 73 -18.45 1.41 -0.73
C GLY A 73 -17.50 1.54 -1.89
N ASN A 74 -16.29 0.99 -1.73
CA ASN A 74 -15.28 1.05 -2.78
C ASN A 74 -14.20 -0.01 -2.56
N ARG A 75 -13.33 -0.18 -3.54
CA ARG A 75 -12.26 -1.15 -3.45
C ARG A 75 -10.90 -0.48 -3.66
N ILE A 76 -10.04 -0.57 -2.64
CA ILE A 76 -8.71 0.03 -2.71
C ILE A 76 -7.72 -0.92 -3.36
N ILE A 77 -6.65 -0.35 -3.91
CA ILE A 77 -5.62 -1.15 -4.57
C ILE A 77 -4.27 -0.97 -3.89
N VAL A 78 -3.71 -2.07 -3.39
CA VAL A 78 -2.42 -2.03 -2.71
C VAL A 78 -1.32 -2.57 -3.61
N SER A 79 -0.22 -1.83 -3.72
CA SER A 79 0.91 -2.23 -4.55
C SER A 79 2.23 -1.92 -3.87
N PHE A 80 3.25 -2.71 -4.18
CA PHE A 80 4.57 -2.51 -3.58
C PHE A 80 5.34 -1.42 -4.33
N THR A 81 4.96 -1.18 -5.58
CA THR A 81 5.60 -0.16 -6.40
C THR A 81 4.67 1.00 -6.68
N PRO A 82 5.24 2.19 -6.91
CA PRO A 82 4.47 3.40 -7.20
C PRO A 82 3.81 3.35 -8.58
N LYS A 83 2.58 3.85 -8.66
CA LYS A 83 1.84 3.87 -9.92
C LYS A 83 1.91 5.24 -10.57
N ASN A 84 1.86 6.29 -9.76
CA ASN A 84 1.92 7.65 -10.26
C ASN A 84 3.06 7.81 -11.26
N ARG A 85 4.26 7.46 -10.83
CA ARG A 85 5.44 7.56 -11.67
C ARG A 85 6.38 6.38 -11.46
N GLU A 86 7.01 5.93 -12.54
CA GLU A 86 7.94 4.80 -12.47
C GLU A 86 8.84 4.75 -13.70
N LEU A 87 9.88 3.91 -13.63
CA LEU A 87 10.81 3.78 -14.74
C LEU A 87 10.38 2.65 -15.68
N CYS A 88 9.59 2.99 -16.69
CA CYS A 88 9.12 2.02 -17.65
C CYS A 88 10.06 1.94 -18.86
N GLU A 89 11.36 1.86 -18.58
CA GLU A 89 12.35 1.79 -19.64
C GLU A 89 12.89 0.35 -19.78
N THR A 90 12.23 -0.45 -20.61
CA THR A 90 12.64 -1.82 -20.83
C THR A 90 13.76 -1.91 -21.85
N SER A 91 14.07 -0.78 -22.48
CA SER A 91 15.12 -0.72 -23.49
C SER A 91 16.46 -0.40 -22.85
N GLY A 92 17.54 -0.61 -23.61
CA GLY A 92 18.87 -0.34 -23.11
C GLY A 92 19.70 -1.60 -22.93
N PRO A 93 20.98 -1.53 -23.30
CA PRO A 93 21.90 -2.66 -23.20
C PRO A 93 22.24 -3.01 -21.75
N SER A 94 21.76 -2.18 -20.83
CA SER A 94 22.01 -2.39 -19.40
C SER A 94 22.01 -3.88 -19.07
N SER A 95 23.03 -4.33 -18.35
CA SER A 95 23.15 -5.73 -17.96
C SER A 95 23.61 -5.85 -16.52
N GLY A 96 22.83 -6.57 -15.72
CA GLY A 96 23.17 -6.76 -14.31
C GLY A 96 24.36 -7.68 -14.13
N GLY A 1 22.73 5.47 -6.05
CA GLY A 1 21.77 4.81 -5.19
C GLY A 1 21.31 5.69 -4.05
N SER A 2 20.01 5.70 -3.79
CA SER A 2 19.44 6.52 -2.72
C SER A 2 19.39 5.74 -1.41
N SER A 3 18.88 4.51 -1.49
CA SER A 3 18.76 3.66 -0.31
C SER A 3 20.12 3.48 0.37
N GLY A 4 20.14 3.67 1.69
CA GLY A 4 21.39 3.53 2.43
C GLY A 4 21.20 3.77 3.91
N SER A 5 20.61 2.80 4.59
CA SER A 5 20.36 2.91 6.03
C SER A 5 20.34 1.52 6.68
N SER A 6 20.38 1.50 8.01
CA SER A 6 20.36 0.26 8.75
C SER A 6 18.92 -0.23 8.97
N GLY A 7 18.11 -0.14 7.92
CA GLY A 7 16.73 -0.57 8.01
C GLY A 7 16.15 -0.92 6.67
N CYS A 8 15.67 -2.16 6.53
CA CYS A 8 15.09 -2.63 5.27
C CYS A 8 13.56 -2.67 5.38
N HIS A 9 12.99 -1.64 6.00
CA HIS A 9 11.55 -1.55 6.17
C HIS A 9 10.84 -1.74 4.82
N THR A 10 9.55 -2.09 4.88
CA THR A 10 8.77 -2.30 3.68
C THR A 10 7.48 -1.48 3.70
N LEU A 11 7.44 -0.44 2.89
CA LEU A 11 6.27 0.43 2.83
C LEU A 11 5.31 -0.03 1.73
N LEU A 12 4.03 0.25 1.92
CA LEU A 12 3.01 -0.14 0.94
C LEU A 12 2.36 1.08 0.32
N TYR A 13 1.78 0.91 -0.86
CA TYR A 13 1.12 2.00 -1.57
C TYR A 13 -0.32 1.65 -1.89
N VAL A 14 -1.25 2.34 -1.23
CA VAL A 14 -2.68 2.10 -1.44
C VAL A 14 -3.25 3.08 -2.46
N TYR A 15 -4.22 2.61 -3.23
CA TYR A 15 -4.85 3.44 -4.26
C TYR A 15 -6.36 3.19 -4.31
N ASN A 16 -7.06 4.00 -5.09
CA ASN A 16 -8.51 3.87 -5.23
C ASN A 16 -9.20 4.08 -3.89
N LEU A 17 -8.87 5.19 -3.24
CA LEU A 17 -9.47 5.51 -1.93
C LEU A 17 -10.67 6.43 -2.10
N PRO A 18 -11.63 6.33 -1.17
CA PRO A 18 -12.84 7.15 -1.18
C PRO A 18 -12.55 8.61 -0.88
N ALA A 19 -12.23 9.38 -1.91
CA ALA A 19 -11.94 10.80 -1.75
C ALA A 19 -13.03 11.50 -0.94
N ASN A 20 -14.28 11.17 -1.24
CA ASN A 20 -15.41 11.77 -0.54
C ASN A 20 -15.31 11.53 0.97
N LYS A 21 -14.96 10.30 1.35
CA LYS A 21 -14.82 9.94 2.74
C LYS A 21 -13.72 10.77 3.42
N ASP A 22 -14.13 11.65 4.32
CA ASP A 22 -13.17 12.50 5.04
C ASP A 22 -11.94 11.71 5.44
N GLY A 23 -10.77 12.17 4.99
CA GLY A 23 -9.53 11.49 5.31
C GLY A 23 -9.53 10.94 6.72
N LYS A 24 -9.93 11.76 7.68
CA LYS A 24 -9.97 11.34 9.08
C LYS A 24 -10.55 9.93 9.20
N SER A 25 -11.72 9.72 8.61
CA SER A 25 -12.39 8.42 8.66
C SER A 25 -11.59 7.38 7.88
N VAL A 26 -11.25 7.72 6.63
CA VAL A 26 -10.50 6.80 5.78
C VAL A 26 -9.32 6.19 6.53
N SER A 27 -8.36 7.04 6.91
CA SER A 27 -7.18 6.59 7.63
C SER A 27 -7.55 5.57 8.70
N ASN A 28 -8.27 6.02 9.73
CA ASN A 28 -8.68 5.15 10.81
C ASN A 28 -9.02 3.76 10.29
N ARG A 29 -9.93 3.69 9.32
CA ARG A 29 -10.34 2.42 8.74
C ARG A 29 -9.12 1.59 8.33
N LEU A 30 -8.15 2.25 7.72
CA LEU A 30 -6.93 1.57 7.28
C LEU A 30 -6.07 1.18 8.47
N ARG A 31 -5.91 2.11 9.41
CA ARG A 31 -5.10 1.86 10.60
C ARG A 31 -5.34 0.46 11.13
N ARG A 32 -6.60 0.08 11.27
CA ARG A 32 -6.97 -1.24 11.77
C ARG A 32 -6.41 -2.34 10.88
N LEU A 33 -6.58 -2.17 9.57
CA LEU A 33 -6.10 -3.14 8.60
C LEU A 33 -4.58 -3.24 8.64
N SER A 34 -3.93 -2.19 9.12
CA SER A 34 -2.48 -2.16 9.22
C SER A 34 -2.02 -2.64 10.59
N ASP A 35 -2.88 -2.46 11.59
CA ASP A 35 -2.56 -2.87 12.96
C ASP A 35 -2.46 -4.38 13.05
N ASN A 36 -3.26 -5.09 12.26
CA ASN A 36 -3.27 -6.55 12.26
C ASN A 36 -2.14 -7.09 11.38
N CYS A 37 -1.77 -6.32 10.36
CA CYS A 37 -0.70 -6.73 9.45
C CYS A 37 0.62 -6.08 9.84
N GLY A 38 0.76 -5.77 11.13
CA GLY A 38 1.98 -5.15 11.60
C GLY A 38 2.46 -4.03 10.71
N GLY A 39 1.77 -2.90 10.76
CA GLY A 39 2.15 -1.76 9.93
C GLY A 39 1.65 -0.45 10.50
N LYS A 40 1.98 0.65 9.82
CA LYS A 40 1.56 1.98 10.25
C LYS A 40 1.36 2.91 9.06
N VAL A 41 0.17 3.51 8.98
CA VAL A 41 -0.15 4.42 7.89
C VAL A 41 0.67 5.70 7.99
N LEU A 42 1.76 5.76 7.23
CA LEU A 42 2.63 6.94 7.22
C LEU A 42 1.85 8.20 6.88
N SER A 43 1.15 8.16 5.75
CA SER A 43 0.36 9.30 5.30
C SER A 43 -0.67 8.88 4.25
N ILE A 44 -1.58 9.78 3.93
CA ILE A 44 -2.62 9.49 2.94
C ILE A 44 -2.83 10.68 2.01
N THR A 45 -2.33 10.56 0.78
CA THR A 45 -2.46 11.63 -0.21
C THR A 45 -3.50 11.26 -1.27
N GLY A 46 -4.31 12.24 -1.65
CA GLY A 46 -5.33 12.01 -2.65
C GLY A 46 -6.00 10.66 -2.49
N CYS A 47 -6.26 9.99 -3.61
CA CYS A 47 -6.91 8.69 -3.59
C CYS A 47 -5.90 7.58 -3.34
N SER A 48 -4.76 7.94 -2.75
CA SER A 48 -3.70 6.98 -2.46
C SER A 48 -3.21 7.11 -1.02
N ALA A 49 -2.46 6.12 -0.56
CA ALA A 49 -1.92 6.13 0.80
C ALA A 49 -0.61 5.37 0.87
N ILE A 50 0.15 5.61 1.94
CA ILE A 50 1.43 4.94 2.13
C ILE A 50 1.56 4.38 3.55
N LEU A 51 1.85 3.10 3.64
CA LEU A 51 2.00 2.44 4.94
C LEU A 51 3.44 2.00 5.17
N ARG A 52 3.79 1.77 6.42
CA ARG A 52 5.14 1.35 6.78
C ARG A 52 5.11 0.04 7.56
N PHE A 53 5.85 -0.96 7.06
CA PHE A 53 5.91 -2.27 7.70
C PHE A 53 7.34 -2.60 8.10
N ILE A 54 7.47 -3.50 9.09
CA ILE A 54 8.80 -3.90 9.56
C ILE A 54 9.55 -4.69 8.49
N ASN A 55 8.87 -5.65 7.87
CA ASN A 55 9.47 -6.47 6.83
C ASN A 55 8.47 -6.75 5.72
N GLN A 56 8.95 -7.40 4.65
CA GLN A 56 8.09 -7.73 3.52
C GLN A 56 6.86 -8.52 3.98
N ASP A 57 7.10 -9.71 4.51
CA ASP A 57 6.02 -10.56 4.99
C ASP A 57 4.88 -9.71 5.56
N SER A 58 5.14 -9.07 6.69
CA SER A 58 4.14 -8.23 7.34
C SER A 58 3.42 -7.34 6.33
N ALA A 59 4.19 -6.76 5.41
CA ALA A 59 3.63 -5.89 4.38
C ALA A 59 2.71 -6.67 3.45
N GLU A 60 3.13 -7.88 3.08
CA GLU A 60 2.35 -8.72 2.18
C GLU A 60 0.92 -8.89 2.71
N ARG A 61 0.80 -9.59 3.84
CA ARG A 61 -0.51 -9.82 4.45
C ARG A 61 -1.42 -8.61 4.27
N ALA A 62 -0.85 -7.42 4.42
CA ALA A 62 -1.61 -6.18 4.28
C ALA A 62 -1.88 -5.88 2.80
N GLN A 63 -0.86 -6.08 1.97
CA GLN A 63 -0.99 -5.81 0.54
C GLN A 63 -2.04 -6.73 -0.09
N LYS A 64 -2.14 -7.95 0.42
CA LYS A 64 -3.10 -8.92 -0.09
C LYS A 64 -4.45 -8.76 0.62
N ARG A 65 -4.42 -8.24 1.83
CA ARG A 65 -5.63 -8.05 2.61
C ARG A 65 -6.43 -6.85 2.08
N MET A 66 -5.80 -5.68 2.09
CA MET A 66 -6.44 -4.46 1.62
C MET A 66 -6.92 -4.63 0.17
N GLU A 67 -6.01 -5.01 -0.70
CA GLU A 67 -6.33 -5.20 -2.12
C GLU A 67 -7.70 -5.84 -2.27
N ASN A 68 -8.07 -6.68 -1.30
CA ASN A 68 -9.36 -7.36 -1.33
C ASN A 68 -10.35 -6.68 -0.40
N GLU A 69 -9.83 -5.96 0.59
CA GLU A 69 -10.68 -5.26 1.55
C GLU A 69 -11.45 -4.13 0.87
N ASP A 70 -12.36 -3.51 1.61
CA ASP A 70 -13.17 -2.42 1.09
C ASP A 70 -13.23 -1.26 2.07
N VAL A 71 -12.26 -0.35 1.97
CA VAL A 71 -12.20 0.80 2.86
C VAL A 71 -13.60 1.33 3.17
N PHE A 72 -14.38 1.56 2.13
CA PHE A 72 -15.74 2.07 2.28
C PHE A 72 -16.53 1.93 0.98
N GLY A 73 -17.44 0.95 0.95
CA GLY A 73 -18.24 0.73 -0.24
C GLY A 73 -17.42 0.84 -1.52
N ASN A 74 -16.12 0.58 -1.41
CA ASN A 74 -15.23 0.65 -2.57
C ASN A 74 -13.96 -0.14 -2.32
N ARG A 75 -13.60 -0.99 -3.28
CA ARG A 75 -12.39 -1.81 -3.16
C ARG A 75 -11.14 -0.97 -3.38
N ILE A 76 -10.14 -1.16 -2.53
CA ILE A 76 -8.88 -0.42 -2.63
C ILE A 76 -7.77 -1.31 -3.20
N ILE A 77 -6.79 -0.67 -3.81
CA ILE A 77 -5.66 -1.40 -4.39
C ILE A 77 -4.38 -1.15 -3.60
N VAL A 78 -3.54 -2.18 -3.50
CA VAL A 78 -2.29 -2.08 -2.77
C VAL A 78 -1.13 -2.62 -3.61
N SER A 79 -0.10 -1.80 -3.77
CA SER A 79 1.08 -2.19 -4.54
C SER A 79 2.36 -1.78 -3.83
N PHE A 80 3.42 -2.55 -4.05
CA PHE A 80 4.71 -2.27 -3.42
C PHE A 80 5.45 -1.16 -4.18
N THR A 81 5.10 -0.99 -5.45
CA THR A 81 5.73 0.04 -6.27
C THR A 81 4.75 1.17 -6.59
N PRO A 82 5.31 2.36 -6.89
CA PRO A 82 4.51 3.54 -7.21
C PRO A 82 3.79 3.41 -8.55
N LYS A 83 2.72 4.16 -8.72
CA LYS A 83 1.95 4.14 -9.96
C LYS A 83 2.45 5.22 -10.93
N ASN A 84 3.74 5.19 -11.23
CA ASN A 84 4.35 6.15 -12.14
C ASN A 84 5.23 5.45 -13.16
N ARG A 85 6.02 4.48 -12.69
CA ARG A 85 6.92 3.74 -13.57
C ARG A 85 7.13 2.33 -13.05
N GLU A 86 6.70 1.34 -13.82
CA GLU A 86 6.85 -0.06 -13.44
C GLU A 86 6.46 -0.98 -14.58
N LEU A 87 7.03 -2.18 -14.59
CA LEU A 87 6.74 -3.16 -15.63
C LEU A 87 5.63 -4.11 -15.20
N CYS A 88 4.81 -4.54 -16.15
CA CYS A 88 3.72 -5.45 -15.87
C CYS A 88 4.22 -6.74 -15.24
N GLU A 89 3.77 -7.01 -14.01
CA GLU A 89 4.18 -8.22 -13.29
C GLU A 89 3.05 -9.24 -13.25
N THR A 90 2.01 -8.92 -12.48
CA THR A 90 0.86 -9.81 -12.35
C THR A 90 1.30 -11.26 -12.25
N SER A 91 2.26 -11.53 -11.37
CA SER A 91 2.78 -12.88 -11.18
C SER A 91 2.44 -13.39 -9.77
N GLY A 92 2.22 -14.69 -9.67
CA GLY A 92 1.90 -15.29 -8.39
C GLY A 92 3.08 -16.02 -7.77
N PRO A 93 3.80 -15.32 -6.88
CA PRO A 93 4.97 -15.89 -6.19
C PRO A 93 4.58 -16.97 -5.19
N SER A 94 5.56 -17.80 -4.83
CA SER A 94 5.32 -18.88 -3.88
C SER A 94 5.91 -18.55 -2.51
N SER A 95 5.46 -19.26 -1.48
CA SER A 95 5.93 -19.04 -0.13
C SER A 95 5.36 -20.08 0.83
N GLY A 96 6.24 -20.74 1.57
CA GLY A 96 5.80 -21.75 2.52
C GLY A 96 4.81 -22.72 1.90
N GLY A 1 21.37 -12.16 -4.75
CA GLY A 1 21.07 -13.03 -3.62
C GLY A 1 20.33 -12.30 -2.52
N SER A 2 20.49 -12.78 -1.29
CA SER A 2 19.84 -12.18 -0.14
C SER A 2 20.84 -11.44 0.73
N SER A 3 20.86 -10.11 0.62
CA SER A 3 21.77 -9.28 1.39
C SER A 3 21.07 -8.68 2.61
N GLY A 4 20.26 -9.51 3.28
CA GLY A 4 19.54 -9.04 4.45
C GLY A 4 18.04 -9.01 4.24
N SER A 5 17.31 -9.73 5.08
CA SER A 5 15.85 -9.79 4.99
C SER A 5 15.20 -8.99 6.11
N SER A 6 15.51 -9.37 7.34
CA SER A 6 14.95 -8.70 8.52
C SER A 6 15.73 -7.43 8.84
N GLY A 7 15.23 -6.30 8.37
CA GLY A 7 15.89 -5.03 8.62
C GLY A 7 15.31 -3.90 7.81
N CYS A 8 15.30 -4.07 6.49
CA CYS A 8 14.77 -3.05 5.59
C CYS A 8 13.24 -3.01 5.65
N HIS A 9 12.71 -1.86 6.06
CA HIS A 9 11.27 -1.69 6.17
C HIS A 9 10.61 -1.78 4.79
N THR A 10 9.37 -2.28 4.77
CA THR A 10 8.63 -2.41 3.52
C THR A 10 7.35 -1.59 3.55
N LEU A 11 7.37 -0.47 2.84
CA LEU A 11 6.20 0.42 2.79
C LEU A 11 5.24 -0.03 1.69
N LEU A 12 3.95 0.18 1.93
CA LEU A 12 2.92 -0.21 0.96
C LEU A 12 2.28 1.03 0.34
N TYR A 13 1.80 0.88 -0.89
CA TYR A 13 1.17 1.99 -1.60
C TYR A 13 -0.28 1.65 -1.95
N VAL A 14 -1.21 2.40 -1.35
CA VAL A 14 -2.63 2.19 -1.60
C VAL A 14 -3.18 3.20 -2.59
N TYR A 15 -4.15 2.78 -3.40
CA TYR A 15 -4.76 3.66 -4.39
C TYR A 15 -6.27 3.43 -4.47
N ASN A 16 -6.95 4.28 -5.21
CA ASN A 16 -8.40 4.18 -5.37
C ASN A 16 -9.10 4.30 -4.02
N LEU A 17 -8.78 5.35 -3.29
CA LEU A 17 -9.38 5.59 -1.98
C LEU A 17 -10.66 6.42 -2.11
N PRO A 18 -11.57 6.25 -1.14
CA PRO A 18 -12.85 6.98 -1.11
C PRO A 18 -12.66 8.47 -0.84
N ALA A 19 -12.39 9.23 -1.90
CA ALA A 19 -12.20 10.67 -1.76
C ALA A 19 -13.33 11.31 -0.97
N ASN A 20 -14.56 11.09 -1.42
CA ASN A 20 -15.73 11.64 -0.75
C ASN A 20 -15.65 11.42 0.76
N LYS A 21 -15.29 10.20 1.15
CA LYS A 21 -15.17 9.87 2.57
C LYS A 21 -14.06 10.67 3.22
N ASP A 22 -14.44 11.59 4.09
CA ASP A 22 -13.47 12.43 4.80
C ASP A 22 -12.22 11.64 5.13
N GLY A 23 -11.07 12.14 4.70
CA GLY A 23 -9.81 11.47 4.96
C GLY A 23 -9.72 10.94 6.39
N LYS A 24 -9.89 11.83 7.36
CA LYS A 24 -9.84 11.44 8.77
C LYS A 24 -10.47 10.07 8.99
N SER A 25 -11.73 9.94 8.55
CA SER A 25 -12.45 8.69 8.70
C SER A 25 -11.76 7.56 7.93
N VAL A 26 -11.36 7.85 6.70
CA VAL A 26 -10.69 6.87 5.86
C VAL A 26 -9.48 6.28 6.58
N SER A 27 -8.55 7.13 6.96
CA SER A 27 -7.33 6.70 7.65
C SER A 27 -7.66 5.68 8.73
N ASN A 28 -8.34 6.12 9.78
CA ASN A 28 -8.72 5.25 10.89
C ASN A 28 -9.04 3.85 10.37
N ARG A 29 -9.99 3.77 9.45
CA ARG A 29 -10.40 2.49 8.89
C ARG A 29 -9.19 1.66 8.48
N LEU A 30 -8.25 2.30 7.79
CA LEU A 30 -7.04 1.63 7.33
C LEU A 30 -6.14 1.29 8.52
N ARG A 31 -5.91 2.25 9.38
CA ARG A 31 -5.07 2.06 10.56
C ARG A 31 -5.27 0.67 11.14
N ARG A 32 -6.53 0.28 11.35
CA ARG A 32 -6.85 -1.03 11.90
C ARG A 32 -6.30 -2.14 11.01
N LEU A 33 -6.52 -2.01 9.71
CA LEU A 33 -6.04 -3.00 8.74
C LEU A 33 -4.52 -3.08 8.75
N SER A 34 -3.88 -2.03 9.25
CA SER A 34 -2.43 -1.98 9.31
C SER A 34 -1.92 -2.52 10.65
N ASP A 35 -2.62 -2.19 11.72
CA ASP A 35 -2.25 -2.64 13.06
C ASP A 35 -2.24 -4.16 13.13
N ASN A 36 -3.20 -4.78 12.45
CA ASN A 36 -3.31 -6.25 12.44
C ASN A 36 -2.22 -6.87 11.57
N CYS A 37 -1.98 -6.26 10.41
CA CYS A 37 -0.96 -6.76 9.50
C CYS A 37 0.40 -6.18 9.83
N GLY A 38 0.57 -5.73 11.07
CA GLY A 38 1.83 -5.16 11.49
C GLY A 38 2.26 -4.00 10.61
N GLY A 39 1.52 -2.90 10.70
CA GLY A 39 1.85 -1.73 9.90
C GLY A 39 1.31 -0.45 10.49
N LYS A 40 1.64 0.68 9.87
CA LYS A 40 1.18 1.97 10.34
C LYS A 40 1.05 2.96 9.19
N VAL A 41 -0.18 3.42 8.94
CA VAL A 41 -0.44 4.37 7.87
C VAL A 41 0.39 5.63 8.04
N LEU A 42 1.56 5.65 7.41
CA LEU A 42 2.45 6.81 7.49
C LEU A 42 1.71 8.09 7.14
N SER A 43 1.08 8.10 5.97
CA SER A 43 0.33 9.28 5.52
C SER A 43 -0.67 8.89 4.44
N ILE A 44 -1.54 9.83 4.08
CA ILE A 44 -2.56 9.60 3.07
C ILE A 44 -2.65 10.78 2.10
N THR A 45 -2.16 10.58 0.88
CA THR A 45 -2.19 11.62 -0.13
C THR A 45 -3.27 11.35 -1.17
N GLY A 46 -4.16 12.32 -1.36
CA GLY A 46 -5.23 12.16 -2.33
C GLY A 46 -5.92 10.81 -2.22
N CYS A 47 -6.16 10.18 -3.36
CA CYS A 47 -6.81 8.88 -3.39
C CYS A 47 -5.80 7.76 -3.17
N SER A 48 -4.66 8.10 -2.58
CA SER A 48 -3.61 7.12 -2.33
C SER A 48 -3.12 7.21 -0.89
N ALA A 49 -2.34 6.22 -0.47
CA ALA A 49 -1.80 6.19 0.89
C ALA A 49 -0.48 5.43 0.93
N ILE A 50 0.25 5.60 2.04
CA ILE A 50 1.53 4.94 2.21
C ILE A 50 1.67 4.37 3.61
N LEU A 51 1.76 3.05 3.69
CA LEU A 51 1.89 2.37 4.99
C LEU A 51 3.34 1.92 5.21
N ARG A 52 3.69 1.69 6.47
CA ARG A 52 5.03 1.25 6.82
C ARG A 52 4.99 -0.09 7.56
N PHE A 53 5.71 -1.07 7.02
CA PHE A 53 5.76 -2.40 7.63
C PHE A 53 7.19 -2.77 8.00
N ILE A 54 7.32 -3.65 9.00
CA ILE A 54 8.63 -4.08 9.45
C ILE A 54 9.45 -4.67 8.31
N ASN A 55 8.87 -5.64 7.62
CA ASN A 55 9.54 -6.29 6.48
C ASN A 55 8.54 -6.65 5.39
N GLN A 56 9.06 -7.18 4.29
CA GLN A 56 8.21 -7.57 3.16
C GLN A 56 7.04 -8.42 3.63
N ASP A 57 7.35 -9.61 4.14
CA ASP A 57 6.32 -10.53 4.62
C ASP A 57 5.16 -9.76 5.25
N SER A 58 5.41 -9.16 6.41
CA SER A 58 4.39 -8.39 7.11
C SER A 58 3.57 -7.54 6.14
N ALA A 59 4.28 -6.82 5.27
CA ALA A 59 3.62 -5.97 4.28
C ALA A 59 2.70 -6.79 3.37
N GLU A 60 3.21 -7.93 2.91
CA GLU A 60 2.43 -8.81 2.04
C GLU A 60 1.07 -9.13 2.65
N ARG A 61 1.09 -9.80 3.79
CA ARG A 61 -0.14 -10.17 4.48
C ARG A 61 -1.14 -9.02 4.47
N ALA A 62 -0.62 -7.81 4.40
CA ALA A 62 -1.47 -6.61 4.38
C ALA A 62 -1.82 -6.21 2.95
N GLN A 63 -0.88 -6.43 2.03
CA GLN A 63 -1.10 -6.09 0.63
C GLN A 63 -2.01 -7.10 -0.04
N LYS A 64 -2.09 -8.29 0.54
CA LYS A 64 -2.93 -9.36 0.00
C LYS A 64 -4.33 -9.30 0.60
N ARG A 65 -4.45 -8.65 1.76
CA ARG A 65 -5.73 -8.53 2.43
C ARG A 65 -6.43 -7.23 2.04
N MET A 66 -5.65 -6.17 1.89
CA MET A 66 -6.18 -4.87 1.51
C MET A 66 -6.69 -4.88 0.08
N GLU A 67 -5.91 -5.47 -0.82
CA GLU A 67 -6.28 -5.54 -2.23
C GLU A 67 -7.75 -5.94 -2.38
N ASN A 68 -8.21 -6.84 -1.50
CA ASN A 68 -9.59 -7.30 -1.55
C ASN A 68 -10.43 -6.57 -0.51
N GLU A 69 -9.77 -5.92 0.44
CA GLU A 69 -10.46 -5.19 1.49
C GLU A 69 -11.24 -4.00 0.91
N ASP A 70 -12.05 -3.36 1.74
CA ASP A 70 -12.84 -2.22 1.32
C ASP A 70 -12.96 -1.19 2.44
N VAL A 71 -12.36 -0.02 2.23
CA VAL A 71 -12.39 1.05 3.21
C VAL A 71 -13.82 1.56 3.41
N PHE A 72 -14.50 1.84 2.30
CA PHE A 72 -15.87 2.35 2.37
C PHE A 72 -16.52 2.30 0.98
N GLY A 73 -17.53 1.45 0.83
CA GLY A 73 -18.22 1.33 -0.44
C GLY A 73 -17.29 1.52 -1.62
N ASN A 74 -16.04 1.07 -1.47
CA ASN A 74 -15.06 1.20 -2.54
C ASN A 74 -13.84 0.30 -2.26
N ARG A 75 -13.38 -0.39 -3.29
CA ARG A 75 -12.23 -1.27 -3.16
C ARG A 75 -10.93 -0.51 -3.35
N ILE A 76 -9.94 -0.82 -2.52
CA ILE A 76 -8.64 -0.16 -2.60
C ILE A 76 -7.60 -1.05 -3.29
N ILE A 77 -6.58 -0.43 -3.86
CA ILE A 77 -5.53 -1.16 -4.55
C ILE A 77 -4.18 -0.99 -3.84
N VAL A 78 -3.65 -2.09 -3.32
CA VAL A 78 -2.37 -2.06 -2.62
C VAL A 78 -1.25 -2.59 -3.51
N SER A 79 -0.18 -1.81 -3.63
CA SER A 79 0.96 -2.22 -4.45
C SER A 79 2.27 -1.83 -3.78
N PHE A 80 3.32 -2.61 -4.04
CA PHE A 80 4.63 -2.35 -3.46
C PHE A 80 5.37 -1.28 -4.23
N THR A 81 5.02 -1.11 -5.51
CA THR A 81 5.64 -0.12 -6.36
C THR A 81 4.72 1.08 -6.58
N PRO A 82 5.32 2.22 -6.96
CA PRO A 82 4.57 3.46 -7.20
C PRO A 82 3.71 3.37 -8.46
N LYS A 83 2.53 3.99 -8.42
CA LYS A 83 1.61 3.98 -9.55
C LYS A 83 1.62 5.33 -10.26
N ASN A 84 2.81 5.89 -10.46
CA ASN A 84 2.94 7.18 -11.13
C ASN A 84 2.95 7.01 -12.64
N ARG A 85 2.01 6.23 -13.15
CA ARG A 85 1.90 5.99 -14.58
C ARG A 85 3.21 5.42 -15.13
N GLU A 86 3.73 4.40 -14.46
CA GLU A 86 4.97 3.76 -14.88
C GLU A 86 5.24 2.49 -14.09
N LEU A 87 5.90 1.53 -14.71
CA LEU A 87 6.21 0.26 -14.07
C LEU A 87 7.68 -0.08 -14.23
N CYS A 88 8.15 -0.12 -15.46
CA CYS A 88 9.55 -0.42 -15.75
C CYS A 88 10.08 -1.46 -14.77
N GLU A 89 9.29 -2.51 -14.54
CA GLU A 89 9.69 -3.58 -13.63
C GLU A 89 11.13 -4.00 -13.89
N THR A 90 11.79 -4.50 -12.85
CA THR A 90 13.18 -4.96 -12.96
C THR A 90 13.30 -6.09 -13.98
N SER A 91 13.51 -5.72 -15.23
CA SER A 91 13.65 -6.70 -16.31
C SER A 91 14.31 -6.09 -17.53
N GLY A 92 15.09 -6.90 -18.26
CA GLY A 92 15.76 -6.41 -19.44
C GLY A 92 17.14 -7.04 -19.62
N PRO A 93 17.17 -8.23 -20.21
CA PRO A 93 18.42 -8.96 -20.45
C PRO A 93 19.28 -8.29 -21.52
N SER A 94 20.60 -8.47 -21.41
CA SER A 94 21.53 -7.88 -22.36
C SER A 94 22.43 -8.95 -22.96
N SER A 95 22.76 -8.80 -24.24
CA SER A 95 23.62 -9.75 -24.93
C SER A 95 24.94 -9.10 -25.34
N GLY A 96 25.86 -9.91 -25.84
CA GLY A 96 27.15 -9.40 -26.27
C GLY A 96 28.26 -9.75 -25.30
#